data_3T90
# 
_entry.id   3T90 
# 
_audit_conform.dict_name       mmcif_pdbx.dic 
_audit_conform.dict_version    5.379 
_audit_conform.dict_location   http://mmcif.pdb.org/dictionaries/ascii/mmcif_pdbx.dic 
# 
loop_
_database_2.database_id 
_database_2.database_code 
_database_2.pdbx_database_accession 
_database_2.pdbx_DOI 
PDB   3T90         pdb_00003t90 10.2210/pdb3t90/pdb 
RCSB  RCSB067188   ?            ?                   
WWPDB D_1000067188 ?            ?                   
# 
_pdbx_database_status.status_code                     REL 
_pdbx_database_status.entry_id                        3T90 
_pdbx_database_status.recvd_initial_deposition_date   2011-08-02 
_pdbx_database_status.deposit_site                    RCSB 
_pdbx_database_status.process_site                    RCSB 
_pdbx_database_status.status_code_sf                  REL 
_pdbx_database_status.status_code_mr                  ? 
_pdbx_database_status.SG_entry                        ? 
_pdbx_database_status.status_code_cs                  ? 
_pdbx_database_status.pdb_format_compatible           Y 
_pdbx_database_status.status_code_nmr_data            ? 
_pdbx_database_status.methods_development_category    ? 
# 
loop_
_audit_author.name 
_audit_author.pdbx_ordinal 
'Grishkovskaya, I.' 1 
'Herter, T.'        2 
'Riegler, H.'       3 
'Usadel, B.'        4 
# 
_citation.id                        primary 
_citation.title                     
'Crystal structure and functional characterization of a glucosamine-6-phosphate N-acetyltransferase from Arabidopsis thaliana.' 
_citation.journal_abbrev            Biochem.J. 
_citation.journal_volume            443 
_citation.page_first                427 
_citation.page_last                 437 
_citation.year                      2012 
_citation.journal_id_ASTM           BIJOAK 
_citation.country                   UK 
_citation.journal_id_ISSN           0264-6021 
_citation.journal_id_CSD            0043 
_citation.book_publisher            ? 
_citation.pdbx_database_id_PubMed   22329777 
_citation.pdbx_database_id_DOI      10.1042/BJ20112071 
# 
loop_
_citation_author.citation_id 
_citation_author.name 
_citation_author.ordinal 
_citation_author.identifier_ORCID 
primary 'Riegler, H.'       1 ? 
primary 'Herter, T.'        2 ? 
primary 'Grishkovskaya, I.' 3 ? 
primary 'Lude, A.'          4 ? 
primary 'Ryngajllo, M.'     5 ? 
primary 'Bolger, M.E.'      6 ? 
primary 'Essigmann, B.'     7 ? 
primary 'Usadel, B.'        8 ? 
# 
_cell.entry_id           3T90 
_cell.length_a           68.520 
_cell.length_b           47.174 
_cell.length_c           42.223 
_cell.angle_alpha        90.00 
_cell.angle_beta         100.74 
_cell.angle_gamma        90.00 
_cell.Z_PDB              4 
_cell.pdbx_unique_axis   ? 
_cell.length_a_esd       ? 
_cell.length_b_esd       ? 
_cell.length_c_esd       ? 
_cell.angle_alpha_esd    ? 
_cell.angle_beta_esd     ? 
_cell.angle_gamma_esd    ? 
# 
_symmetry.entry_id                         3T90 
_symmetry.space_group_name_H-M             'C 1 2 1' 
_symmetry.pdbx_full_space_group_name_H-M   ? 
_symmetry.cell_setting                     ? 
_symmetry.Int_Tables_number                5 
_symmetry.space_group_name_Hall            ? 
# 
loop_
_entity.id 
_entity.type 
_entity.src_method 
_entity.pdbx_description 
_entity.formula_weight 
_entity.pdbx_number_of_molecules 
_entity.pdbx_ec 
_entity.pdbx_mutation 
_entity.pdbx_fragment 
_entity.details 
1 polymer     man 'Glucose-6-phosphate acetyltransferase 1'             17055.754 1   ? ? ? ? 
2 non-polymer syn '4-(2-HYDROXYETHYL)-1-PIPERAZINE ETHANESULFONIC ACID' 238.305   1   ? ? ? ? 
3 non-polymer syn 'SODIUM ION'                                          22.990    1   ? ? ? ? 
4 water       nat water                                                 18.015    167 ? ? ? ? 
# 
_entity_name_com.entity_id   1 
_entity_name_com.name        'Acetyltransferase-like protein' 
# 
_entity_poly.entity_id                      1 
_entity_poly.type                           'polypeptide(L)' 
_entity_poly.nstd_linkage                   no 
_entity_poly.nstd_monomer                   no 
_entity_poly.pdbx_seq_one_letter_code       
;MAETFKIRKLEISDKRKGFIELLGQLTVTGSVTDEEFDRRFEEIRSYGDDHVICVIEEETSGKIAATGSVMIEKKFLRNC
GKAGHIEDVVVDSRFRGKQLGKKVVEFLMDHCKSMGCYKVILDCSVENKVFYEKCGMSNKSIQMSKYFD
;
_entity_poly.pdbx_seq_one_letter_code_can   
;MAETFKIRKLEISDKRKGFIELLGQLTVTGSVTDEEFDRRFEEIRSYGDDHVICVIEEETSGKIAATGSVMIEKKFLRNC
GKAGHIEDVVVDSRFRGKQLGKKVVEFLMDHCKSMGCYKVILDCSVENKVFYEKCGMSNKSIQMSKYFD
;
_entity_poly.pdbx_strand_id                 A 
_entity_poly.pdbx_target_identifier         ? 
# 
loop_
_entity_poly_seq.entity_id 
_entity_poly_seq.num 
_entity_poly_seq.mon_id 
_entity_poly_seq.hetero 
1 1   MET n 
1 2   ALA n 
1 3   GLU n 
1 4   THR n 
1 5   PHE n 
1 6   LYS n 
1 7   ILE n 
1 8   ARG n 
1 9   LYS n 
1 10  LEU n 
1 11  GLU n 
1 12  ILE n 
1 13  SER n 
1 14  ASP n 
1 15  LYS n 
1 16  ARG n 
1 17  LYS n 
1 18  GLY n 
1 19  PHE n 
1 20  ILE n 
1 21  GLU n 
1 22  LEU n 
1 23  LEU n 
1 24  GLY n 
1 25  GLN n 
1 26  LEU n 
1 27  THR n 
1 28  VAL n 
1 29  THR n 
1 30  GLY n 
1 31  SER n 
1 32  VAL n 
1 33  THR n 
1 34  ASP n 
1 35  GLU n 
1 36  GLU n 
1 37  PHE n 
1 38  ASP n 
1 39  ARG n 
1 40  ARG n 
1 41  PHE n 
1 42  GLU n 
1 43  GLU n 
1 44  ILE n 
1 45  ARG n 
1 46  SER n 
1 47  TYR n 
1 48  GLY n 
1 49  ASP n 
1 50  ASP n 
1 51  HIS n 
1 52  VAL n 
1 53  ILE n 
1 54  CYS n 
1 55  VAL n 
1 56  ILE n 
1 57  GLU n 
1 58  GLU n 
1 59  GLU n 
1 60  THR n 
1 61  SER n 
1 62  GLY n 
1 63  LYS n 
1 64  ILE n 
1 65  ALA n 
1 66  ALA n 
1 67  THR n 
1 68  GLY n 
1 69  SER n 
1 70  VAL n 
1 71  MET n 
1 72  ILE n 
1 73  GLU n 
1 74  LYS n 
1 75  LYS n 
1 76  PHE n 
1 77  LEU n 
1 78  ARG n 
1 79  ASN n 
1 80  CYS n 
1 81  GLY n 
1 82  LYS n 
1 83  ALA n 
1 84  GLY n 
1 85  HIS n 
1 86  ILE n 
1 87  GLU n 
1 88  ASP n 
1 89  VAL n 
1 90  VAL n 
1 91  VAL n 
1 92  ASP n 
1 93  SER n 
1 94  ARG n 
1 95  PHE n 
1 96  ARG n 
1 97  GLY n 
1 98  LYS n 
1 99  GLN n 
1 100 LEU n 
1 101 GLY n 
1 102 LYS n 
1 103 LYS n 
1 104 VAL n 
1 105 VAL n 
1 106 GLU n 
1 107 PHE n 
1 108 LEU n 
1 109 MET n 
1 110 ASP n 
1 111 HIS n 
1 112 CYS n 
1 113 LYS n 
1 114 SER n 
1 115 MET n 
1 116 GLY n 
1 117 CYS n 
1 118 TYR n 
1 119 LYS n 
1 120 VAL n 
1 121 ILE n 
1 122 LEU n 
1 123 ASP n 
1 124 CYS n 
1 125 SER n 
1 126 VAL n 
1 127 GLU n 
1 128 ASN n 
1 129 LYS n 
1 130 VAL n 
1 131 PHE n 
1 132 TYR n 
1 133 GLU n 
1 134 LYS n 
1 135 CYS n 
1 136 GLY n 
1 137 MET n 
1 138 SER n 
1 139 ASN n 
1 140 LYS n 
1 141 SER n 
1 142 ILE n 
1 143 GLN n 
1 144 MET n 
1 145 SER n 
1 146 LYS n 
1 147 TYR n 
1 148 PHE n 
1 149 ASP n 
# 
_entity_src_gen.entity_id                          1 
_entity_src_gen.pdbx_src_id                        1 
_entity_src_gen.pdbx_alt_source_flag               sample 
_entity_src_gen.pdbx_seq_type                      ? 
_entity_src_gen.pdbx_beg_seq_num                   ? 
_entity_src_gen.pdbx_end_seq_num                   ? 
_entity_src_gen.gene_src_common_name               'mouse-ear cress,thale-cress' 
_entity_src_gen.gene_src_genus                     ? 
_entity_src_gen.pdbx_gene_src_gene                 'F14F8_150, GNA1, At5g15770, AT5G15770' 
_entity_src_gen.gene_src_species                   ? 
_entity_src_gen.gene_src_strain                    ? 
_entity_src_gen.gene_src_tissue                    ? 
_entity_src_gen.gene_src_tissue_fraction           ? 
_entity_src_gen.gene_src_details                   ? 
_entity_src_gen.pdbx_gene_src_fragment             ? 
_entity_src_gen.pdbx_gene_src_scientific_name      'Arabidopsis thaliana' 
_entity_src_gen.pdbx_gene_src_ncbi_taxonomy_id     3702 
_entity_src_gen.pdbx_gene_src_variant              ? 
_entity_src_gen.pdbx_gene_src_cell_line            ? 
_entity_src_gen.pdbx_gene_src_atcc                 ? 
_entity_src_gen.pdbx_gene_src_organ                ? 
_entity_src_gen.pdbx_gene_src_organelle            ? 
_entity_src_gen.pdbx_gene_src_cell                 ? 
_entity_src_gen.pdbx_gene_src_cellular_location    ? 
_entity_src_gen.host_org_common_name               ? 
_entity_src_gen.pdbx_host_org_scientific_name      'Escherichia coli' 
_entity_src_gen.pdbx_host_org_ncbi_taxonomy_id     562 
_entity_src_gen.host_org_genus                     ? 
_entity_src_gen.pdbx_host_org_gene                 ? 
_entity_src_gen.pdbx_host_org_organ                ? 
_entity_src_gen.host_org_species                   ? 
_entity_src_gen.pdbx_host_org_tissue               ? 
_entity_src_gen.pdbx_host_org_tissue_fraction      ? 
_entity_src_gen.pdbx_host_org_strain               ? 
_entity_src_gen.pdbx_host_org_variant              ? 
_entity_src_gen.pdbx_host_org_cell_line            ? 
_entity_src_gen.pdbx_host_org_atcc                 ? 
_entity_src_gen.pdbx_host_org_culture_collection   ? 
_entity_src_gen.pdbx_host_org_cell                 ? 
_entity_src_gen.pdbx_host_org_organelle            ? 
_entity_src_gen.pdbx_host_org_cellular_location    ? 
_entity_src_gen.pdbx_host_org_vector_type          ? 
_entity_src_gen.pdbx_host_org_vector               ? 
_entity_src_gen.host_org_details                   ? 
_entity_src_gen.expression_system_id               ? 
_entity_src_gen.plasmid_name                       ? 
_entity_src_gen.plasmid_details                    ? 
_entity_src_gen.pdbx_description                   ? 
# 
_struct_ref.id                         1 
_struct_ref.db_name                    UNP 
_struct_ref.db_code                    Q9LFU9_ARATH 
_struct_ref.pdbx_db_accession          Q9LFU9 
_struct_ref.entity_id                  1 
_struct_ref.pdbx_seq_one_letter_code   
;MAETFKIRKLEISDKRKGFIELLGQLTVTGSVTDEEFDRRFEEIRSYGDDHVICVIEEETSGKIAATGSVMIEKKFLRNC
GKAGHIEDVVVDSRFRGKQLGKKVVEFLMDHCKSMGCYKVILDCSVENKVFYEKCGMSNKSIQMSKYFD
;
_struct_ref.pdbx_align_begin           1 
_struct_ref.pdbx_db_isoform            ? 
# 
_struct_ref_seq.align_id                      1 
_struct_ref_seq.ref_id                        1 
_struct_ref_seq.pdbx_PDB_id_code              3T90 
_struct_ref_seq.pdbx_strand_id                A 
_struct_ref_seq.seq_align_beg                 1 
_struct_ref_seq.pdbx_seq_align_beg_ins_code   ? 
_struct_ref_seq.seq_align_end                 149 
_struct_ref_seq.pdbx_seq_align_end_ins_code   ? 
_struct_ref_seq.pdbx_db_accession             Q9LFU9 
_struct_ref_seq.db_align_beg                  1 
_struct_ref_seq.pdbx_db_align_beg_ins_code    ? 
_struct_ref_seq.db_align_end                  149 
_struct_ref_seq.pdbx_db_align_end_ins_code    ? 
_struct_ref_seq.pdbx_auth_seq_align_beg       1 
_struct_ref_seq.pdbx_auth_seq_align_end       149 
# 
loop_
_chem_comp.id 
_chem_comp.type 
_chem_comp.mon_nstd_flag 
_chem_comp.name 
_chem_comp.pdbx_synonyms 
_chem_comp.formula 
_chem_comp.formula_weight 
ALA 'L-peptide linking' y ALANINE                                               ?     'C3 H7 N O2'     89.093  
ARG 'L-peptide linking' y ARGININE                                              ?     'C6 H15 N4 O2 1' 175.209 
ASN 'L-peptide linking' y ASPARAGINE                                            ?     'C4 H8 N2 O3'    132.118 
ASP 'L-peptide linking' y 'ASPARTIC ACID'                                       ?     'C4 H7 N O4'     133.103 
CYS 'L-peptide linking' y CYSTEINE                                              ?     'C3 H7 N O2 S'   121.158 
EPE non-polymer         . '4-(2-HYDROXYETHYL)-1-PIPERAZINE ETHANESULFONIC ACID' HEPES 'C8 H18 N2 O4 S' 238.305 
GLN 'L-peptide linking' y GLUTAMINE                                             ?     'C5 H10 N2 O3'   146.144 
GLU 'L-peptide linking' y 'GLUTAMIC ACID'                                       ?     'C5 H9 N O4'     147.129 
GLY 'peptide linking'   y GLYCINE                                               ?     'C2 H5 N O2'     75.067  
HIS 'L-peptide linking' y HISTIDINE                                             ?     'C6 H10 N3 O2 1' 156.162 
HOH non-polymer         . WATER                                                 ?     'H2 O'           18.015  
ILE 'L-peptide linking' y ISOLEUCINE                                            ?     'C6 H13 N O2'    131.173 
LEU 'L-peptide linking' y LEUCINE                                               ?     'C6 H13 N O2'    131.173 
LYS 'L-peptide linking' y LYSINE                                                ?     'C6 H15 N2 O2 1' 147.195 
MET 'L-peptide linking' y METHIONINE                                            ?     'C5 H11 N O2 S'  149.211 
NA  non-polymer         . 'SODIUM ION'                                          ?     'Na 1'           22.990  
PHE 'L-peptide linking' y PHENYLALANINE                                         ?     'C9 H11 N O2'    165.189 
SER 'L-peptide linking' y SERINE                                                ?     'C3 H7 N O3'     105.093 
THR 'L-peptide linking' y THREONINE                                             ?     'C4 H9 N O3'     119.119 
TYR 'L-peptide linking' y TYROSINE                                              ?     'C9 H11 N O3'    181.189 
VAL 'L-peptide linking' y VALINE                                                ?     'C5 H11 N O2'    117.146 
# 
_exptl.entry_id          3T90 
_exptl.method            'X-RAY DIFFRACTION' 
_exptl.crystals_number   1 
# 
_exptl_crystal.id                    1 
_exptl_crystal.density_meas          ? 
_exptl_crystal.density_Matthews      1.97 
_exptl_crystal.density_percent_sol   37.42 
_exptl_crystal.description           ? 
_exptl_crystal.F_000                 ? 
_exptl_crystal.preparation           ? 
# 
_exptl_crystal_grow.crystal_id      1 
_exptl_crystal_grow.method          'VAPOR DIFFUSION, HANGING DROP' 
_exptl_crystal_grow.temp            295 
_exptl_crystal_grow.temp_details    ? 
_exptl_crystal_grow.pH              7.5 
_exptl_crystal_grow.pdbx_details    '30% PEG 1000, 0.1M HEPES pH 7.5, VAPOR DIFFUSION, HANGING DROP, temperature 295K' 
_exptl_crystal_grow.pdbx_pH_range   ? 
# 
_diffrn.id                     1 
_diffrn.ambient_temp           100 
_diffrn.ambient_temp_details   ? 
_diffrn.crystal_id             1 
# 
_diffrn_detector.diffrn_id              1 
_diffrn_detector.detector               CCD 
_diffrn_detector.type                   'RAYONIX MX-225' 
_diffrn_detector.pdbx_collection_date   2009-11-27 
_diffrn_detector.details                ? 
# 
_diffrn_radiation.diffrn_id                        1 
_diffrn_radiation.wavelength_id                    1 
_diffrn_radiation.pdbx_monochromatic_or_laue_m_l   M 
_diffrn_radiation.monochromator                    'Si-111 crystal' 
_diffrn_radiation.pdbx_diffrn_protocol             'SINGLE WAVELENGTH' 
_diffrn_radiation.pdbx_scattering_type             x-ray 
# 
_diffrn_radiation_wavelength.id           1 
_diffrn_radiation_wavelength.wavelength   0.933 
_diffrn_radiation_wavelength.wt           1.0 
# 
_diffrn_source.diffrn_id                   1 
_diffrn_source.source                      SYNCHROTRON 
_diffrn_source.type                        'BESSY BEAMLINE 14.1' 
_diffrn_source.pdbx_synchrotron_site       BESSY 
_diffrn_source.pdbx_synchrotron_beamline   14.1 
_diffrn_source.pdbx_wavelength             ? 
_diffrn_source.pdbx_wavelength_list        0.933 
# 
_reflns.entry_id                     3T90 
_reflns.observed_criterion_sigma_I   0 
_reflns.observed_criterion_sigma_F   0 
_reflns.d_resolution_low             26.9 
_reflns.d_resolution_high            1.5 
_reflns.number_obs                   21167 
_reflns.number_all                   41224 
_reflns.percent_possible_obs         99.7 
_reflns.pdbx_Rmerge_I_obs            ? 
_reflns.pdbx_Rsym_value              0.132 
_reflns.pdbx_netI_over_sigmaI        44.8 
_reflns.B_iso_Wilson_estimate        ? 
_reflns.pdbx_redundancy              3.5 
_reflns.R_free_details               ? 
_reflns.limit_h_max                  ? 
_reflns.limit_h_min                  ? 
_reflns.limit_k_max                  ? 
_reflns.limit_k_min                  ? 
_reflns.limit_l_max                  ? 
_reflns.limit_l_min                  ? 
_reflns.observed_criterion_F_max     ? 
_reflns.observed_criterion_F_min     ? 
_reflns.pdbx_chi_squared             ? 
_reflns.pdbx_scaling_rejects         ? 
_reflns.pdbx_ordinal                 1 
_reflns.pdbx_diffrn_id               1 
# 
_reflns_shell.d_res_high             1.5 
_reflns_shell.d_res_low              1.53 
_reflns_shell.percent_possible_all   100 
_reflns_shell.Rmerge_I_obs           ? 
_reflns_shell.pdbx_Rsym_value        0.266 
_reflns_shell.meanI_over_sigI_obs    14.8 
_reflns_shell.pdbx_redundancy        3.5 
_reflns_shell.percent_possible_obs   ? 
_reflns_shell.number_unique_all      1067 
_reflns_shell.number_measured_all    ? 
_reflns_shell.number_measured_obs    ? 
_reflns_shell.number_unique_obs      ? 
_reflns_shell.pdbx_chi_squared       ? 
_reflns_shell.pdbx_ordinal           1 
_reflns_shell.pdbx_diffrn_id         1 
# 
_refine.entry_id                                 3T90 
_refine.ls_number_reflns_obs                     20070 
_refine.ls_number_reflns_all                     ? 
_refine.pdbx_ls_sigma_I                          ? 
_refine.pdbx_ls_sigma_F                          . 
_refine.pdbx_data_cutoff_high_absF               ? 
_refine.pdbx_data_cutoff_low_absF                ? 
_refine.pdbx_data_cutoff_high_rms_absF           ? 
_refine.ls_d_res_low                             26.88 
_refine.ls_d_res_high                            1.50 
_refine.ls_percent_reflns_obs                    100.00 
_refine.ls_R_factor_obs                          0.16659 
_refine.ls_R_factor_all                          ? 
_refine.ls_R_factor_R_work                       0.16473 
_refine.ls_R_factor_R_free                       0.20111 
_refine.ls_R_factor_R_free_error                 ? 
_refine.ls_R_factor_R_free_error_details         ? 
_refine.ls_percent_reflns_R_free                 5.1 
_refine.ls_number_reflns_R_free                  1087 
_refine.ls_number_parameters                     ? 
_refine.ls_number_restraints                     ? 
_refine.occupancy_min                            ? 
_refine.occupancy_max                            ? 
_refine.correlation_coeff_Fo_to_Fc               0.963 
_refine.correlation_coeff_Fo_to_Fc_free          0.945 
_refine.B_iso_mean                               16.894 
_refine.aniso_B[1][1]                            0.01 
_refine.aniso_B[2][2]                            0.00 
_refine.aniso_B[3][3]                            -0.01 
_refine.aniso_B[1][2]                            0.00 
_refine.aniso_B[1][3]                            -0.00 
_refine.aniso_B[2][3]                            -0.00 
_refine.solvent_model_details                    MASK 
_refine.solvent_model_param_ksol                 ? 
_refine.solvent_model_param_bsol                 ? 
_refine.pdbx_solvent_vdw_probe_radii             1.40 
_refine.pdbx_solvent_ion_probe_radii             0.80 
_refine.pdbx_solvent_shrinkage_radii             0.80 
_refine.pdbx_ls_cross_valid_method               THROUGHOUT 
_refine.details                                  'HYDROGENS HAVE BEEN ADDED IN THE RIDING POSITIONS' 
_refine.pdbx_starting_model                      2VEZ 
_refine.pdbx_method_to_determine_struct          'MOLECULAR REPLACEMENT' 
_refine.pdbx_isotropic_thermal_model             ? 
_refine.pdbx_stereochemistry_target_values       'MAXIMUM LIKELIHOOD' 
_refine.pdbx_stereochem_target_val_spec_case     ? 
_refine.pdbx_R_Free_selection_details            RANDOM 
_refine.pdbx_overall_ESU_R_Free                  0.081 
_refine.overall_SU_ML                            0.049 
_refine.pdbx_overall_phase_error                 ? 
_refine.overall_SU_B                             1.272 
_refine.overall_SU_R_Cruickshank_DPI             ? 
_refine.ls_redundancy_reflns_obs                 ? 
_refine.B_iso_min                                ? 
_refine.B_iso_max                                ? 
_refine.overall_SU_R_free                        ? 
_refine.ls_wR_factor_R_free                      ? 
_refine.ls_wR_factor_R_work                      ? 
_refine.overall_FOM_free_R_set                   ? 
_refine.overall_FOM_work_R_set                   ? 
_refine.pdbx_diffrn_id                           1 
_refine.pdbx_refine_id                           'X-RAY DIFFRACTION' 
_refine.pdbx_overall_ESU_R                       0.078 
_refine.pdbx_TLS_residual_ADP_flag               ? 
_refine.pdbx_overall_SU_R_free_Cruickshank_DPI   ? 
_refine.pdbx_overall_SU_R_Blow_DPI               ? 
_refine.pdbx_overall_SU_R_free_Blow_DPI          ? 
# 
_refine_hist.pdbx_refine_id                   'X-RAY DIFFRACTION' 
_refine_hist.cycle_id                         LAST 
_refine_hist.pdbx_number_atoms_protein        1174 
_refine_hist.pdbx_number_atoms_nucleic_acid   0 
_refine_hist.pdbx_number_atoms_ligand         16 
_refine_hist.number_atoms_solvent             167 
_refine_hist.number_atoms_total               1357 
_refine_hist.d_res_high                       1.50 
_refine_hist.d_res_low                        26.88 
# 
loop_
_refine_ls_restr.type 
_refine_ls_restr.dev_ideal 
_refine_ls_restr.dev_ideal_target 
_refine_ls_restr.weight 
_refine_ls_restr.number 
_refine_ls_restr.pdbx_restraint_function 
_refine_ls_restr.pdbx_refine_id 
r_bond_refined_d             0.026  0.022  ? 1241 ? 'X-RAY DIFFRACTION' 
r_bond_other_d               ?      ?      ? ?    ? 'X-RAY DIFFRACTION' 
r_angle_refined_deg          2.211  1.976  ? 1662 ? 'X-RAY DIFFRACTION' 
r_angle_other_deg            ?      ?      ? ?    ? 'X-RAY DIFFRACTION' 
r_dihedral_angle_1_deg       5.638  5.000  ? 158  ? 'X-RAY DIFFRACTION' 
r_dihedral_angle_2_deg       32.766 24.386 ? 57   ? 'X-RAY DIFFRACTION' 
r_dihedral_angle_3_deg       12.833 15.000 ? 254  ? 'X-RAY DIFFRACTION' 
r_dihedral_angle_4_deg       24.455 15.000 ? 8    ? 'X-RAY DIFFRACTION' 
r_chiral_restr               0.146  0.200  ? 180  ? 'X-RAY DIFFRACTION' 
r_gen_planes_refined         0.012  0.020  ? 901  ? 'X-RAY DIFFRACTION' 
r_gen_planes_other           ?      ?      ? ?    ? 'X-RAY DIFFRACTION' 
r_nbd_refined                ?      ?      ? ?    ? 'X-RAY DIFFRACTION' 
r_nbd_other                  ?      ?      ? ?    ? 'X-RAY DIFFRACTION' 
r_nbtor_refined              ?      ?      ? ?    ? 'X-RAY DIFFRACTION' 
r_nbtor_other                ?      ?      ? ?    ? 'X-RAY DIFFRACTION' 
r_xyhbond_nbd_refined        ?      ?      ? ?    ? 'X-RAY DIFFRACTION' 
r_xyhbond_nbd_other          ?      ?      ? ?    ? 'X-RAY DIFFRACTION' 
r_metal_ion_refined          ?      ?      ? ?    ? 'X-RAY DIFFRACTION' 
r_metal_ion_other            ?      ?      ? ?    ? 'X-RAY DIFFRACTION' 
r_symmetry_vdw_refined       ?      ?      ? ?    ? 'X-RAY DIFFRACTION' 
r_symmetry_vdw_other         ?      ?      ? ?    ? 'X-RAY DIFFRACTION' 
r_symmetry_hbond_refined     ?      ?      ? ?    ? 'X-RAY DIFFRACTION' 
r_symmetry_hbond_other       ?      ?      ? ?    ? 'X-RAY DIFFRACTION' 
r_symmetry_metal_ion_refined ?      ?      ? ?    ? 'X-RAY DIFFRACTION' 
r_symmetry_metal_ion_other   ?      ?      ? ?    ? 'X-RAY DIFFRACTION' 
r_mcbond_it                  1.398  1.500  ? 746  ? 'X-RAY DIFFRACTION' 
r_mcbond_other               ?      ?      ? ?    ? 'X-RAY DIFFRACTION' 
r_mcangle_it                 2.466  2.000  ? 1211 ? 'X-RAY DIFFRACTION' 
r_scbond_it                  3.924  3.000  ? 495  ? 'X-RAY DIFFRACTION' 
r_scangle_it                 6.532  4.500  ? 447  ? 'X-RAY DIFFRACTION' 
r_rigid_bond_restr           ?      ?      ? ?    ? 'X-RAY DIFFRACTION' 
r_sphericity_free            ?      ?      ? ?    ? 'X-RAY DIFFRACTION' 
r_sphericity_bonded          ?      ?      ? ?    ? 'X-RAY DIFFRACTION' 
# 
_refine_ls_shell.pdbx_total_number_of_bins_used   20 
_refine_ls_shell.d_res_high                       1.502 
_refine_ls_shell.d_res_low                        1.541 
_refine_ls_shell.number_reflns_R_work             1446 
_refine_ls_shell.R_factor_R_work                  0.222 
_refine_ls_shell.percent_reflns_obs               100.00 
_refine_ls_shell.R_factor_R_free                  0.245 
_refine_ls_shell.R_factor_R_free_error            ? 
_refine_ls_shell.percent_reflns_R_free            ? 
_refine_ls_shell.number_reflns_R_free             93 
_refine_ls_shell.number_reflns_all                ? 
_refine_ls_shell.R_factor_all                     ? 
_refine_ls_shell.number_reflns_obs                ? 
_refine_ls_shell.redundancy_reflns_obs            ? 
_refine_ls_shell.pdbx_refine_id                   'X-RAY DIFFRACTION' 
# 
_struct.entry_id                  3T90 
_struct.title                     'Crystal structure of glucosamine-6-phosphate N-acetyltransferase from Arabidopsis thaliana' 
_struct.pdbx_model_details        ? 
_struct.pdbx_CASP_flag            ? 
_struct.pdbx_model_type_details   ? 
# 
_struct_keywords.entry_id        3T90 
_struct_keywords.pdbx_keywords   TRANSFERASE 
_struct_keywords.text            'GNAT fold, GlcNAc biosynthesis, alpha/beta protein, acetyltransferase, TRANSFERASE' 
# 
loop_
_struct_asym.id 
_struct_asym.pdbx_blank_PDB_chainid_flag 
_struct_asym.pdbx_modified 
_struct_asym.entity_id 
_struct_asym.details 
A N N 1 ? 
B N N 2 ? 
C N N 3 ? 
D N N 4 ? 
# 
_struct_biol.id        1 
_struct_biol.details   ? 
# 
loop_
_struct_conf.conf_type_id 
_struct_conf.id 
_struct_conf.pdbx_PDB_helix_id 
_struct_conf.beg_label_comp_id 
_struct_conf.beg_label_asym_id 
_struct_conf.beg_label_seq_id 
_struct_conf.pdbx_beg_PDB_ins_code 
_struct_conf.end_label_comp_id 
_struct_conf.end_label_asym_id 
_struct_conf.end_label_seq_id 
_struct_conf.pdbx_end_PDB_ins_code 
_struct_conf.beg_auth_comp_id 
_struct_conf.beg_auth_asym_id 
_struct_conf.beg_auth_seq_id 
_struct_conf.end_auth_comp_id 
_struct_conf.end_auth_asym_id 
_struct_conf.end_auth_seq_id 
_struct_conf.pdbx_PDB_helix_class 
_struct_conf.details 
_struct_conf.pdbx_PDB_helix_length 
HELX_P HELX_P1 1 GLU A 11  ? LYS A 17  ? GLU A 11  LYS A 17  5 ? 7  
HELX_P HELX_P2 2 GLY A 18  ? GLY A 24  ? GLY A 18  GLY A 24  1 ? 7  
HELX_P HELX_P3 3 THR A 33  ? SER A 46  ? THR A 33  SER A 46  1 ? 14 
HELX_P HELX_P4 4 TYR A 47  ? ASP A 49  ? TYR A 47  ASP A 49  5 ? 3  
HELX_P HELX_P5 5 PHE A 76  ? GLY A 81  ? PHE A 76  GLY A 81  1 ? 6  
HELX_P HELX_P6 6 SER A 93  ? ARG A 96  ? SER A 93  ARG A 96  5 ? 4  
HELX_P HELX_P7 7 GLN A 99  ? MET A 115 ? GLN A 99  MET A 115 1 ? 17 
HELX_P HELX_P8 8 SER A 125 ? GLU A 127 ? SER A 125 GLU A 127 5 ? 3  
HELX_P HELX_P9 9 ASN A 128 ? LYS A 134 ? ASN A 128 LYS A 134 1 ? 7  
# 
_struct_conf_type.id          HELX_P 
_struct_conf_type.criteria    ? 
_struct_conf_type.reference   ? 
# 
_struct_conn.id                            metalc1 
_struct_conn.conn_type_id                  metalc 
_struct_conn.pdbx_leaving_atom_flag        ? 
_struct_conn.pdbx_PDB_id                   ? 
_struct_conn.ptnr1_label_asym_id           C 
_struct_conn.ptnr1_label_comp_id           NA 
_struct_conn.ptnr1_label_seq_id            . 
_struct_conn.ptnr1_label_atom_id           NA 
_struct_conn.pdbx_ptnr1_label_alt_id       ? 
_struct_conn.pdbx_ptnr1_PDB_ins_code       ? 
_struct_conn.pdbx_ptnr1_standard_comp_id   ? 
_struct_conn.ptnr1_symmetry                1_555 
_struct_conn.ptnr2_label_asym_id           D 
_struct_conn.ptnr2_label_comp_id           HOH 
_struct_conn.ptnr2_label_seq_id            . 
_struct_conn.ptnr2_label_atom_id           O 
_struct_conn.pdbx_ptnr2_label_alt_id       ? 
_struct_conn.pdbx_ptnr2_PDB_ins_code       ? 
_struct_conn.ptnr1_auth_asym_id            A 
_struct_conn.ptnr1_auth_comp_id            NA 
_struct_conn.ptnr1_auth_seq_id             151 
_struct_conn.ptnr2_auth_asym_id            A 
_struct_conn.ptnr2_auth_comp_id            HOH 
_struct_conn.ptnr2_auth_seq_id             284 
_struct_conn.ptnr2_symmetry                1_555 
_struct_conn.pdbx_ptnr3_label_atom_id      ? 
_struct_conn.pdbx_ptnr3_label_seq_id       ? 
_struct_conn.pdbx_ptnr3_label_comp_id      ? 
_struct_conn.pdbx_ptnr3_label_asym_id      ? 
_struct_conn.pdbx_ptnr3_label_alt_id       ? 
_struct_conn.pdbx_ptnr3_PDB_ins_code       ? 
_struct_conn.details                       ? 
_struct_conn.pdbx_dist_value               2.982 
_struct_conn.pdbx_value_order              ? 
_struct_conn.pdbx_role                     ? 
# 
_struct_conn_type.id          metalc 
_struct_conn_type.criteria    ? 
_struct_conn_type.reference   ? 
# 
_struct_sheet.id               A 
_struct_sheet.type             ? 
_struct_sheet.number_strands   5 
_struct_sheet.details          ? 
# 
loop_
_struct_sheet_order.sheet_id 
_struct_sheet_order.range_id_1 
_struct_sheet_order.range_id_2 
_struct_sheet_order.offset 
_struct_sheet_order.sense 
A 1 2 ? anti-parallel 
A 2 3 ? anti-parallel 
A 3 4 ? anti-parallel 
A 4 5 ? parallel      
# 
loop_
_struct_sheet_range.sheet_id 
_struct_sheet_range.id 
_struct_sheet_range.beg_label_comp_id 
_struct_sheet_range.beg_label_asym_id 
_struct_sheet_range.beg_label_seq_id 
_struct_sheet_range.pdbx_beg_PDB_ins_code 
_struct_sheet_range.end_label_comp_id 
_struct_sheet_range.end_label_asym_id 
_struct_sheet_range.end_label_seq_id 
_struct_sheet_range.pdbx_end_PDB_ins_code 
_struct_sheet_range.beg_auth_comp_id 
_struct_sheet_range.beg_auth_asym_id 
_struct_sheet_range.beg_auth_seq_id 
_struct_sheet_range.end_auth_comp_id 
_struct_sheet_range.end_auth_asym_id 
_struct_sheet_range.end_auth_seq_id 
A 1 PHE A 5   ? LYS A 9   ? PHE A 5   LYS A 9   
A 2 HIS A 51  ? GLU A 58  ? HIS A 51  GLU A 58  
A 3 LYS A 63  ? LYS A 74  ? LYS A 63  LYS A 74  
A 4 LYS A 82  ? VAL A 91  ? LYS A 82  VAL A 91  
A 5 LYS A 119 ? ILE A 121 ? LYS A 119 ILE A 121 
# 
loop_
_pdbx_struct_sheet_hbond.sheet_id 
_pdbx_struct_sheet_hbond.range_id_1 
_pdbx_struct_sheet_hbond.range_id_2 
_pdbx_struct_sheet_hbond.range_1_label_atom_id 
_pdbx_struct_sheet_hbond.range_1_label_comp_id 
_pdbx_struct_sheet_hbond.range_1_label_asym_id 
_pdbx_struct_sheet_hbond.range_1_label_seq_id 
_pdbx_struct_sheet_hbond.range_1_PDB_ins_code 
_pdbx_struct_sheet_hbond.range_1_auth_atom_id 
_pdbx_struct_sheet_hbond.range_1_auth_comp_id 
_pdbx_struct_sheet_hbond.range_1_auth_asym_id 
_pdbx_struct_sheet_hbond.range_1_auth_seq_id 
_pdbx_struct_sheet_hbond.range_2_label_atom_id 
_pdbx_struct_sheet_hbond.range_2_label_comp_id 
_pdbx_struct_sheet_hbond.range_2_label_asym_id 
_pdbx_struct_sheet_hbond.range_2_label_seq_id 
_pdbx_struct_sheet_hbond.range_2_PDB_ins_code 
_pdbx_struct_sheet_hbond.range_2_auth_atom_id 
_pdbx_struct_sheet_hbond.range_2_auth_comp_id 
_pdbx_struct_sheet_hbond.range_2_auth_asym_id 
_pdbx_struct_sheet_hbond.range_2_auth_seq_id 
A 1 2 N ARG A 8  ? N ARG A 8  O VAL A 55  ? O VAL A 55  
A 2 3 N CYS A 54 ? N CYS A 54 O GLY A 68  ? O GLY A 68  
A 3 4 N GLU A 73 ? N GLU A 73 O ALA A 83  ? O ALA A 83  
A 4 5 N ILE A 86 ? N ILE A 86 O ILE A 121 ? O ILE A 121 
# 
loop_
_struct_site.id 
_struct_site.pdbx_evidence_code 
_struct_site.pdbx_auth_asym_id 
_struct_site.pdbx_auth_comp_id 
_struct_site.pdbx_auth_seq_id 
_struct_site.pdbx_auth_ins_code 
_struct_site.pdbx_num_residues 
_struct_site.details 
AC1 Software A EPE 150 ? 15 'BINDING SITE FOR RESIDUE EPE A 150' 
AC2 Software A NA  151 ? 3  'BINDING SITE FOR RESIDUE NA A 151'  
# 
loop_
_struct_site_gen.id 
_struct_site_gen.site_id 
_struct_site_gen.pdbx_num_res 
_struct_site_gen.label_comp_id 
_struct_site_gen.label_asym_id 
_struct_site_gen.label_seq_id 
_struct_site_gen.pdbx_auth_ins_code 
_struct_site_gen.auth_comp_id 
_struct_site_gen.auth_asym_id 
_struct_site_gen.auth_seq_id 
_struct_site_gen.label_atom_id 
_struct_site_gen.label_alt_id 
_struct_site_gen.symmetry 
_struct_site_gen.details 
1  AC1 15 LYS A 6   ? LYS A 6   . ? 4_545 ? 
2  AC1 15 VAL A 89  ? VAL A 89  . ? 1_555 ? 
3  AC1 15 VAL A 91  ? VAL A 91  . ? 1_555 ? 
4  AC1 15 ARG A 96  ? ARG A 96  . ? 1_555 ? 
5  AC1 15 GLY A 97  ? GLY A 97  . ? 1_555 ? 
6  AC1 15 GLY A 101 ? GLY A 101 . ? 1_555 ? 
7  AC1 15 ASP A 123 ? ASP A 123 . ? 1_555 ? 
8  AC1 15 CYS A 124 ? CYS A 124 . ? 1_555 ? 
9  AC1 15 ASN A 128 ? ASN A 128 . ? 1_555 ? 
10 AC1 15 PHE A 131 ? PHE A 131 . ? 1_555 ? 
11 AC1 15 TYR A 132 ? TYR A 132 . ? 1_555 ? 
12 AC1 15 HOH D .   ? HOH A 152 . ? 1_555 ? 
13 AC1 15 HOH D .   ? HOH A 243 . ? 1_555 ? 
14 AC1 15 HOH D .   ? HOH A 274 . ? 1_555 ? 
15 AC1 15 HOH D .   ? HOH A 317 . ? 1_555 ? 
16 AC2 3  HIS A 51  ? HIS A 51  . ? 1_555 ? 
17 AC2 3  LYS A 74  ? LYS A 74  . ? 2_656 ? 
18 AC2 3  HOH D .   ? HOH A 284 . ? 1_555 ? 
# 
_atom_sites.entry_id                    3T90 
_atom_sites.fract_transf_matrix[1][1]   0.00330195 
_atom_sites.fract_transf_matrix[1][2]   0.00827599 
_atom_sites.fract_transf_matrix[1][3]   -0.01188471 
_atom_sites.fract_transf_matrix[2][1]   0.00340515 
_atom_sites.fract_transf_matrix[2][2]   0.01671441 
_atom_sites.fract_transf_matrix[2][3]   0.01258525 
_atom_sites.fract_transf_matrix[3][1]   0.02377412 
_atom_sites.fract_transf_matrix[3][2]   -0.00366782 
_atom_sites.fract_transf_matrix[3][3]   -0.00156127 
_atom_sites.fract_transf_vector[1]      0.363430 
_atom_sites.fract_transf_vector[2]      -0.014279 
_atom_sites.fract_transf_vector[3]      0.278079 
# 
loop_
_atom_type.symbol 
C  
N  
NA 
O  
S  
# 
loop_
_atom_site.group_PDB 
_atom_site.id 
_atom_site.type_symbol 
_atom_site.label_atom_id 
_atom_site.label_alt_id 
_atom_site.label_comp_id 
_atom_site.label_asym_id 
_atom_site.label_entity_id 
_atom_site.label_seq_id 
_atom_site.pdbx_PDB_ins_code 
_atom_site.Cartn_x 
_atom_site.Cartn_y 
_atom_site.Cartn_z 
_atom_site.occupancy 
_atom_site.B_iso_or_equiv 
_atom_site.pdbx_formal_charge 
_atom_site.auth_seq_id 
_atom_site.auth_comp_id 
_atom_site.auth_asym_id 
_atom_site.auth_atom_id 
_atom_site.pdbx_PDB_model_num 
ATOM   1    N  N   . GLU A 1 3   ? -19.202 -8.154  10.027  1.00 31.08 ? 3   GLU A N   1 
ATOM   2    C  CA  . GLU A 1 3   ? -17.982 -7.356  9.703   1.00 30.99 ? 3   GLU A CA  1 
ATOM   3    C  C   . GLU A 1 3   ? -18.276 -6.089  8.912   1.00 29.33 ? 3   GLU A C   1 
ATOM   4    O  O   . GLU A 1 3   ? -19.047 -6.114  7.959   1.00 31.06 ? 3   GLU A O   1 
ATOM   5    C  CB  . GLU A 1 3   ? -17.018 -8.244  8.945   1.00 29.77 ? 3   GLU A CB  1 
ATOM   6    C  CG  . GLU A 1 3   ? -16.563 -9.379  9.826   1.00 35.53 ? 3   GLU A CG  1 
ATOM   7    C  CD  . GLU A 1 3   ? -16.084 -10.587 9.050   1.00 41.95 ? 3   GLU A CD  1 
ATOM   8    O  OE1 . GLU A 1 3   ? -16.199 -10.596 7.793   1.00 45.21 ? 3   GLU A OE1 1 
ATOM   9    O  OE2 . GLU A 1 3   ? -15.587 -11.516 9.725   1.00 45.99 ? 3   GLU A OE2 1 
ATOM   10   N  N   . THR A 1 4   ? -17.583 -5.005  9.280   1.00 26.74 ? 4   THR A N   1 
ATOM   11   C  CA  . THR A 1 4   ? -17.734 -3.670  8.762   1.00 27.44 ? 4   THR A CA  1 
ATOM   12   C  C   . THR A 1 4   ? -16.316 -3.125  8.568   1.00 24.00 ? 4   THR A C   1 
ATOM   13   O  O   . THR A 1 4   ? -15.473 -3.404  9.397   1.00 23.30 ? 4   THR A O   1 
ATOM   14   C  CB  . THR A 1 4   ? -18.471 -2.814  9.800   1.00 27.96 ? 4   THR A CB  1 
ATOM   15   O  OG1 . THR A 1 4   ? -19.649 -3.542  10.181  1.00 36.10 ? 4   THR A OG1 1 
ATOM   16   C  CG2 . THR A 1 4   ? -18.892 -1.459  9.219   1.00 31.92 ? 4   THR A CG2 1 
ATOM   17   N  N   . PHE A 1 5   ? -16.115 -2.380  7.489   1.00 21.88 ? 5   PHE A N   1 
ATOM   18   C  CA  . PHE A 1 5   ? -14.755 -1.961  7.035   1.00 21.40 ? 5   PHE A CA  1 
ATOM   19   C  C   . PHE A 1 5   ? -14.685 -0.458  6.890   1.00 22.81 ? 5   PHE A C   1 
ATOM   20   O  O   . PHE A 1 5   ? -15.571 0.184   6.274   1.00 26.00 ? 5   PHE A O   1 
ATOM   21   C  CB  . PHE A 1 5   ? -14.388 -2.681  5.715   1.00 20.62 ? 5   PHE A CB  1 
ATOM   22   C  CG  . PHE A 1 5   ? -14.369 -4.174  5.865   1.00 16.72 ? 5   PHE A CG  1 
ATOM   23   C  CD1 . PHE A 1 5   ? -13.265 -4.844  6.428   1.00 16.05 ? 5   PHE A CD1 1 
ATOM   24   C  CD2 . PHE A 1 5   ? -15.493 -4.986  5.486   1.00 20.89 ? 5   PHE A CD2 1 
ATOM   25   C  CE1 . PHE A 1 5   ? -13.225 -6.203  6.623   1.00 18.96 ? 5   PHE A CE1 1 
ATOM   26   C  CE2 . PHE A 1 5   ? -15.465 -6.361  5.694   1.00 21.09 ? 5   PHE A CE2 1 
ATOM   27   C  CZ  . PHE A 1 5   ? -14.334 -7.008  6.237   1.00 22.09 ? 5   PHE A CZ  1 
ATOM   28   N  N   . LYS A 1 6   ? -13.637 0.129   7.464   1.00 19.94 ? 6   LYS A N   1 
ATOM   29   C  CA  . LYS A 1 6   ? -13.395 1.560   7.355   1.00 19.31 ? 6   LYS A CA  1 
ATOM   30   C  C   . LYS A 1 6   ? -12.049 1.818   6.661   1.00 17.90 ? 6   LYS A C   1 
ATOM   31   O  O   . LYS A 1 6   ? -10.978 1.362   7.171   1.00 15.60 ? 6   LYS A O   1 
ATOM   32   C  CB  . LYS A 1 6   ? -13.502 2.271   8.712   1.00 20.79 ? 6   LYS A CB  1 
ATOM   33   C  CG  . LYS A 1 6   ? -14.985 2.470   9.251   1.00 29.67 ? 6   LYS A CG  1 
ATOM   34   C  CD  . LYS A 1 6   ? -15.019 3.256   10.623  1.00 37.61 ? 6   LYS A CD  1 
ATOM   35   C  CE  . LYS A 1 6   ? -14.995 4.844   10.483  1.00 40.25 ? 6   LYS A CE  1 
ATOM   36   N  NZ  . LYS A 1 6   ? -14.658 5.653   11.763  1.00 38.59 ? 6   LYS A NZ  1 
ATOM   37   N  N   . ILE A 1 7   ? -12.101 2.544   5.544   1.00 15.95 ? 7   ILE A N   1 
ATOM   38   C  CA  . ILE A 1 7   ? -10.880 2.884   4.809   1.00 15.54 ? 7   ILE A CA  1 
ATOM   39   C  C   . ILE A 1 7   ? -10.353 4.258   5.251   1.00 15.67 ? 7   ILE A C   1 
ATOM   40   O  O   . ILE A 1 7   ? -11.135 5.203   5.432   1.00 17.36 ? 7   ILE A O   1 
ATOM   41   C  CB  . ILE A 1 7   ? -11.046 2.778   3.256   1.00 18.06 ? 7   ILE A CB  1 
ATOM   42   C  CG1 . ILE A 1 7   ? -9.719  2.958   2.566   1.00 16.15 ? 7   ILE A CG1 1 
ATOM   43   C  CG2 . ILE A 1 7   ? -12.029 3.807   2.728   1.00 19.22 ? 7   ILE A CG2 1 
ATOM   44   C  CD1 . ILE A 1 7   ? -9.751  2.471   1.123   1.00 16.19 ? 7   ILE A CD1 1 
ATOM   45   N  N   . ARG A 1 8   ? -9.035  4.382   5.450   1.00 12.73 ? 8   ARG A N   1 
ATOM   46   C  CA  . ARG A 1 8   ? -8.404  5.626   5.962   1.00 12.40 ? 8   ARG A CA  1 
ATOM   47   C  C   . ARG A 1 8   ? -6.861  5.547   5.788   1.00 12.98 ? 8   ARG A C   1 
ATOM   48   O  O   . ARG A 1 8   ? -6.356  4.615   5.140   1.00 13.04 ? 8   ARG A O   1 
ATOM   49   C  CB  . ARG A 1 8   ? -8.739  5.769   7.480   1.00 12.86 ? 8   ARG A CB  1 
ATOM   50   C  CG  . ARG A 1 8   ? -8.336  4.525   8.308   1.00 14.36 ? 8   ARG A CG  1 
ATOM   51   C  CD  . ARG A 1 8   ? -8.573  4.822   9.853   1.00 12.03 ? 8   ARG A CD  1 
ATOM   52   N  NE  . ARG A 1 8   ? -8.375  3.646   10.628  1.00 11.67 ? 8   ARG A NE  1 
ATOM   53   C  CZ  . ARG A 1 8   ? -7.146  3.327   11.086  1.00 11.78 ? 8   ARG A CZ  1 
ATOM   54   N  NH1 . ARG A 1 8   ? -6.063  4.033   10.681  1.00 11.41 ? 8   ARG A NH1 1 
ATOM   55   N  NH2 . ARG A 1 8   ? -7.032  2.245   11.855  1.00 12.51 ? 8   ARG A NH2 1 
ATOM   56   N  N   . LYS A 1 9   ? -6.124  6.523   6.293   1.00 12.37 ? 9   LYS A N   1 
ATOM   57   C  CA  . LYS A 1 9   ? -4.660  6.400   6.291   1.00 12.21 ? 9   LYS A CA  1 
ATOM   58   C  C   . LYS A 1 9   ? -4.151  5.776   7.523   1.00 10.32 ? 9   LYS A C   1 
ATOM   59   O  O   . LYS A 1 9   ? -4.807  5.756   8.594   1.00 12.08 ? 9   LYS A O   1 
ATOM   60   C  CB  . LYS A 1 9   ? -4.063  7.793   6.112   1.00 13.15 ? 9   LYS A CB  1 
ATOM   61   C  CG  . LYS A 1 9   ? -4.361  8.386   4.682   1.00 20.98 ? 9   LYS A CG  1 
ATOM   62   C  CD  . LYS A 1 9   ? -3.914  9.823   4.660   1.00 30.63 ? 9   LYS A CD  1 
ATOM   63   C  CE  . LYS A 1 9   ? -4.456  10.520  3.410   1.00 35.38 ? 9   LYS A CE  1 
ATOM   64   N  NZ  . LYS A 1 9   ? -5.951  10.730  3.448   1.00 38.95 ? 9   LYS A NZ  1 
ATOM   65   N  N   . LEU A 1 10  ? -2.947  5.200   7.448   1.00 8.73  ? 10  LEU A N   1 
ATOM   66   C  CA  . LEU A 1 10  ? -2.274  4.692   8.632   1.00 8.59  ? 10  LEU A CA  1 
ATOM   67   C  C   . LEU A 1 10  ? -2.136  5.766   9.718   1.00 8.83  ? 10  LEU A C   1 
ATOM   68   O  O   . LEU A 1 10  ? -1.796  6.921   9.446   1.00 9.52  ? 10  LEU A O   1 
ATOM   69   C  CB  . LEU A 1 10  ? -0.900  4.201   8.202   1.00 8.82  ? 10  LEU A CB  1 
ATOM   70   C  CG  . LEU A 1 10  ? -0.037  3.504   9.272   1.00 8.78  ? 10  LEU A CG  1 
ATOM   71   C  CD1 . LEU A 1 10  ? -0.642  2.043   9.571   1.00 12.49 ? 10  LEU A CD1 1 
ATOM   72   C  CD2 . LEU A 1 10  ? 1.402   3.470   8.823   1.00 8.77  ? 10  LEU A CD2 1 
ATOM   73   N  N   . GLU A 1 11  ? -2.381  5.358   10.986  1.00 9.27  ? 11  GLU A N   1 
ATOM   74   C  CA  . GLU A 1 11  ? -2.210  6.244   12.109  1.00 10.59 ? 11  GLU A CA  1 
ATOM   75   C  C   . GLU A 1 11  ? -1.222  5.663   13.097  1.00 9.84  ? 11  GLU A C   1 
ATOM   76   O  O   . GLU A 1 11  ? -0.967  4.421   13.095  1.00 11.26 ? 11  GLU A O   1 
ATOM   77   C  CB  . GLU A 1 11  ? -3.589  6.488   12.783  1.00 13.37 ? 11  GLU A CB  1 
ATOM   78   C  CG  . GLU A 1 11  ? -4.591  7.182   11.847  1.00 18.82 ? 11  GLU A CG  1 
ATOM   79   C  CD  . GLU A 1 11  ? -4.181  8.636   11.520  1.00 26.88 ? 11  GLU A CD  1 
ATOM   80   O  OE1 . GLU A 1 11  ? -3.704  9.319   12.451  1.00 36.35 ? 11  GLU A OE1 1 
ATOM   81   O  OE2 . GLU A 1 11  ? -4.231  9.119   10.347  1.00 29.89 ? 11  GLU A OE2 1 
ATOM   82   N  N   . ILE A 1 12  ? -0.704  6.509   13.994  1.00 11.81 ? 12  ILE A N   1 
ATOM   83   C  CA  . ILE A 1 12  ? 0.386   6.000   14.887  1.00 12.36 ? 12  ILE A CA  1 
ATOM   84   C  C   . ILE A 1 12  ? -0.126  4.912   15.832  1.00 12.60 ? 12  ILE A C   1 
ATOM   85   O  O   . ILE A 1 12  ? 0.626   3.969   16.160  1.00 13.64 ? 12  ILE A O   1 
ATOM   86   C  CB  . ILE A 1 12  ? 1.111   7.170   15.577  1.00 15.47 ? 12  ILE A CB  1 
ATOM   87   C  CG1 . ILE A 1 12  ? 2.551   6.705   16.027  1.00 19.32 ? 12  ILE A CG1 1 
ATOM   88   C  CG2 . ILE A 1 12  ? 0.271   7.726   16.680  1.00 18.07 ? 12  ILE A CG2 1 
ATOM   89   C  CD1 . ILE A 1 12  ? 3.607   7.881   16.260  1.00 21.22 ? 12  ILE A CD1 1 
ATOM   90   N  N   . SER A 1 13  ? -1.419  4.908   16.132  1.00 12.41 ? 13  SER A N   1 
ATOM   91   C  CA  . SER A 1 13  ? -2.004  3.879   17.003  1.00 10.86 ? 13  SER A CA  1 
ATOM   92   C  C   . SER A 1 13  ? -2.171  2.563   16.339  1.00 11.77 ? 13  SER A C   1 
ATOM   93   O  O   . SER A 1 13  ? -2.581  1.606   16.997  1.00 13.59 ? 13  SER A O   1 
ATOM   94   C  CB  . SER A 1 13  ? -3.319  4.382   17.594  1.00 12.06 ? 13  SER A CB  1 
ATOM   95   O  OG  . SER A 1 13  ? -4.098  4.931   16.584  1.00 14.63 ? 13  SER A OG  1 
ATOM   96   N  N   . ASP A 1 14  ? -2.004  2.495   14.997  1.00 10.99 ? 14  ASP A N   1 
ATOM   97   C  CA  . ASP A 1 14  ? -2.186  1.238   14.322  1.00 10.77 ? 14  ASP A CA  1 
ATOM   98   C  C   . ASP A 1 14  ? -1.128  0.188   14.682  1.00 10.60 ? 14  ASP A C   1 
ATOM   99   O  O   . ASP A 1 14  ? -1.394  -0.986  14.322  1.00 12.70 ? 14  ASP A O   1 
ATOM   100  C  CB  . ASP A 1 14  ? -2.236  1.416   12.784  1.00 9.48  ? 14  ASP A CB  1 
ATOM   101  C  CG  . ASP A 1 14  ? -3.563  2.056   12.355  1.00 14.82 ? 14  ASP A CG  1 
ATOM   102  O  OD1 . ASP A 1 14  ? -4.582  1.851   13.017  1.00 14.43 ? 14  ASP A OD1 1 
ATOM   103  O  OD2 . ASP A 1 14  ? -3.614  2.758   11.336  1.00 12.29 ? 14  ASP A OD2 1 
ATOM   104  N  N   . LYS A 1 15  ? -0.077  0.586   15.383  1.00 12.12 ? 15  LYS A N   1 
ATOM   105  C  CA  . LYS A 1 15  ? 0.845   -0.430  15.886  1.00 11.99 ? 15  LYS A CA  1 
ATOM   106  C  C   . LYS A 1 15  ? 0.136   -1.407  16.848  1.00 13.08 ? 15  LYS A C   1 
ATOM   107  O  O   . LYS A 1 15  ? 0.603   -2.555  16.953  1.00 14.79 ? 15  LYS A O   1 
ATOM   108  C  CB  . LYS A 1 15  ? 2.072   0.238   16.524  1.00 14.65 ? 15  LYS A CB  1 
ATOM   109  C  CG  . LYS A 1 15  ? 1.824   1.048   17.700  1.00 15.92 ? 15  LYS A CG  1 
ATOM   110  C  CD  . LYS A 1 15  ? 3.182   1.645   18.219  1.00 17.44 ? 15  LYS A CD  1 
ATOM   111  C  CE  . LYS A 1 15  ? 2.988   2.758   19.143  1.00 15.38 ? 15  LYS A CE  1 
ATOM   112  N  NZ  . LYS A 1 15  ? 2.492   4.003   18.440  1.00 13.81 ? 15  LYS A NZ  1 
ATOM   113  N  N   . ARG A 1 16  ? -0.986  -1.020  17.459  1.00 12.34 ? 16  ARG A N   1 
ATOM   114  C  CA  . ARG A 1 16  ? -1.659  -1.975  18.314  1.00 12.74 ? 16  ARG A CA  1 
ATOM   115  C  C   . ARG A 1 16  ? -2.825  -2.689  17.607  1.00 13.73 ? 16  ARG A C   1 
ATOM   116  O  O   . ARG A 1 16  ? -3.568  -3.474  18.263  1.00 15.56 ? 16  ARG A O   1 
ATOM   117  C  CB  . ARG A 1 16  ? -2.101  -1.284  19.627  1.00 14.38 ? 16  ARG A CB  1 
ATOM   118  C  CG  . ARG A 1 16  ? -3.055  -0.228  19.434  1.00 14.09 ? 16  ARG A CG  1 
ATOM   119  C  CD  . ARG A 1 16  ? -3.709  0.220   20.781  1.00 20.37 ? 16  ARG A CD  1 
ATOM   120  N  NE  . ARG A 1 16  ? -4.657  1.314   20.565  1.00 29.30 ? 16  ARG A NE  1 
ATOM   121  C  CZ  . ARG A 1 16  ? -5.947  1.158   20.231  1.00 32.14 ? 16  ARG A CZ  1 
ATOM   122  N  NH1 . ARG A 1 16  ? -6.483  -0.060  20.120  1.00 33.67 ? 16  ARG A NH1 1 
ATOM   123  N  NH2 . ARG A 1 16  ? -6.716  2.234   20.045  1.00 33.16 ? 16  ARG A NH2 1 
ATOM   124  N  N   . LYS A 1 17  ? -2.985  -2.509  16.266  1.00 12.26 ? 17  LYS A N   1 
ATOM   125  C  CA  . LYS A 1 17  ? -4.122  -3.050  15.550  1.00 10.37 ? 17  LYS A CA  1 
ATOM   126  C  C   . LYS A 1 17  ? -3.701  -4.075  14.510  1.00 11.18 ? 17  LYS A C   1 
ATOM   127  O  O   . LYS A 1 17  ? -4.406  -4.293  13.530  1.00 12.49 ? 17  LYS A O   1 
ATOM   128  C  CB  . LYS A 1 17  ? -4.895  -1.884  14.912  1.00 12.25 ? 17  LYS A CB  1 
ATOM   129  C  CG  . LYS A 1 17  ? -5.620  -0.954  15.924  1.00 14.39 ? 17  LYS A CG  1 
ATOM   130  C  CD  . LYS A 1 17  ? -6.529  0.068   15.182  1.00 16.33 ? 17  LYS A CD  1 
ATOM   131  C  CE  . LYS A 1 17  ? -7.179  0.855   16.277  1.00 20.09 ? 17  LYS A CE  1 
ATOM   132  N  NZ  . LYS A 1 17  ? -7.983  1.925   15.634  1.00 17.53 ? 17  LYS A NZ  1 
ATOM   133  N  N   . GLY A 1 18  ? -2.564  -4.702  14.701  1.00 10.60 ? 18  GLY A N   1 
ATOM   134  C  CA  . GLY A 1 18  ? -2.176  -5.792  13.805  1.00 10.56 ? 18  GLY A CA  1 
ATOM   135  C  C   . GLY A 1 18  ? -1.674  -5.381  12.431  1.00 10.32 ? 18  GLY A C   1 
ATOM   136  O  O   . GLY A 1 18  ? -1.682  -6.241  11.502  1.00 10.47 ? 18  GLY A O   1 
ATOM   137  N  N   . PHE A 1 19  ? -1.228  -4.133  12.338  1.00 10.42 ? 19  PHE A N   1 
ATOM   138  C  CA  . PHE A 1 19  ? -0.594  -3.654  11.048  1.00 8.27  ? 19  PHE A CA  1 
ATOM   139  C  C   . PHE A 1 19  ? 0.656   -4.445  10.647  1.00 8.48  ? 19  PHE A C   1 
ATOM   140  O  O   . PHE A 1 19  ? 0.725   -4.945  9.512   1.00 7.31  ? 19  PHE A O   1 
ATOM   141  C  CB  . PHE A 1 19  ? -0.357  -2.160  11.149  1.00 10.35 ? 19  PHE A CB  1 
ATOM   142  C  CG  . PHE A 1 19  ? 0.310   -1.596  9.929   1.00 8.98  ? 19  PHE A CG  1 
ATOM   143  C  CD1 . PHE A 1 19  ? -0.360  -1.509  8.700   1.00 9.10  ? 19  PHE A CD1 1 
ATOM   144  C  CD2 . PHE A 1 19  ? 1.602   -1.171  10.016  1.00 9.23  ? 19  PHE A CD2 1 
ATOM   145  C  CE1 . PHE A 1 19  ? 0.290   -0.944  7.608   1.00 10.56 ? 19  PHE A CE1 1 
ATOM   146  C  CE2 . PHE A 1 19  ? 2.259   -0.618  8.913   1.00 8.93  ? 19  PHE A CE2 1 
ATOM   147  C  CZ  . PHE A 1 19  ? 1.576   -0.526  7.716   1.00 9.88  ? 19  PHE A CZ  1 
ATOM   148  N  N   . ILE A 1 20  ? 1.635   -4.574  11.523  1.00 8.21  ? 20  ILE A N   1 
ATOM   149  C  CA  . ILE A 1 20  ? 2.848   -5.274  11.174  1.00 8.68  ? 20  ILE A CA  1 
ATOM   150  C  C   . ILE A 1 20  ? 2.530   -6.772  10.965  1.00 9.41  ? 20  ILE A C   1 
ATOM   151  O  O   . ILE A 1 20  ? 2.991   -7.377  9.973   1.00 9.88  ? 20  ILE A O   1 
ATOM   152  C  CB  . ILE A 1 20  ? 3.905   -5.088  12.288  1.00 9.85  ? 20  ILE A CB  1 
ATOM   153  C  CG1 . ILE A 1 20  ? 4.207   -3.570  12.445  1.00 9.04  ? 20  ILE A CG1 1 
ATOM   154  C  CG2 . ILE A 1 20  ? 5.211   -5.944  12.010  1.00 13.36 ? 20  ILE A CG2 1 
ATOM   155  C  CD1 . ILE A 1 20  ? 4.881   -2.997  11.141  1.00 10.52 ? 20  ILE A CD1 1 
ATOM   156  N  N   . GLU A 1 21  ? 1.649   -7.323  11.799  1.00 11.16 ? 21  GLU A N   1 
ATOM   157  C  CA  . GLU A 1 21  ? 1.207   -8.723  11.596  1.00 10.51 ? 21  GLU A CA  1 
ATOM   158  C  C   . GLU A 1 21  ? 0.616   -8.938  10.199  1.00 9.54  ? 21  GLU A C   1 
ATOM   159  O  O   . GLU A 1 21  ? 0.930   -9.971  9.569   1.00 11.58 ? 21  GLU A O   1 
ATOM   160  C  CB  . GLU A 1 21  ? 0.242   -9.126  12.689  1.00 12.19 ? 21  GLU A CB  1 
ATOM   161  C  CG  . GLU A 1 21  ? 0.921   -9.117  14.094  1.00 16.58 ? 21  GLU A CG  1 
ATOM   162  C  CD  . GLU A 1 21  ? 0.587   -7.830  14.829  1.00 21.10 ? 21  GLU A CD  1 
ATOM   163  O  OE1 . GLU A 1 21  ? 0.807   -6.680  14.319  1.00 15.88 ? 21  GLU A OE1 1 
ATOM   164  O  OE2 . GLU A 1 21  ? 0.039   -7.945  15.984  1.00 32.52 ? 21  GLU A OE2 1 
ATOM   165  N  N   . LEU A 1 22  ? -0.183  -8.000  9.693   1.00 8.84  ? 22  LEU A N   1 
ATOM   166  C  CA  . LEU A 1 22  ? -0.779  -8.151  8.371   1.00 7.85  ? 22  LEU A CA  1 
ATOM   167  C  C   . LEU A 1 22  ? 0.316   -8.063  7.311   1.00 7.52  ? 22  LEU A C   1 
ATOM   168  O  O   . LEU A 1 22  ? 0.287   -8.865  6.335   1.00 8.78  ? 22  LEU A O   1 
ATOM   169  C  CB  . LEU A 1 22  ? -1.801  -7.037  8.192   1.00 9.64  ? 22  LEU A CB  1 
ATOM   170  C  CG  . LEU A 1 22  ? -2.294  -6.897  6.764   1.00 9.36  ? 22  LEU A CG  1 
ATOM   171  C  CD1 . LEU A 1 22  ? -2.995  -8.214  6.268   1.00 13.32 ? 22  LEU A CD1 1 
ATOM   172  C  CD2 . LEU A 1 22  ? -3.222  -5.657  6.616   1.00 12.96 ? 22  LEU A CD2 1 
ATOM   173  N  N   . LEU A 1 23  ? 1.266   -7.109  7.471   1.00 8.41  ? 23  LEU A N   1 
ATOM   174  C  CA  . LEU A 1 23  ? 2.384   -7.066  6.499   1.00 8.67  ? 23  LEU A CA  1 
ATOM   175  C  C   . LEU A 1 23  ? 3.118   -8.414  6.397   1.00 8.31  ? 23  LEU A C   1 
ATOM   176  O  O   . LEU A 1 23  ? 3.642   -8.726  5.337   1.00 9.83  ? 23  LEU A O   1 
ATOM   177  C  CB  . LEU A 1 23  ? 3.383   -5.941  6.784   1.00 7.71  ? 23  LEU A CB  1 
ATOM   178  C  CG  . LEU A 1 23  ? 2.828   -4.532  6.558   1.00 9.98  ? 23  LEU A CG  1 
ATOM   179  C  CD1 . LEU A 1 23  ? 3.788   -3.440  7.082   1.00 11.60 ? 23  LEU A CD1 1 
ATOM   180  C  CD2 . LEU A 1 23  ? 2.462   -4.285  5.046   1.00 11.70 ? 23  LEU A CD2 1 
ATOM   181  N  N   . GLY A 1 24  ? 3.172   -9.150  7.501   1.00 8.19  ? 24  GLY A N   1 
ATOM   182  C  CA  . GLY A 1 24  ? 3.831   -10.452 7.541   1.00 8.14  ? 24  GLY A CA  1 
ATOM   183  C  C   . GLY A 1 24  ? 3.151   -11.481 6.617   1.00 11.92 ? 24  GLY A C   1 
ATOM   184  O  O   . GLY A 1 24  ? 3.783   -12.477 6.299   1.00 11.87 ? 24  GLY A O   1 
ATOM   185  N  N   . GLN A 1 25  ? 1.938   -11.241 6.170   1.00 9.70  ? 25  GLN A N   1 
ATOM   186  C  CA  . GLN A 1 25  ? 1.275   -12.099 5.154   1.00 10.05 ? 25  GLN A CA  1 
ATOM   187  C  C   . GLN A 1 25  ? 1.783   -11.811 3.736   1.00 11.89 ? 25  GLN A C   1 
ATOM   188  O  O   . GLN A 1 25  ? 1.543   -12.620 2.819   1.00 13.54 ? 25  GLN A O   1 
ATOM   189  C  CB  . GLN A 1 25  ? -0.253  -11.922 5.187   1.00 9.06  ? 25  GLN A CB  1 
ATOM   190  C  CG  . GLN A 1 25  ? -0.777  -12.356 6.580   1.00 12.08 ? 25  GLN A CG  1 
ATOM   191  C  CD  . GLN A 1 25  ? -2.311  -12.506 6.541   1.00 12.10 ? 25  GLN A CD  1 
ATOM   192  O  OE1 . GLN A 1 25  ? -2.919  -12.807 5.514   1.00 15.26 ? 25  GLN A OE1 1 
ATOM   193  N  NE2 . GLN A 1 25  ? -2.940  -12.248 7.673   1.00 18.45 ? 25  GLN A NE2 1 
ATOM   194  N  N   . LEU A 1 26  ? 2.499   -10.704 3.569   1.00 10.07 ? 26  LEU A N   1 
ATOM   195  C  CA  . LEU A 1 26  ? 3.185   -10.388 2.275   1.00 9.23  ? 26  LEU A CA  1 
ATOM   196  C  C   . LEU A 1 26  ? 4.611   -10.875 2.361   1.00 9.48  ? 26  LEU A C   1 
ATOM   197  O  O   . LEU A 1 26  ? 5.009   -11.685 1.473   1.00 9.29  ? 26  LEU A O   1 
ATOM   198  C  CB  . LEU A 1 26  ? 3.105   -8.884  1.987   1.00 11.00 ? 26  LEU A CB  1 
ATOM   199  C  CG  . LEU A 1 26  ? 3.860   -8.445  0.728   1.00 10.23 ? 26  LEU A CG  1 
ATOM   200  C  CD1 . LEU A 1 26  ? 3.359   -9.033  -0.554  1.00 14.74 ? 26  LEU A CD1 1 
ATOM   201  C  CD2 . LEU A 1 26  ? 3.696   -6.862  0.691   1.00 13.07 ? 26  LEU A CD2 1 
ATOM   202  N  N   . THR A 1 27  ? 5.437   -10.337 3.276   1.00 9.34  ? 27  THR A N   1 
ATOM   203  C  CA  . THR A 1 27  ? 6.800   -10.910 3.390   1.00 9.50  ? 27  THR A CA  1 
ATOM   204  C  C   . THR A 1 27  ? 7.311   -10.656 4.806   1.00 8.98  ? 27  THR A C   1 
ATOM   205  O  O   . THR A 1 27  ? 6.572   -10.149 5.678   1.00 10.40 ? 27  THR A O   1 
ATOM   206  C  CB  . THR A 1 27  ? 7.693   -10.345 2.321   1.00 7.70  ? 27  THR A CB  1 
ATOM   207  O  OG1 . THR A 1 27  ? 8.873   -11.184 2.227   1.00 8.39  ? 27  THR A OG1 1 
ATOM   208  C  CG2 . THR A 1 27  ? 8.181   -8.881  2.587   1.00 12.69 ? 27  THR A CG2 1 
ATOM   209  N  N   A VAL A 1 28  ? 8.560   -11.014 5.035   0.61 9.62  ? 28  VAL A N   1 
ATOM   210  N  N   B VAL A 1 28  ? 8.548   -11.044 5.054   0.39 9.57  ? 28  VAL A N   1 
ATOM   211  C  CA  A VAL A 1 28  ? 9.196   -10.957 6.338   0.61 9.19  ? 28  VAL A CA  1 
ATOM   212  C  CA  B VAL A 1 28  ? 9.101   -11.012 6.388   0.39 9.09  ? 28  VAL A CA  1 
ATOM   213  C  C   A VAL A 1 28  ? 9.115   -9.518  6.871   0.61 7.65  ? 28  VAL A C   1 
ATOM   214  C  C   B VAL A 1 28  ? 9.164   -9.571  6.904   0.39 8.53  ? 28  VAL A C   1 
ATOM   215  O  O   A VAL A 1 28  ? 9.480   -8.561  6.173   0.61 9.60  ? 28  VAL A O   1 
ATOM   216  O  O   B VAL A 1 28  ? 9.662   -8.666  6.226   0.39 9.67  ? 28  VAL A O   1 
ATOM   217  C  CB  A VAL A 1 28  ? 10.685  -11.321 6.175   0.61 9.79  ? 28  VAL A CB  1 
ATOM   218  C  CB  B VAL A 1 28  ? 10.498  -11.613 6.382   0.39 9.22  ? 28  VAL A CB  1 
ATOM   219  C  CG1 A VAL A 1 28  ? 11.463  -11.134 7.510   0.61 10.52 ? 28  VAL A CG1 1 
ATOM   220  C  CG1 B VAL A 1 28  ? 10.431  -13.071 6.089   0.39 9.99  ? 28  VAL A CG1 1 
ATOM   221  C  CG2 A VAL A 1 28  ? 10.846  -12.710 5.567   0.61 8.45  ? 28  VAL A CG2 1 
ATOM   222  C  CG2 B VAL A 1 28  ? 11.392  -10.913 5.350   0.39 6.99  ? 28  VAL A CG2 1 
ATOM   223  N  N   . THR A 1 29  ? 8.666   -9.398  8.123   1.00 9.50  ? 29  THR A N   1 
ATOM   224  C  CA  . THR A 1 29  ? 8.726   -8.106  8.809   1.00 9.20  ? 29  THR A CA  1 
ATOM   225  C  C   . THR A 1 29  ? 9.791   -8.033  9.868   1.00 11.42 ? 29  THR A C   1 
ATOM   226  O  O   . THR A 1 29  ? 10.296  -6.928  10.179  1.00 11.82 ? 29  THR A O   1 
ATOM   227  C  CB  . THR A 1 29  ? 7.382   -7.693  9.511   1.00 10.68 ? 29  THR A CB  1 
ATOM   228  O  OG1 . THR A 1 29  ? 7.048   -8.686  10.507  1.00 11.40 ? 29  THR A OG1 1 
ATOM   229  C  CG2 . THR A 1 29  ? 6.207   -7.689  8.497   1.00 11.42 ? 29  THR A CG2 1 
ATOM   230  N  N   . GLY A 1 30  ? 10.120  -9.162  10.445  1.00 11.81 ? 30  GLY A N   1 
ATOM   231  C  CA  . GLY A 1 30  ? 10.815  -9.145  11.750  1.00 12.85 ? 30  GLY A CA  1 
ATOM   232  C  C   . GLY A 1 30  ? 9.846   -8.697  12.864  1.00 13.43 ? 30  GLY A C   1 
ATOM   233  O  O   . GLY A 1 30  ? 8.690   -8.343  12.683  1.00 14.51 ? 30  GLY A O   1 
ATOM   234  N  N   . SER A 1 31  ? 10.371  -8.625  14.085  1.00 14.60 ? 31  SER A N   1 
ATOM   235  C  CA  . SER A 1 31  ? 9.490   -8.303  15.236  1.00 15.17 ? 31  SER A CA  1 
ATOM   236  C  C   . SER A 1 31  ? 9.676   -6.815  15.573  1.00 15.70 ? 31  SER A C   1 
ATOM   237  O  O   . SER A 1 31  ? 10.420  -6.424  16.508  1.00 17.30 ? 31  SER A O   1 
ATOM   238  C  CB  . SER A 1 31  ? 9.742   -9.179  16.495  1.00 16.80 ? 31  SER A CB  1 
ATOM   239  O  OG  . SER A 1 31  ? 9.619   -10.582 16.209  1.00 22.05 ? 31  SER A OG  1 
ATOM   240  N  N   . VAL A 1 32  ? 8.981   -5.941  14.834  1.00 12.10 ? 32  VAL A N   1 
ATOM   241  C  CA  . VAL A 1 32  ? 9.181   -4.481  14.856  1.00 12.29 ? 32  VAL A CA  1 
ATOM   242  C  C   . VAL A 1 32  ? 8.688   -3.915  16.214  1.00 12.32 ? 32  VAL A C   1 
ATOM   243  O  O   . VAL A 1 32  ? 7.554   -4.071  16.611  1.00 12.96 ? 32  VAL A O   1 
ATOM   244  C  CB  . VAL A 1 32  ? 8.352   -3.818  13.688  1.00 11.96 ? 32  VAL A CB  1 
ATOM   245  C  CG1 . VAL A 1 32  ? 8.413   -2.291  13.746  1.00 11.01 ? 32  VAL A CG1 1 
ATOM   246  C  CG2 . VAL A 1 32  ? 8.860   -4.325  12.299  1.00 11.81 ? 32  VAL A CG2 1 
ATOM   247  N  N   . THR A 1 33  ? 9.561   -3.259  16.911  1.00 9.82  ? 33  THR A N   1 
ATOM   248  C  CA  . THR A 1 33  ? 9.242   -2.693  18.207  1.00 10.08 ? 33  THR A CA  1 
ATOM   249  C  C   . THR A 1 33  ? 8.366   -1.453  18.069  1.00 9.31  ? 33  THR A C   1 
ATOM   250  O  O   . THR A 1 33  ? 8.323   -0.826  17.001  1.00 11.10 ? 33  THR A O   1 
ATOM   251  C  CB  . THR A 1 33  ? 10.504  -2.303  19.003  1.00 7.75  ? 33  THR A CB  1 
ATOM   252  O  OG1 . THR A 1 33  ? 11.166  -1.257  18.300  1.00 11.70 ? 33  THR A OG1 1 
ATOM   253  C  CG2 . THR A 1 33  ? 11.475  -3.495  19.180  1.00 11.31 ? 33  THR A CG2 1 
ATOM   254  N  N   . ASP A 1 34  ? 7.725   -1.067  19.141  1.00 8.95  ? 34  ASP A N   1 
ATOM   255  C  CA  . ASP A 1 34  ? 6.949   0.195   19.139  1.00 8.48  ? 34  ASP A CA  1 
ATOM   256  C  C   . ASP A 1 34  ? 7.855   1.377   18.855  1.00 10.21 ? 34  ASP A C   1 
ATOM   257  O  O   . ASP A 1 34  ? 7.464   2.323   18.118  1.00 8.73  ? 34  ASP A O   1 
ATOM   258  C  CB  . ASP A 1 34  ? 6.178   0.360   20.422  1.00 10.52 ? 34  ASP A CB  1 
ATOM   259  C  CG  . ASP A 1 34  ? 5.016   -0.592  20.545  1.00 12.73 ? 34  ASP A CG  1 
ATOM   260  O  OD1 . ASP A 1 34  ? 4.511   -1.099  19.517  1.00 15.95 ? 34  ASP A OD1 1 
ATOM   261  O  OD2 . ASP A 1 34  ? 4.616   -0.904  21.698  1.00 17.64 ? 34  ASP A OD2 1 
ATOM   262  N  N   . GLU A 1 35  ? 9.108   1.352   19.374  1.00 9.81  ? 35  GLU A N   1 
ATOM   263  C  CA  . GLU A 1 35  ? 10.059  2.469   19.164  1.00 8.79  ? 35  GLU A CA  1 
ATOM   264  C  C   . GLU A 1 35  ? 10.347  2.597   17.690  1.00 8.83  ? 35  GLU A C   1 
ATOM   265  O  O   . GLU A 1 35  ? 10.400  3.692   17.152  1.00 9.28  ? 35  GLU A O   1 
ATOM   266  C  CB  . GLU A 1 35  ? 11.372  2.230   19.949  1.00 10.86 ? 35  GLU A CB  1 
ATOM   267  C  CG  . GLU A 1 35  ? 11.193  2.340   21.463  1.00 11.00 ? 35  GLU A CG  1 
ATOM   268  C  CD  . GLU A 1 35  ? 10.584  1.113   22.149  1.00 12.74 ? 35  GLU A CD  1 
ATOM   269  O  OE1 . GLU A 1 35  ? 10.140  0.053   21.607  1.00 14.49 ? 35  GLU A OE1 1 
ATOM   270  O  OE2 . GLU A 1 35  ? 10.528  1.229   23.398  1.00 16.20 ? 35  GLU A OE2 1 
ATOM   271  N  N   . GLU A 1 36  ? 10.656  1.473   17.045  1.00 8.66  ? 36  GLU A N   1 
ATOM   272  C  CA  . GLU A 1 36  ? 10.985  1.453   15.642  1.00 8.75  ? 36  GLU A CA  1 
ATOM   273  C  C   . GLU A 1 36  ? 9.775   1.790   14.765  1.00 9.64  ? 36  GLU A C   1 
ATOM   274  O  O   . GLU A 1 36  ? 9.903   2.576   13.823  1.00 8.90  ? 36  GLU A O   1 
ATOM   275  C  CB  . GLU A 1 36  ? 11.537  0.085   15.253  1.00 12.28 ? 36  GLU A CB  1 
ATOM   276  C  CG  . GLU A 1 36  ? 12.063  0.141   13.851  1.00 18.93 ? 36  GLU A CG  1 
ATOM   277  C  CD  . GLU A 1 36  ? 13.494  0.697   13.611  1.00 31.35 ? 36  GLU A CD  1 
ATOM   278  O  OE1 . GLU A 1 36  ? 14.019  1.590   14.349  1.00 29.18 ? 36  GLU A OE1 1 
ATOM   279  O  OE2 . GLU A 1 36  ? 14.096  0.222   12.614  1.00 32.36 ? 36  GLU A OE2 1 
ATOM   280  N  N   . PHE A 1 37  ? 8.583   1.313   15.160  1.00 8.87  ? 37  PHE A N   1 
ATOM   281  C  CA  . PHE A 1 37  ? 7.351   1.629   14.441  1.00 7.25  ? 37  PHE A CA  1 
ATOM   282  C  C   . PHE A 1 37  ? 7.195   3.157   14.441  1.00 7.95  ? 37  PHE A C   1 
ATOM   283  O  O   . PHE A 1 37  ? 6.976   3.767   13.370  1.00 8.48  ? 37  PHE A O   1 
ATOM   284  C  CB  . PHE A 1 37  ? 6.108   0.991   15.073  1.00 7.79  ? 37  PHE A CB  1 
ATOM   285  C  CG  . PHE A 1 37  ? 4.824   1.368   14.366  1.00 9.71  ? 37  PHE A CG  1 
ATOM   286  C  CD1 . PHE A 1 37  ? 4.351   0.645   13.294  1.00 14.71 ? 37  PHE A CD1 1 
ATOM   287  C  CD2 . PHE A 1 37  ? 4.203   2.535   14.709  1.00 9.89  ? 37  PHE A CD2 1 
ATOM   288  C  CE1 . PHE A 1 37  ? 3.121   1.094   12.652  1.00 15.86 ? 37  PHE A CE1 1 
ATOM   289  C  CE2 . PHE A 1 37  ? 3.030   2.980   14.084  1.00 12.68 ? 37  PHE A CE2 1 
ATOM   290  C  CZ  . PHE A 1 37  ? 2.491   2.258   13.081  1.00 15.49 ? 37  PHE A CZ  1 
ATOM   291  N  N   . ASP A 1 38  ? 7.332   3.781   15.604  1.00 7.89  ? 38  ASP A N   1 
ATOM   292  C  CA  . ASP A 1 38  ? 7.088   5.230   15.650  1.00 8.18  ? 38  ASP A CA  1 
ATOM   293  C  C   . ASP A 1 38  ? 8.135   5.980   14.893  1.00 9.13  ? 38  ASP A C   1 
ATOM   294  O  O   . ASP A 1 38  ? 7.792   7.016   14.255  1.00 9.99  ? 38  ASP A O   1 
ATOM   295  C  CB  . ASP A 1 38  ? 7.095   5.718   17.113  1.00 7.93  ? 38  ASP A CB  1 
ATOM   296  C  CG  . ASP A 1 38  ? 5.899   5.285   17.851  1.00 13.00 ? 38  ASP A CG  1 
ATOM   297  O  OD1 . ASP A 1 38  ? 4.879   4.806   17.321  1.00 12.82 ? 38  ASP A OD1 1 
ATOM   298  O  OD2 . ASP A 1 38  ? 5.913   5.475   19.070  1.00 15.22 ? 38  ASP A OD2 1 
ATOM   299  N  N   . ARG A 1 39  ? 9.395   5.491   14.923  1.00 8.57  ? 39  ARG A N   1 
ATOM   300  C  CA  . ARG A 1 39  ? 10.479  6.180   14.230  1.00 8.03  ? 39  ARG A CA  1 
ATOM   301  C  C   . ARG A 1 39  ? 10.124  6.180   12.754  1.00 9.18  ? 39  ARG A C   1 
ATOM   302  O  O   . ARG A 1 39  ? 10.243  7.242   12.099  1.00 9.69  ? 39  ARG A O   1 
ATOM   303  C  CB  . ARG A 1 39  ? 11.787  5.419   14.450  1.00 8.45  ? 39  ARG A CB  1 
ATOM   304  C  CG  . ARG A 1 39  ? 12.984  6.165   13.924  1.00 12.43 ? 39  ARG A CG  1 
ATOM   305  C  CD  . ARG A 1 39  ? 14.309  5.443   14.106  1.00 14.04 ? 39  ARG A CD  1 
ATOM   306  N  NE  . ARG A 1 39  ? 14.310  4.207   13.317  1.00 27.26 ? 39  ARG A NE  1 
ATOM   307  C  CZ  . ARG A 1 39  ? 14.717  4.141   12.059  1.00 32.75 ? 39  ARG A CZ  1 
ATOM   308  N  NH1 . ARG A 1 39  ? 15.244  5.219   11.495  1.00 35.43 ? 39  ARG A NH1 1 
ATOM   309  N  NH2 . ARG A 1 39  ? 14.618  2.999   11.376  1.00 34.63 ? 39  ARG A NH2 1 
ATOM   310  N  N   . ARG A 1 40  ? 9.770   5.012   12.207  1.00 9.53  ? 40  ARG A N   1 
ATOM   311  C  CA  . ARG A 1 40  ? 9.582   4.897   10.763  1.00 9.07  ? 40  ARG A CA  1 
ATOM   312  C  C   . ARG A 1 40  ? 8.268   5.553   10.364  1.00 10.76 ? 40  ARG A C   1 
ATOM   313  O  O   . ARG A 1 40  ? 8.187   6.182   9.302   1.00 10.30 ? 40  ARG A O   1 
ATOM   314  C  CB  . ARG A 1 40  ? 9.622   3.381   10.432  1.00 9.43  ? 40  ARG A CB  1 
ATOM   315  C  CG  . ARG A 1 40  ? 9.327   3.016   8.873   1.00 8.74  ? 40  ARG A CG  1 
ATOM   316  C  CD  . ARG A 1 40  ? 10.085  3.880   7.860   1.00 6.84  ? 40  ARG A CD  1 
ATOM   317  N  NE  . ARG A 1 40  ? 11.499  4.030   8.194   1.00 10.52 ? 40  ARG A NE  1 
ATOM   318  C  CZ  . ARG A 1 40  ? 12.428  3.235   7.708   1.00 9.14  ? 40  ARG A CZ  1 
ATOM   319  N  NH1 . ARG A 1 40  ? 12.129  2.141   6.952   1.00 9.17  ? 40  ARG A NH1 1 
ATOM   320  N  NH2 . ARG A 1 40  ? 13.684  3.566   7.917   1.00 10.75 ? 40  ARG A NH2 1 
ATOM   321  N  N   . PHE A 1 41  ? 7.231   5.513   11.226  1.00 7.94  ? 41  PHE A N   1 
ATOM   322  C  CA  . PHE A 1 41  ? 5.988   6.269   10.948  1.00 8.06  ? 41  PHE A CA  1 
ATOM   323  C  C   . PHE A 1 41  ? 6.293   7.741   10.795  1.00 9.73  ? 41  PHE A C   1 
ATOM   324  O  O   . PHE A 1 41  ? 5.832   8.375   9.833   1.00 12.39 ? 41  PHE A O   1 
ATOM   325  C  CB  . PHE A 1 41  ? 4.995   6.038   12.130  1.00 9.84  ? 41  PHE A CB  1 
ATOM   326  C  CG  . PHE A 1 41  ? 3.666   6.762   11.925  1.00 10.40 ? 41  PHE A CG  1 
ATOM   327  C  CD1 . PHE A 1 41  ? 2.604   6.096   11.288  1.00 9.93  ? 41  PHE A CD1 1 
ATOM   328  C  CD2 . PHE A 1 41  ? 3.468   8.086   12.271  1.00 13.67 ? 41  PHE A CD2 1 
ATOM   329  C  CE1 . PHE A 1 41  ? 1.449   6.723   10.992  1.00 10.19 ? 41  PHE A CE1 1 
ATOM   330  C  CE2 . PHE A 1 41  ? 2.231   8.739   12.004  1.00 13.52 ? 41  PHE A CE2 1 
ATOM   331  C  CZ  . PHE A 1 41  ? 1.237   8.035   11.353  1.00 14.10 ? 41  PHE A CZ  1 
ATOM   332  N  N   . GLU A 1 42  ? 7.126   8.316   11.675  1.00 10.14 ? 42  GLU A N   1 
ATOM   333  C  CA  A GLU A 1 42  ? 7.481   9.751   11.586  0.42 11.16 ? 42  GLU A CA  1 
ATOM   334  C  CA  B GLU A 1 42  ? 7.347   9.748   11.519  0.58 10.88 ? 42  GLU A CA  1 
ATOM   335  C  C   . GLU A 1 42  ? 8.231   10.058  10.316  1.00 11.78 ? 42  GLU A C   1 
ATOM   336  O  O   . GLU A 1 42  ? 7.995   11.164  9.668   1.00 13.25 ? 42  GLU A O   1 
ATOM   337  C  CB  A GLU A 1 42  ? 8.354   10.162  12.799  0.42 10.86 ? 42  GLU A CB  1 
ATOM   338  C  CB  B GLU A 1 42  ? 7.852   10.362  12.835  0.58 11.84 ? 42  GLU A CB  1 
ATOM   339  C  CG  A GLU A 1 42  ? 8.791   11.680  12.817  0.42 15.01 ? 42  GLU A CG  1 
ATOM   340  C  CG  B GLU A 1 42  ? 6.815   10.322  13.945  0.58 16.71 ? 42  GLU A CG  1 
ATOM   341  C  CD  A GLU A 1 42  ? 7.661   12.661  12.508  0.42 18.99 ? 42  GLU A CD  1 
ATOM   342  C  CD  B GLU A 1 42  ? 5.597   11.229  13.728  0.58 17.35 ? 42  GLU A CD  1 
ATOM   343  O  OE1 A GLU A 1 42  ? 6.480   12.263  12.535  0.42 23.59 ? 42  GLU A OE1 1 
ATOM   344  O  OE1 B GLU A 1 42  ? 5.675   12.219  12.973  0.58 23.44 ? 42  GLU A OE1 1 
ATOM   345  O  OE2 A GLU A 1 42  ? 7.948   13.850  12.240  0.42 23.07 ? 42  GLU A OE2 1 
ATOM   346  O  OE2 B GLU A 1 42  ? 4.577   10.971  14.343  0.58 19.74 ? 42  GLU A OE2 1 
ATOM   347  N  N   . GLU A 1 43  ? 9.167   9.178   9.959   1.00 11.96 ? 43  GLU A N   1 
ATOM   348  C  CA  . GLU A 1 43  ? 10.014  9.400   8.765   1.00 12.65 ? 43  GLU A CA  1 
ATOM   349  C  C   . GLU A 1 43  ? 9.169   9.360   7.532   1.00 14.77 ? 43  GLU A C   1 
ATOM   350  O  O   . GLU A 1 43  ? 9.433   10.168  6.646   1.00 18.57 ? 43  GLU A O   1 
ATOM   351  C  CB  . GLU A 1 43  ? 11.029  8.329   8.533   1.00 12.03 ? 43  GLU A CB  1 
ATOM   352  C  CG  . GLU A 1 43  ? 12.156  8.366   9.554   1.00 14.98 ? 43  GLU A CG  1 
ATOM   353  C  CD  . GLU A 1 43  ? 13.182  7.306   9.277   1.00 22.12 ? 43  GLU A CD  1 
ATOM   354  O  OE1 . GLU A 1 43  ? 12.869  6.131   9.367   1.00 20.40 ? 43  GLU A OE1 1 
ATOM   355  O  OE2 . GLU A 1 43  ? 14.347  7.638   8.985   1.00 27.24 ? 43  GLU A OE2 1 
ATOM   356  N  N   . ILE A 1 44  ? 8.142   8.498   7.455   1.00 13.54 ? 44  ILE A N   1 
ATOM   357  C  CA  . ILE A 1 44  ? 7.252   8.465   6.286   1.00 13.68 ? 44  ILE A CA  1 
ATOM   358  C  C   . ILE A 1 44  ? 6.301   9.630   6.317   1.00 14.35 ? 44  ILE A C   1 
ATOM   359  O  O   . ILE A 1 44  ? 6.065   10.268  5.262   1.00 14.51 ? 44  ILE A O   1 
ATOM   360  C  CB  . ILE A 1 44  ? 6.535   7.094   6.216   1.00 11.79 ? 44  ILE A CB  1 
ATOM   361  C  CG1 . ILE A 1 44  ? 7.547   6.012   5.791   1.00 11.06 ? 44  ILE A CG1 1 
ATOM   362  C  CG2 . ILE A 1 44  ? 5.329   7.160   5.149   1.00 11.40 ? 44  ILE A CG2 1 
ATOM   363  C  CD1 . ILE A 1 44  ? 6.984   4.572   5.961   1.00 13.60 ? 44  ILE A CD1 1 
ATOM   364  N  N   . ARG A 1 45  ? 5.790   10.010  7.502   1.00 15.36 ? 45  ARG A N   1 
ATOM   365  C  CA  . ARG A 1 45  ? 4.847   11.142  7.623   1.00 16.69 ? 45  ARG A CA  1 
ATOM   366  C  C   . ARG A 1 45  ? 5.539   12.429  7.108   1.00 18.55 ? 45  ARG A C   1 
ATOM   367  O  O   . ARG A 1 45  ? 4.841   13.353  6.585   1.00 19.11 ? 45  ARG A O   1 
ATOM   368  C  CB  . ARG A 1 45  ? 4.484   11.394  9.118   1.00 18.03 ? 45  ARG A CB  1 
ATOM   369  C  CG  . ARG A 1 45  ? 3.685   12.730  9.324   1.00 22.55 ? 45  ARG A CG  1 
ATOM   370  C  CD  . ARG A 1 45  ? 3.450   13.091  10.844  1.00 30.50 ? 45  ARG A CD  1 
ATOM   371  N  NE  . ARG A 1 45  ? 2.076   12.764  11.261  1.00 40.42 ? 45  ARG A NE  1 
ATOM   372  C  CZ  . ARG A 1 45  ? 1.720   12.305  12.470  1.00 43.69 ? 45  ARG A CZ  1 
ATOM   373  N  NH1 . ARG A 1 45  ? 2.630   12.118  13.444  1.00 41.70 ? 45  ARG A NH1 1 
ATOM   374  N  NH2 . ARG A 1 45  ? 0.435   12.004  12.707  1.00 44.56 ? 45  ARG A NH2 1 
ATOM   375  N  N   . SER A 1 46  ? 6.876   12.490  7.233   1.00 18.99 ? 46  SER A N   1 
ATOM   376  C  CA  . SER A 1 46  ? 7.625   13.681  6.883   1.00 20.29 ? 46  SER A CA  1 
ATOM   377  C  C   . SER A 1 46  ? 7.495   13.971  5.406   1.00 20.06 ? 46  SER A C   1 
ATOM   378  O  O   . SER A 1 46  ? 7.640   15.131  5.003   1.00 22.56 ? 46  SER A O   1 
ATOM   379  C  CB  . SER A 1 46  ? 9.113   13.585  7.357   1.00 19.35 ? 46  SER A CB  1 
ATOM   380  O  OG  . SER A 1 46  ? 9.907   12.859  6.471   1.00 23.37 ? 46  SER A OG  1 
ATOM   381  N  N   . TYR A 1 47  ? 7.137   12.973  4.588   1.00 17.77 ? 47  TYR A N   1 
ATOM   382  C  CA  . TYR A 1 47  ? 7.027   13.164  3.125   1.00 20.13 ? 47  TYR A CA  1 
ATOM   383  C  C   . TYR A 1 47  ? 5.698   13.685  2.739   1.00 18.21 ? 47  TYR A C   1 
ATOM   384  O  O   . TYR A 1 47  ? 5.473   13.933  1.514   1.00 16.93 ? 47  TYR A O   1 
ATOM   385  C  CB  . TYR A 1 47  ? 7.184   11.828  2.396   1.00 20.59 ? 47  TYR A CB  1 
ATOM   386  C  CG  . TYR A 1 47  ? 8.600   11.382  2.300   1.00 31.80 ? 47  TYR A CG  1 
ATOM   387  C  CD1 . TYR A 1 47  ? 9.283   11.415  1.081   1.00 39.56 ? 47  TYR A CD1 1 
ATOM   388  C  CD2 . TYR A 1 47  ? 9.273   10.921  3.442   1.00 38.65 ? 47  TYR A CD2 1 
ATOM   389  C  CE1 . TYR A 1 47  ? 10.618  10.999  0.998   1.00 46.17 ? 47  TYR A CE1 1 
ATOM   390  C  CE2 . TYR A 1 47  ? 10.591  10.502  3.383   1.00 44.80 ? 47  TYR A CE2 1 
ATOM   391  C  CZ  . TYR A 1 47  ? 11.276  10.554  2.160   1.00 48.72 ? 47  TYR A CZ  1 
ATOM   392  O  OH  . TYR A 1 47  ? 12.610  10.132  2.099   1.00 52.21 ? 47  TYR A OH  1 
ATOM   393  N  N   . GLY A 1 48  ? 4.777   13.781  3.682   1.00 16.68 ? 48  GLY A N   1 
ATOM   394  C  CA  . GLY A 1 48  ? 3.506   14.380  3.365   1.00 18.64 ? 48  GLY A CA  1 
ATOM   395  C  C   . GLY A 1 48  ? 2.774   13.634  2.297   1.00 18.59 ? 48  GLY A C   1 
ATOM   396  O  O   . GLY A 1 48  ? 2.743   12.403  2.278   1.00 17.11 ? 48  GLY A O   1 
ATOM   397  N  N   . ASP A 1 49  ? 2.182   14.402  1.397   1.00 18.39 ? 49  ASP A N   1 
ATOM   398  C  CA  . ASP A 1 49  ? 1.413   13.792  0.352   1.00 15.56 ? 49  ASP A CA  1 
ATOM   399  C  C   . ASP A 1 49  ? 2.214   12.968  -0.689  1.00 14.79 ? 49  ASP A C   1 
ATOM   400  O  O   . ASP A 1 49  ? 1.632   12.289  -1.513  1.00 13.72 ? 49  ASP A O   1 
ATOM   401  C  CB  . ASP A 1 49  ? 0.534   14.865  -0.339  1.00 17.77 ? 49  ASP A CB  1 
ATOM   402  C  CG  . ASP A 1 49  ? -0.814  15.126  0.401   1.00 23.77 ? 49  ASP A CG  1 
ATOM   403  O  OD1 . ASP A 1 49  ? -1.315  16.243  0.162   1.00 28.04 ? 49  ASP A OD1 1 
ATOM   404  O  OD2 . ASP A 1 49  ? -1.417  14.262  1.142   1.00 25.71 ? 49  ASP A OD2 1 
ATOM   405  N  N   . ASP A 1 50  ? 3.514   13.038  -0.640  1.00 11.49 ? 50  ASP A N   1 
ATOM   406  C  CA  . ASP A 1 50  ? 4.364   12.250  -1.546  1.00 12.08 ? 50  ASP A CA  1 
ATOM   407  C  C   . ASP A 1 50  ? 4.548   10.795  -1.054  1.00 10.03 ? 50  ASP A C   1 
ATOM   408  O  O   . ASP A 1 50  ? 5.168   9.992   -1.733  1.00 10.38 ? 50  ASP A O   1 
ATOM   409  C  CB  . ASP A 1 50  ? 5.717   12.911  -1.691  1.00 12.96 ? 50  ASP A CB  1 
ATOM   410  C  CG  . ASP A 1 50  ? 5.631   14.212  -2.484  1.00 21.60 ? 50  ASP A CG  1 
ATOM   411  O  OD1 . ASP A 1 50  ? 4.955   14.182  -3.514  1.00 20.61 ? 50  ASP A OD1 1 
ATOM   412  O  OD2 . ASP A 1 50  ? 6.238   15.209  -2.019  1.00 30.47 ? 50  ASP A OD2 1 
ATOM   413  N  N   . HIS A 1 51  ? 4.012   10.452  0.136   1.00 10.28 ? 51  HIS A N   1 
ATOM   414  C  CA  . HIS A 1 51  ? 4.170   9.006   0.605   1.00 12.53 ? 51  HIS A CA  1 
ATOM   415  C  C   . HIS A 1 51  ? 3.003   8.708   1.545   1.00 15.08 ? 51  HIS A C   1 
ATOM   416  O  O   . HIS A 1 51  ? 3.180   9.099   2.755   1.00 16.37 ? 51  HIS A O   1 
ATOM   417  C  CB  . HIS A 1 51  ? 5.562   8.787   1.271   1.00 13.87 ? 51  HIS A CB  1 
ATOM   418  C  CG  . HIS A 1 51  ? 5.972   7.322   1.401   1.00 15.27 ? 51  HIS A CG  1 
ATOM   419  N  ND1 . HIS A 1 51  ? 7.241   6.906   1.799   1.00 18.91 ? 51  HIS A ND1 1 
ATOM   420  C  CD2 . HIS A 1 51  ? 5.279   6.217   1.132   1.00 13.75 ? 51  HIS A CD2 1 
ATOM   421  C  CE1 . HIS A 1 51  ? 7.260   5.567   1.800   1.00 17.71 ? 51  HIS A CE1 1 
ATOM   422  N  NE2 . HIS A 1 51  ? 6.047   5.134   1.459   1.00 13.44 ? 51  HIS A NE2 1 
ATOM   423  N  N   . VAL A 1 52  ? 1.957   8.008   1.023   1.00 13.42 ? 52  VAL A N   1 
ATOM   424  C  CA  . VAL A 1 52  ? 0.622   7.711   1.655   1.00 12.94 ? 52  VAL A CA  1 
ATOM   425  C  C   . VAL A 1 52  ? 0.508   6.175   1.914   1.00 11.04 ? 52  VAL A C   1 
ATOM   426  O  O   . VAL A 1 52  ? 0.923   5.374   1.093   1.00 12.22 ? 52  VAL A O   1 
ATOM   427  C  CB  . VAL A 1 52  ? -0.681  8.042   0.753   1.00 15.41 ? 52  VAL A CB  1 
ATOM   428  C  CG1 . VAL A 1 52  ? -1.980  7.288   1.274   1.00 16.10 ? 52  VAL A CG1 1 
ATOM   429  C  CG2 . VAL A 1 52  ? -0.924  9.515   0.573   1.00 17.55 ? 52  VAL A CG2 1 
ATOM   430  N  N   . ILE A 1 53  ? 0.153   5.803   3.143   1.00 8.89  ? 53  ILE A N   1 
ATOM   431  C  CA  . ILE A 1 53  ? -0.188  4.452   3.430   1.00 8.20  ? 53  ILE A CA  1 
ATOM   432  C  C   . ILE A 1 53  ? -1.681  4.350   3.731   1.00 10.10 ? 53  ILE A C   1 
ATOM   433  O  O   . ILE A 1 53  ? -2.151  5.048   4.668   1.00 10.25 ? 53  ILE A O   1 
ATOM   434  C  CB  . ILE A 1 53  ? 0.608   3.897   4.607   1.00 8.79  ? 53  ILE A CB  1 
ATOM   435  C  CG1 . ILE A 1 53  ? 2.118   4.079   4.300   1.00 11.72 ? 53  ILE A CG1 1 
ATOM   436  C  CG2 . ILE A 1 53  ? 0.181   2.420   4.876   1.00 9.22  ? 53  ILE A CG2 1 
ATOM   437  C  CD1 . ILE A 1 53  ? 3.020   3.511   5.374   1.00 12.30 ? 53  ILE A CD1 1 
ATOM   438  N  N   . CYS A 1 54  ? -2.429  3.533   2.981   1.00 8.92  ? 54  CYS A N   1 
ATOM   439  C  CA  . CYS A 1 54  ? -3.869  3.342   3.186   1.00 10.02 ? 54  CYS A CA  1 
ATOM   440  C  C   . CYS A 1 54  ? -4.015  2.067   4.024   1.00 10.40 ? 54  CYS A C   1 
ATOM   441  O  O   . CYS A 1 54  ? -3.312  1.057   3.795   1.00 12.22 ? 54  CYS A O   1 
ATOM   442  C  CB  . CYS A 1 54  ? -4.488  3.091   1.777   1.00 11.47 ? 54  CYS A CB  1 
ATOM   443  S  SG  . CYS A 1 54  ? -6.211  2.612   1.818   1.00 15.47 ? 54  CYS A SG  1 
ATOM   444  N  N   . VAL A 1 55  ? -4.945  2.117   4.981   1.00 8.88  ? 55  VAL A N   1 
ATOM   445  C  CA  . VAL A 1 55  ? -5.398  0.905   5.693   1.00 9.95  ? 55  VAL A CA  1 
ATOM   446  C  C   . VAL A 1 55  ? -6.890  0.795   5.699   1.00 9.70  ? 55  VAL A C   1 
ATOM   447  O  O   . VAL A 1 55  ? -7.608  1.841   5.653   1.00 10.62 ? 55  VAL A O   1 
ATOM   448  C  CB  . VAL A 1 55  ? -4.892  0.884   7.176   1.00 8.95  ? 55  VAL A CB  1 
ATOM   449  C  CG1 . VAL A 1 55  ? -3.370  0.769   7.259   1.00 9.48  ? 55  VAL A CG1 1 
ATOM   450  C  CG2 . VAL A 1 55  ? -5.455  1.992   8.043   1.00 11.75 ? 55  VAL A CG2 1 
ATOM   451  N  N   . ILE A 1 56  ? -7.362  -0.437  5.762   1.00 10.74 ? 56  ILE A N   1 
ATOM   452  C  CA  . ILE A 1 56  ? -8.754  -0.675  6.001   1.00 10.96 ? 56  ILE A CA  1 
ATOM   453  C  C   . ILE A 1 56  ? -8.824  -1.421  7.314   1.00 10.84 ? 56  ILE A C   1 
ATOM   454  O  O   . ILE A 1 56  ? -8.250  -2.520  7.438   1.00 10.20 ? 56  ILE A O   1 
ATOM   455  C  CB  . ILE A 1 56  ? -9.418  -1.500  4.911   1.00 11.08 ? 56  ILE A CB  1 
ATOM   456  C  CG1 . ILE A 1 56  ? -9.303  -0.762  3.614   1.00 12.91 ? 56  ILE A CG1 1 
ATOM   457  C  CG2 . ILE A 1 56  ? -10.898 -1.835  5.275   1.00 13.46 ? 56  ILE A CG2 1 
ATOM   458  C  CD1 . ILE A 1 56  ? -9.902  -1.580  2.368   1.00 13.51 ? 56  ILE A CD1 1 
ATOM   459  N  N   . GLU A 1 57  ? -9.587  -0.861  8.281   1.00 12.59 ? 57  GLU A N   1 
ATOM   460  C  CA  . GLU A 1 57  ? -9.796  -1.500  9.550   1.00 14.74 ? 57  GLU A CA  1 
ATOM   461  C  C   . GLU A 1 57  ? -11.106 -2.249  9.547   1.00 13.17 ? 57  GLU A C   1 
ATOM   462  O  O   . GLU A 1 57  ? -12.098 -1.682  9.076   1.00 16.04 ? 57  GLU A O   1 
ATOM   463  C  CB  . GLU A 1 57  ? -9.775  -0.453  10.702  1.00 13.62 ? 57  GLU A CB  1 
ATOM   464  C  CG  . GLU A 1 57  ? -9.903  -1.081  12.080  1.00 17.12 ? 57  GLU A CG  1 
ATOM   465  C  CD  . GLU A 1 57  ? -9.867  -0.072  13.247  1.00 21.59 ? 57  GLU A CD  1 
ATOM   466  O  OE1 . GLU A 1 57  ? -9.178  0.952   13.172  1.00 19.35 ? 57  GLU A OE1 1 
ATOM   467  O  OE2 . GLU A 1 57  ? -10.556 -0.335  14.293  1.00 28.24 ? 57  GLU A OE2 1 
ATOM   468  N  N   . GLU A 1 58  ? -11.079 -3.476  10.064  1.00 14.41 ? 58  GLU A N   1 
ATOM   469  C  CA  . GLU A 1 58  ? -12.395 -4.181  10.304  1.00 16.73 ? 58  GLU A CA  1 
ATOM   470  C  C   . GLU A 1 58  ? -12.760 -3.825  11.757  1.00 17.45 ? 58  GLU A C   1 
ATOM   471  O  O   . GLU A 1 58  ? -12.046 -4.111  12.730  1.00 17.16 ? 58  GLU A O   1 
ATOM   472  C  CB  . GLU A 1 58  ? -12.256 -5.672  10.077  1.00 16.83 ? 58  GLU A CB  1 
ATOM   473  C  CG  . GLU A 1 58  ? -13.626 -6.374  9.969   1.00 17.58 ? 58  GLU A CG  1 
ATOM   474  C  CD  . GLU A 1 58  ? -14.256 -6.573  11.369  1.00 20.09 ? 58  GLU A CD  1 
ATOM   475  O  OE1 . GLU A 1 58  ? -13.561 -7.137  12.260  1.00 21.71 ? 58  GLU A OE1 1 
ATOM   476  O  OE2 . GLU A 1 58  ? -15.432 -6.104  11.497  1.00 23.78 ? 58  GLU A OE2 1 
ATOM   477  N  N   . GLU A 1 59  ? -13.942 -3.243  11.838  1.00 22.16 ? 59  GLU A N   1 
ATOM   478  C  CA  . GLU A 1 59  ? -14.422 -2.569  13.039  1.00 23.93 ? 59  GLU A CA  1 
ATOM   479  C  C   . GLU A 1 59  ? -14.690 -3.487  14.230  1.00 23.77 ? 59  GLU A C   1 
ATOM   480  O  O   . GLU A 1 59  ? -14.318 -3.151  15.342  1.00 22.08 ? 59  GLU A O   1 
ATOM   481  C  CB  . GLU A 1 59  ? -15.667 -1.758  12.667  1.00 26.00 ? 59  GLU A CB  1 
ATOM   482  C  CG  . GLU A 1 59  ? -15.347 -0.498  11.872  1.00 30.63 ? 59  GLU A CG  1 
ATOM   483  C  CD  . GLU A 1 59  ? -16.481 0.515   11.953  1.00 41.30 ? 59  GLU A CD  1 
ATOM   484  O  OE1 . GLU A 1 59  ? -16.964 0.769   13.095  1.00 43.82 ? 59  GLU A OE1 1 
ATOM   485  O  OE2 . GLU A 1 59  ? -16.897 1.048   10.889  1.00 44.36 ? 59  GLU A OE2 1 
ATOM   486  N  N   . THR A 1 60  ? -15.308 -4.645  13.994  1.00 24.56 ? 60  THR A N   1 
ATOM   487  C  CA  . THR A 1 60  ? -15.655 -5.530  15.089  1.00 25.80 ? 60  THR A CA  1 
ATOM   488  C  C   . THR A 1 60  ? -14.444 -6.066  15.816  1.00 25.60 ? 60  THR A C   1 
ATOM   489  O  O   . THR A 1 60  ? -14.431 -6.112  17.064  1.00 27.35 ? 60  THR A O   1 
ATOM   490  C  CB  . THR A 1 60  ? -16.734 -6.629  14.682  1.00 26.18 ? 60  THR A CB  1 
ATOM   491  O  OG1 . THR A 1 60  ? -16.121 -7.637  13.858  1.00 31.55 ? 60  THR A OG1 1 
ATOM   492  C  CG2 . THR A 1 60  ? -17.885 -6.024  13.915  1.00 26.03 ? 60  THR A CG2 1 
ATOM   493  N  N   . SER A 1 61  ? -13.401 -6.466  15.069  1.00 21.61 ? 61  SER A N   1 
ATOM   494  C  CA  . SER A 1 61  ? -12.180 -6.975  15.599  1.00 21.37 ? 61  SER A CA  1 
ATOM   495  C  C   . SER A 1 61  ? -11.252 -5.816  15.977  1.00 21.05 ? 61  SER A C   1 
ATOM   496  O  O   . SER A 1 61  ? -10.437 -5.922  16.850  1.00 21.18 ? 61  SER A O   1 
ATOM   497  C  CB  . SER A 1 61  ? -11.514 -7.906  14.573  1.00 22.58 ? 61  SER A CB  1 
ATOM   498  O  OG  . SER A 1 61  ? -11.092 -7.144  13.455  1.00 21.68 ? 61  SER A OG  1 
ATOM   499  N  N   . GLY A 1 62  ? -11.435 -4.668  15.333  1.00 19.98 ? 62  GLY A N   1 
ATOM   500  C  CA  . GLY A 1 62  ? -10.490 -3.556  15.503  1.00 19.98 ? 62  GLY A CA  1 
ATOM   501  C  C   . GLY A 1 62  ? -9.053  -3.849  15.022  1.00 19.76 ? 62  GLY A C   1 
ATOM   502  O  O   . GLY A 1 62  ? -8.099  -3.335  15.604  1.00 21.35 ? 62  GLY A O   1 
ATOM   503  N  N   . LYS A 1 63  ? -8.913  -4.709  14.004  1.00 17.59 ? 63  LYS A N   1 
ATOM   504  C  CA  . LYS A 1 63  ? -7.599  -5.031  13.416  1.00 15.94 ? 63  LYS A CA  1 
ATOM   505  C  C   . LYS A 1 63  ? -7.589  -4.505  11.981  1.00 13.68 ? 63  LYS A C   1 
ATOM   506  O  O   . LYS A 1 63  ? -8.635  -4.349  11.318  1.00 13.63 ? 63  LYS A O   1 
ATOM   507  C  CB  . LYS A 1 63  ? -7.335  -6.534  13.407  1.00 17.21 ? 63  LYS A CB  1 
ATOM   508  C  CG  . LYS A 1 63  ? -7.252  -7.226  14.805  1.00 25.11 ? 63  LYS A CG  1 
ATOM   509  C  CD  . LYS A 1 63  ? -6.003  -6.841  15.576  1.00 31.96 ? 63  LYS A CD  1 
ATOM   510  C  CE  . LYS A 1 63  ? -6.181  -7.063  17.112  1.00 37.73 ? 63  LYS A CE  1 
ATOM   511  N  NZ  . LYS A 1 63  ? -5.074  -6.344  17.836  1.00 38.70 ? 63  LYS A NZ  1 
ATOM   512  N  N   . ILE A 1 64  ? -6.390  -4.269  11.490  1.00 11.42 ? 64  ILE A N   1 
ATOM   513  C  CA  . ILE A 1 64  ? -6.245  -3.883  10.093  1.00 11.21 ? 64  ILE A CA  1 
ATOM   514  C  C   . ILE A 1 64  ? -6.465  -5.127  9.208   1.00 10.76 ? 64  ILE A C   1 
ATOM   515  O  O   . ILE A 1 64  ? -5.828  -6.181  9.389   1.00 12.56 ? 64  ILE A O   1 
ATOM   516  C  CB  . ILE A 1 64  ? -4.831  -3.313  9.854   1.00 9.80  ? 64  ILE A CB  1 
ATOM   517  C  CG1 . ILE A 1 64  ? -4.524  -2.171  10.853  1.00 11.32 ? 64  ILE A CG1 1 
ATOM   518  C  CG2 . ILE A 1 64  ? -4.644  -2.866  8.362   1.00 8.95  ? 64  ILE A CG2 1 
ATOM   519  C  CD1 . ILE A 1 64  ? -5.523  -1.040  10.820  1.00 12.53 ? 64  ILE A CD1 1 
ATOM   520  N  N   . ALA A 1 65  ? -7.365  -4.977  8.274   1.00 10.35 ? 65  ALA A N   1 
ATOM   521  C  CA  . ALA A 1 65  ? -7.740  -6.026  7.339   1.00 11.22 ? 65  ALA A CA  1 
ATOM   522  C  C   . ALA A 1 65  ? -7.046  -5.970  5.961   1.00 10.21 ? 65  ALA A C   1 
ATOM   523  O  O   . ALA A 1 65  ? -6.937  -6.938  5.264   1.00 11.00 ? 65  ALA A O   1 
ATOM   524  C  CB  . ALA A 1 65  ? -9.291  -5.934  7.111   1.00 11.87 ? 65  ALA A CB  1 
ATOM   525  N  N   . ALA A 1 66  ? -6.657  -4.786  5.551   1.00 9.98  ? 66  ALA A N   1 
ATOM   526  C  CA  . ALA A 1 66  ? -5.943  -4.603  4.276   1.00 8.34  ? 66  ALA A CA  1 
ATOM   527  C  C   . ALA A 1 66  ? -5.127  -3.346  4.320   1.00 7.62  ? 66  ALA A C   1 
ATOM   528  O  O   . ALA A 1 66  ? -5.361  -2.439  5.141   1.00 8.98  ? 66  ALA A O   1 
ATOM   529  C  CB  . ALA A 1 66  ? -6.997  -4.509  3.101   1.00 8.63  ? 66  ALA A CB  1 
ATOM   530  N  N   . THR A 1 67  ? -4.090  -3.275  3.491   1.00 8.52  ? 67  THR A N   1 
ATOM   531  C  CA  . THR A 1 67  ? -3.191  -2.138  3.445   1.00 7.72  ? 67  THR A CA  1 
ATOM   532  C  C   . THR A 1 67  ? -2.530  -2.043  2.064   1.00 7.45  ? 67  THR A C   1 
ATOM   533  O  O   . THR A 1 67  ? -2.451  -3.031  1.321   1.00 8.37  ? 67  THR A O   1 
ATOM   534  C  CB  . THR A 1 67  ? -2.122  -2.212  4.541   1.00 8.28  ? 67  THR A CB  1 
ATOM   535  O  OG1 . THR A 1 67  ? -1.386  -0.968  4.561   1.00 8.05  ? 67  THR A OG1 1 
ATOM   536  C  CG2 . THR A 1 67  ? -1.152  -3.381  4.390   1.00 8.92  ? 67  THR A CG2 1 
ATOM   537  N  N   . GLY A 1 68  ? -2.046  -0.825  1.768   1.00 8.23  ? 68  GLY A N   1 
ATOM   538  C  CA  . GLY A 1 68  ? -1.245  -0.612  0.553   1.00 8.78  ? 68  GLY A CA  1 
ATOM   539  C  C   . GLY A 1 68  ? -0.691  0.770   0.678   1.00 8.25  ? 68  GLY A C   1 
ATOM   540  O  O   . GLY A 1 68  ? -1.239  1.658   1.320   1.00 9.62  ? 68  GLY A O   1 
ATOM   541  N  N   . SER A 1 69  ? 0.439   0.985   0.018   1.00 6.76  ? 69  SER A N   1 
ATOM   542  C  CA  A SER A 1 69  ? 1.202   2.232   0.109   0.51 7.65  ? 69  SER A CA  1 
ATOM   543  C  CA  B SER A 1 69  ? 1.079   2.312   0.110   0.49 7.19  ? 69  SER A CA  1 
ATOM   544  C  C   . SER A 1 69  ? 1.439   2.849   -1.261  1.00 6.93  ? 69  SER A C   1 
ATOM   545  O  O   . SER A 1 69  ? 1.440   2.125   -2.274  1.00 8.39  ? 69  SER A O   1 
ATOM   546  C  CB  A SER A 1 69  ? 2.580   1.949   0.711   0.51 7.88  ? 69  SER A CB  1 
ATOM   547  C  CB  B SER A 1 69  ? 2.357   2.318   0.969   0.49 7.55  ? 69  SER A CB  1 
ATOM   548  O  OG  A SER A 1 69  ? 2.456   1.294   1.970   0.51 11.53 ? 69  SER A OG  1 
ATOM   549  O  OG  B SER A 1 69  ? 3.334   1.596   0.264   0.49 7.81  ? 69  SER A OG  1 
ATOM   550  N  N   . VAL A 1 70  ? 1.647   4.156   -1.308  1.00 7.93  ? 70  VAL A N   1 
ATOM   551  C  CA  . VAL A 1 70  ? 2.222   4.711   -2.573  1.00 7.91  ? 70  VAL A CA  1 
ATOM   552  C  C   . VAL A 1 70  ? 3.262   5.778   -2.298  1.00 8.98  ? 70  VAL A C   1 
ATOM   553  O  O   . VAL A 1 70  ? 3.081   6.604   -1.411  1.00 9.03  ? 70  VAL A O   1 
ATOM   554  C  CB  . VAL A 1 70  ? 1.023   5.225   -3.486  1.00 6.86  ? 70  VAL A CB  1 
ATOM   555  C  CG1 . VAL A 1 70  ? 0.297   6.470   -2.871  1.00 11.53 ? 70  VAL A CG1 1 
ATOM   556  C  CG2 . VAL A 1 70  ? 1.588   5.534   -4.899  1.00 7.68  ? 70  VAL A CG2 1 
ATOM   557  N  N   . MET A 1 71  ? 4.346   5.738   -3.045  1.00 6.34  ? 71  MET A N   1 
ATOM   558  C  CA  . MET A 1 71  ? 5.408   6.695   -2.953  1.00 7.66  ? 71  MET A CA  1 
ATOM   559  C  C   . MET A 1 71  ? 5.496   7.409   -4.271  1.00 8.03  ? 71  MET A C   1 
ATOM   560  O  O   . MET A 1 71  ? 5.613   6.719   -5.338  1.00 8.54  ? 71  MET A O   1 
ATOM   561  C  CB  . MET A 1 71  ? 6.717   6.006   -2.600  1.00 8.87  ? 71  MET A CB  1 
ATOM   562  C  CG  . MET A 1 71  ? 7.741   7.087   -2.433  1.00 8.93  ? 71  MET A CG  1 
ATOM   563  S  SD  . MET A 1 71  ? 9.280   6.386   -1.785  1.00 20.02 ? 71  MET A SD  1 
ATOM   564  C  CE  . MET A 1 71  ? 9.820   5.694   -3.048  1.00 14.84 ? 71  MET A CE  1 
ATOM   565  N  N   . ILE A 1 72  ? 5.421   8.752   -4.226  1.00 6.94  ? 72  ILE A N   1 
ATOM   566  C  CA  . ILE A 1 72  ? 5.440   9.554   -5.443  1.00 9.28  ? 72  ILE A CA  1 
ATOM   567  C  C   . ILE A 1 72  ? 6.867   9.953   -5.729  1.00 8.48  ? 72  ILE A C   1 
ATOM   568  O  O   . ILE A 1 72  ? 7.621   10.503  -4.874  1.00 10.27 ? 72  ILE A O   1 
ATOM   569  C  CB  . ILE A 1 72  ? 4.472   10.763  -5.317  1.00 8.46  ? 72  ILE A CB  1 
ATOM   570  C  CG1 . ILE A 1 72  ? 3.045   10.233  -5.275  1.00 13.06 ? 72  ILE A CG1 1 
ATOM   571  C  CG2 . ILE A 1 72  ? 4.515   11.630  -6.581  1.00 11.78 ? 72  ILE A CG2 1 
ATOM   572  C  CD1 . ILE A 1 72  ? 1.935   11.384  -5.071  1.00 15.52 ? 72  ILE A CD1 1 
ATOM   573  N  N   . GLU A 1 73  ? 7.268   9.637   -6.964  1.00 7.48  ? 73  GLU A N   1 
ATOM   574  C  CA  . GLU A 1 73  ? 8.640   9.896   -7.479  1.00 7.04  ? 73  GLU A CA  1 
ATOM   575  C  C   . GLU A 1 73  ? 8.582   11.106  -8.416  1.00 7.76  ? 73  GLU A C   1 
ATOM   576  O  O   . GLU A 1 73  ? 7.870   11.027  -9.426  1.00 9.08  ? 73  GLU A O   1 
ATOM   577  C  CB  . GLU A 1 73  ? 9.077   8.708   -8.290  1.00 6.91  ? 73  GLU A CB  1 
ATOM   578  C  CG  . GLU A 1 73  ? 10.546  8.938   -8.848  1.00 7.31  ? 73  GLU A CG  1 
ATOM   579  C  CD  . GLU A 1 73  ? 10.827  8.030   -10.000 1.00 8.48  ? 73  GLU A CD  1 
ATOM   580  O  OE1 . GLU A 1 73  ? 11.816  8.225   -10.742 1.00 10.16 ? 73  GLU A OE1 1 
ATOM   581  O  OE2 . GLU A 1 73  ? 10.073  7.087   -10.309 1.00 10.13 ? 73  GLU A OE2 1 
ATOM   582  N  N   . LYS A 1 74  ? 9.337   12.140  -8.111  1.00 6.27  ? 74  LYS A N   1 
ATOM   583  C  CA  . LYS A 1 74  ? 9.481   13.257  -9.066  1.00 7.03  ? 74  LYS A CA  1 
ATOM   584  C  C   . LYS A 1 74  ? 10.541  12.944  -10.081 1.00 9.11  ? 74  LYS A C   1 
ATOM   585  O  O   . LYS A 1 74  ? 11.626  12.485  -9.732  1.00 9.00  ? 74  LYS A O   1 
ATOM   586  C  CB  . LYS A 1 74  ? 9.867   14.490  -8.310  1.00 9.47  ? 74  LYS A CB  1 
ATOM   587  C  CG  . LYS A 1 74  ? 8.720   14.965  -7.353  1.00 10.61 ? 74  LYS A CG  1 
ATOM   588  C  CD  . LYS A 1 74  ? 9.106   16.217  -6.604  1.00 16.35 ? 74  LYS A CD  1 
ATOM   589  C  CE  . LYS A 1 74  ? 7.947   16.536  -5.660  1.00 20.46 ? 74  LYS A CE  1 
ATOM   590  N  NZ  . LYS A 1 74  ? 8.179   15.838  -4.328  1.00 28.66 ? 74  LYS A NZ  1 
ATOM   591  N  N   . LYS A 1 75  ? 10.250  13.244  -11.355 1.00 7.78  ? 75  LYS A N   1 
ATOM   592  C  CA  . LYS A 1 75  ? 11.163  12.962  -12.475 1.00 8.26  ? 75  LYS A CA  1 
ATOM   593  C  C   . LYS A 1 75  ? 11.461  14.193  -13.271 1.00 8.35  ? 75  LYS A C   1 
ATOM   594  O  O   . LYS A 1 75  ? 10.802  15.257  -13.013 1.00 8.03  ? 75  LYS A O   1 
ATOM   595  C  CB  . LYS A 1 75  ? 10.494  11.941  -13.413 1.00 10.72 ? 75  LYS A CB  1 
ATOM   596  C  CG  . LYS A 1 75  ? 10.225  10.583  -12.757 1.00 8.56  ? 75  LYS A CG  1 
ATOM   597  C  CD  . LYS A 1 75  ? 9.664   9.671   -13.827 1.00 8.87  ? 75  LYS A CD  1 
ATOM   598  C  CE  . LYS A 1 75  ? 9.448   8.214   -13.413 1.00 9.02  ? 75  LYS A CE  1 
ATOM   599  N  NZ  . LYS A 1 75  ? 10.770  7.494   -13.219 1.00 8.87  ? 75  LYS A NZ  1 
ATOM   600  N  N   . PHE A 1 76  ? 12.375  14.120  -14.238 1.00 9.26  ? 76  PHE A N   1 
ATOM   601  C  CA  . PHE A 1 76  ? 12.536  15.186  -15.225 1.00 8.81  ? 76  PHE A CA  1 
ATOM   602  C  C   . PHE A 1 76  ? 11.754  14.904  -16.479 1.00 9.74  ? 76  PHE A C   1 
ATOM   603  O  O   . PHE A 1 76  ? 11.248  15.818  -17.124 1.00 11.79 ? 76  PHE A O   1 
ATOM   604  C  CB  . PHE A 1 76  ? 14.045  15.384  -15.603 1.00 9.09  ? 76  PHE A CB  1 
ATOM   605  C  CG  . PHE A 1 76  ? 14.868  16.013  -14.516 1.00 7.68  ? 76  PHE A CG  1 
ATOM   606  C  CD1 . PHE A 1 76  ? 14.969  17.404  -14.411 1.00 9.06  ? 76  PHE A CD1 1 
ATOM   607  C  CD2 . PHE A 1 76  ? 15.538  15.250  -13.625 1.00 9.05  ? 76  PHE A CD2 1 
ATOM   608  C  CE1 . PHE A 1 76  ? 15.705  17.955  -13.384 1.00 10.16 ? 76  PHE A CE1 1 
ATOM   609  C  CE2 . PHE A 1 76  ? 16.273  15.824  -12.603 1.00 8.75  ? 76  PHE A CE2 1 
ATOM   610  C  CZ  . PHE A 1 76  ? 16.371  17.188  -12.515 1.00 8.22  ? 76  PHE A CZ  1 
ATOM   611  N  N   . LEU A 1 77  ? 11.618  13.658  -16.848 1.00 9.93  ? 77  LEU A N   1 
ATOM   612  C  CA  . LEU A 1 77  ? 10.820  13.338  -18.061 1.00 11.82 ? 77  LEU A CA  1 
ATOM   613  C  C   . LEU A 1 77  ? 9.326   13.589  -17.799 1.00 9.72  ? 77  LEU A C   1 
ATOM   614  O  O   . LEU A 1 77  ? 8.835   13.907  -16.688 1.00 11.02 ? 77  LEU A O   1 
ATOM   615  C  CB  . LEU A 1 77  ? 11.264  11.992  -18.695 1.00 10.82 ? 77  LEU A CB  1 
ATOM   616  C  CG  . LEU A 1 77  ? 11.028  10.776  -17.808 1.00 10.47 ? 77  LEU A CG  1 
ATOM   617  C  CD1 . LEU A 1 77  ? 9.530   10.363  -17.673 1.00 13.99 ? 77  LEU A CD1 1 
ATOM   618  C  CD2 . LEU A 1 77  ? 11.885  9.658   -18.216 1.00 14.01 ? 77  LEU A CD2 1 
ATOM   619  N  N   . ARG A 1 78  ? 8.518   13.561  -18.884 1.00 10.02 ? 78  ARG A N   1 
ATOM   620  C  CA  . ARG A 1 78  ? 7.110   13.847  -18.740 1.00 11.18 ? 78  ARG A CA  1 
ATOM   621  C  C   . ARG A 1 78  ? 6.862   15.265  -18.173 1.00 11.54 ? 78  ARG A C   1 
ATOM   622  O  O   . ARG A 1 78  ? 6.029   15.499  -17.362 1.00 13.05 ? 78  ARG A O   1 
ATOM   623  C  CB  . ARG A 1 78  ? 6.315   12.724  -17.978 1.00 11.56 ? 78  ARG A CB  1 
ATOM   624  C  CG  . ARG A 1 78  ? 6.069   11.477  -18.861 1.00 12.34 ? 78  ARG A CG  1 
ATOM   625  C  CD  . ARG A 1 78  ? 4.780   11.810  -19.690 1.00 20.52 ? 78  ARG A CD  1 
ATOM   626  N  NE  . ARG A 1 78  ? 4.116   10.621  -20.261 1.00 18.33 ? 78  ARG A NE  1 
ATOM   627  C  CZ  . ARG A 1 78  ? 2.807   10.516  -20.346 1.00 15.89 ? 78  ARG A CZ  1 
ATOM   628  N  NH1 . ARG A 1 78  ? 1.999   11.569  -19.914 1.00 17.94 ? 78  ARG A NH1 1 
ATOM   629  N  NH2 . ARG A 1 78  ? 2.287   9.396   -20.901 1.00 23.51 ? 78  ARG A NH2 1 
ATOM   630  N  N   . ASN A 1 79  ? 7.646   16.237  -18.719 1.00 13.01 ? 79  ASN A N   1 
ATOM   631  C  CA  . ASN A 1 79  ? 7.515   17.644  -18.310 1.00 14.15 ? 79  ASN A CA  1 
ATOM   632  C  C   . ASN A 1 79  ? 7.688   17.800  -16.835 1.00 11.91 ? 79  ASN A C   1 
ATOM   633  O  O   . ASN A 1 79  ? 6.887   18.377  -16.136 1.00 13.17 ? 79  ASN A O   1 
ATOM   634  C  CB  . ASN A 1 79  ? 6.166   18.234  -18.814 1.00 16.10 ? 79  ASN A CB  1 
ATOM   635  C  CG  . ASN A 1 79  ? 6.199   18.543  -20.300 1.00 19.81 ? 79  ASN A CG  1 
ATOM   636  O  OD1 . ASN A 1 79  ? 6.662   19.606  -20.685 1.00 23.51 ? 79  ASN A OD1 1 
ATOM   637  N  ND2 . ASN A 1 79  ? 5.706   17.610  -21.128 1.00 17.52 ? 79  ASN A ND2 1 
ATOM   638  N  N   . CYS A 1 80  ? 8.788   17.242  -16.348 1.00 10.41 ? 80  CYS A N   1 
ATOM   639  C  CA  . CYS A 1 80  ? 9.029   17.245  -14.857 1.00 9.83  ? 80  CYS A CA  1 
ATOM   640  C  C   . CYS A 1 80  ? 7.774   16.650  -14.147 1.00 10.11 ? 80  CYS A C   1 
ATOM   641  O  O   . CYS A 1 80  ? 7.172   17.241  -13.214 1.00 12.61 ? 80  CYS A O   1 
ATOM   642  C  CB  . CYS A 1 80  ? 9.443   18.613  -14.302 1.00 9.07  ? 80  CYS A CB  1 
ATOM   643  S  SG  . CYS A 1 80  ? 11.094  19.061  -14.959 1.00 13.45 ? 80  CYS A SG  1 
ATOM   644  N  N   . GLY A 1 81  ? 7.422   15.444  -14.609 1.00 10.48 ? 81  GLY A N   1 
ATOM   645  C  CA  . GLY A 1 81  ? 6.261   14.738  -14.081 1.00 9.82  ? 81  GLY A CA  1 
ATOM   646  C  C   . GLY A 1 81  ? 6.521   13.983  -12.797 1.00 9.50  ? 81  GLY A C   1 
ATOM   647  O  O   . GLY A 1 81  ? 7.610   13.989  -12.264 1.00 10.91 ? 81  GLY A O   1 
ATOM   648  N  N   . LYS A 1 82  ? 5.454   13.304  -12.374 1.00 8.23  ? 82  LYS A N   1 
ATOM   649  C  CA  . LYS A 1 82  ? 5.431   12.542  -11.113 1.00 10.41 ? 82  LYS A CA  1 
ATOM   650  C  C   . LYS A 1 82  ? 4.802   11.224  -11.351 1.00 8.31  ? 82  LYS A C   1 
ATOM   651  O  O   . LYS A 1 82  ? 3.761   11.122  -12.042 1.00 8.66  ? 82  LYS A O   1 
ATOM   652  C  CB  . LYS A 1 82  ? 4.637   13.295  -10.010 1.00 12.32 ? 82  LYS A CB  1 
ATOM   653  C  CG  . LYS A 1 82  ? 5.322   14.509  -9.536  1.00 20.02 ? 82  LYS A CG  1 
ATOM   654  C  CD  . LYS A 1 82  ? 4.620   14.984  -8.288  1.00 23.26 ? 82  LYS A CD  1 
ATOM   655  C  CE  . LYS A 1 82  ? 3.229   15.403  -8.525  1.00 22.42 ? 82  LYS A CE  1 
ATOM   656  N  NZ  . LYS A 1 82  ? 2.920   16.551  -7.488  1.00 23.07 ? 82  LYS A NZ  1 
ATOM   657  N  N   . ALA A 1 83  ? 5.450   10.152  -10.872 1.00 7.99  ? 83  ALA A N   1 
ATOM   658  C  CA  . ALA A 1 83  ? 4.902   8.805   -10.978 1.00 7.25  ? 83  ALA A CA  1 
ATOM   659  C  C   . ALA A 1 83  ? 4.635   8.237   -9.614  1.00 7.12  ? 83  ALA A C   1 
ATOM   660  O  O   . ALA A 1 83  ? 5.558   8.263   -8.745  1.00 8.69  ? 83  ALA A O   1 
ATOM   661  C  CB  . ALA A 1 83  ? 5.917   7.877   -11.721 1.00 8.10  ? 83  ALA A CB  1 
ATOM   662  N  N   . GLY A 1 84  ? 3.521   7.535   -9.469  1.00 7.90  ? 84  GLY A N   1 
ATOM   663  C  CA  . GLY A 1 84  ? 3.193   6.865   -8.184  1.00 8.14  ? 84  GLY A CA  1 
ATOM   664  C  C   . GLY A 1 84  ? 3.671   5.431   -8.234  1.00 9.09  ? 84  GLY A C   1 
ATOM   665  O  O   . GLY A 1 84  ? 3.419   4.730   -9.204  1.00 10.52 ? 84  GLY A O   1 
ATOM   666  N  N   . HIS A 1 85  ? 4.374   4.993   -7.198  1.00 6.95  ? 85  HIS A N   1 
ATOM   667  C  CA  . HIS A 1 85  ? 4.819   3.580   -7.054  1.00 6.31  ? 85  HIS A CA  1 
ATOM   668  C  C   . HIS A 1 85  ? 3.985   2.928   -5.952  1.00 6.46  ? 85  HIS A C   1 
ATOM   669  O  O   . HIS A 1 85  ? 4.184   3.257   -4.751  1.00 7.16  ? 85  HIS A O   1 
ATOM   670  C  CB  . HIS A 1 85  ? 6.292   3.573   -6.620  1.00 7.06  ? 85  HIS A CB  1 
ATOM   671  C  CG  . HIS A 1 85  ? 7.221   4.200   -7.619  1.00 6.43  ? 85  HIS A CG  1 
ATOM   672  N  ND1 . HIS A 1 85  ? 7.841   3.427   -8.580  1.00 12.37 ? 85  HIS A ND1 1 
ATOM   673  C  CD2 . HIS A 1 85  ? 7.509   5.478   -7.911  1.00 9.36  ? 85  HIS A CD2 1 
ATOM   674  C  CE1 . HIS A 1 85  ? 8.568   4.216   -9.374  1.00 11.89 ? 85  HIS A CE1 1 
ATOM   675  N  NE2 . HIS A 1 85  ? 8.392   5.472   -8.995  1.00 9.77  ? 85  HIS A NE2 1 
ATOM   676  N  N   . ILE A 1 86  ? 3.009   2.097   -6.300  1.00 6.73  ? 86  ILE A N   1 
ATOM   677  C  CA  . ILE A 1 86  ? 2.140   1.423   -5.298  1.00 6.49  ? 86  ILE A CA  1 
ATOM   678  C  C   . ILE A 1 86  ? 2.957   0.185   -4.858  1.00 6.58  ? 86  ILE A C   1 
ATOM   679  O  O   . ILE A 1 86  ? 3.572   -0.574  -5.653  1.00 9.08  ? 86  ILE A O   1 
ATOM   680  C  CB  . ILE A 1 86  ? 0.830   1.016   -5.891  1.00 5.67  ? 86  ILE A CB  1 
ATOM   681  C  CG1 . ILE A 1 86  ? -0.068  2.251   -6.002  1.00 6.73  ? 86  ILE A CG1 1 
ATOM   682  C  CG2 . ILE A 1 86  ? 0.154   -0.062  -5.074  1.00 10.24 ? 86  ILE A CG2 1 
ATOM   683  C  CD1 . ILE A 1 86  ? -1.359  2.057   -6.759  1.00 11.60 ? 86  ILE A CD1 1 
ATOM   684  N  N   . GLU A 1 87  ? 3.010   0.054   -3.543  1.00 6.66  ? 87  GLU A N   1 
ATOM   685  C  CA  . GLU A 1 87  ? 3.831   -0.970  -2.823  1.00 6.25  ? 87  GLU A CA  1 
ATOM   686  C  C   . GLU A 1 87  ? 3.063   -1.606  -1.676  1.00 8.27  ? 87  GLU A C   1 
ATOM   687  O  O   . GLU A 1 87  ? 2.096   -1.012  -1.156  1.00 7.27  ? 87  GLU A O   1 
ATOM   688  C  CB  . GLU A 1 87  ? 5.082   -0.318  -2.196  1.00 8.82  ? 87  GLU A CB  1 
ATOM   689  C  CG  . GLU A 1 87  ? 6.047   0.166   -3.283  1.00 8.11  ? 87  GLU A CG  1 
ATOM   690  C  CD  . GLU A 1 87  ? 6.867   -0.942  -3.867  1.00 12.07 ? 87  GLU A CD  1 
ATOM   691  O  OE1 . GLU A 1 87  ? 7.178   -1.983  -3.170  1.00 12.85 ? 87  GLU A OE1 1 
ATOM   692  O  OE2 . GLU A 1 87  ? 7.284   -0.848  -5.061  1.00 12.01 ? 87  GLU A OE2 1 
ATOM   693  N  N   . ASP A 1 88  ? 3.487   -2.787  -1.250  1.00 7.07  ? 88  ASP A N   1 
ATOM   694  C  CA  . ASP A 1 88  ? 3.089   -3.343  0.051   1.00 7.21  ? 88  ASP A CA  1 
ATOM   695  C  C   . ASP A 1 88  ? 1.584   -3.488  0.198   1.00 7.58  ? 88  ASP A C   1 
ATOM   696  O  O   . ASP A 1 88  ? 0.976   -3.153  1.233   1.00 8.96  ? 88  ASP A O   1 
ATOM   697  C  CB  . ASP A 1 88  ? 3.738   -2.535  1.198   1.00 7.91  ? 88  ASP A CB  1 
ATOM   698  C  CG  . ASP A 1 88  ? 5.281   -2.518  1.181   1.00 8.50  ? 88  ASP A CG  1 
ATOM   699  O  OD1 . ASP A 1 88  ? 5.854   -3.303  0.359   1.00 10.70 ? 88  ASP A OD1 1 
ATOM   700  O  OD2 . ASP A 1 88  ? 5.826   -1.735  1.928   1.00 9.74  ? 88  ASP A OD2 1 
ATOM   701  N  N   . VAL A 1 89  ? 0.972   -3.936  -0.898  1.00 8.38  ? 89  VAL A N   1 
ATOM   702  C  CA  . VAL A 1 89  ? -0.492  -4.253  -0.933  1.00 8.23  ? 89  VAL A CA  1 
ATOM   703  C  C   . VAL A 1 89  ? -0.766  -5.655  -0.405  1.00 8.08  ? 89  VAL A C   1 
ATOM   704  O  O   . VAL A 1 89  ? -0.208  -6.626  -0.871  1.00 10.90 ? 89  VAL A O   1 
ATOM   705  C  CB  . VAL A 1 89  ? -0.997  -4.115  -2.356  1.00 8.38  ? 89  VAL A CB  1 
ATOM   706  C  CG1 . VAL A 1 89  ? -2.511  -4.473  -2.366  1.00 10.48 ? 89  VAL A CG1 1 
ATOM   707  C  CG2 . VAL A 1 89  ? -0.825  -2.646  -2.916  1.00 11.50 ? 89  VAL A CG2 1 
ATOM   708  N  N   . VAL A 1 90  ? -1.584  -5.742  0.660   1.00 8.29  ? 90  VAL A N   1 
ATOM   709  C  CA  . VAL A 1 90  ? -1.852  -7.088  1.246   1.00 10.11 ? 90  VAL A CA  1 
ATOM   710  C  C   . VAL A 1 90  ? -3.218  -7.032  1.908   1.00 10.05 ? 90  VAL A C   1 
ATOM   711  O  O   . VAL A 1 90  ? -3.619  -6.017  2.470   1.00 8.42  ? 90  VAL A O   1 
ATOM   712  C  CB  . VAL A 1 90  ? -0.696  -7.547  2.194   1.00 12.51 ? 90  VAL A CB  1 
ATOM   713  C  CG1 . VAL A 1 90  ? -0.525  -6.674  3.238   1.00 16.36 ? 90  VAL A CG1 1 
ATOM   714  C  CG2 . VAL A 1 90  ? -0.984  -8.946  2.777   1.00 16.17 ? 90  VAL A CG2 1 
ATOM   715  N  N   . VAL A 1 91  ? -3.987  -8.102  1.694   1.00 10.60 ? 91  VAL A N   1 
ATOM   716  C  CA  . VAL A 1 91  ? -5.287  -8.298  2.341   1.00 10.18 ? 91  VAL A CA  1 
ATOM   717  C  C   . VAL A 1 91  ? -5.185  -9.497  3.241   1.00 10.23 ? 91  VAL A C   1 
ATOM   718  O  O   . VAL A 1 91  ? -4.660  -10.542 2.823   1.00 12.75 ? 91  VAL A O   1 
ATOM   719  C  CB  . VAL A 1 91  ? -6.380  -8.491  1.274   1.00 10.08 ? 91  VAL A CB  1 
ATOM   720  C  CG1 . VAL A 1 91  ? -7.793  -8.658  1.971   1.00 12.90 ? 91  VAL A CG1 1 
ATOM   721  C  CG2 . VAL A 1 91  ? -6.390  -7.339  0.410   1.00 12.75 ? 91  VAL A CG2 1 
ATOM   722  N  N   . ASP A 1 92  ? -5.665  -9.379  4.480   1.00 10.53 ? 92  ASP A N   1 
ATOM   723  C  CA  . ASP A 1 92  ? -5.699  -10.535 5.412   1.00 12.37 ? 92  ASP A CA  1 
ATOM   724  C  C   . ASP A 1 92  ? -6.428  -11.709 4.714   1.00 14.43 ? 92  ASP A C   1 
ATOM   725  O  O   . ASP A 1 92  ? -7.500  -11.494 4.144   1.00 14.70 ? 92  ASP A O   1 
ATOM   726  C  CB  . ASP A 1 92  ? -6.383  -10.099 6.697   1.00 11.38 ? 92  ASP A CB  1 
ATOM   727  C  CG  . ASP A 1 92  ? -6.207  -11.106 7.820   1.00 16.65 ? 92  ASP A CG  1 
ATOM   728  O  OD1 . ASP A 1 92  ? -6.100  -12.324 7.625   1.00 18.10 ? 92  ASP A OD1 1 
ATOM   729  O  OD2 . ASP A 1 92  ? -6.273  -10.647 8.957   1.00 23.76 ? 92  ASP A OD2 1 
ATOM   730  N  N   . SER A 1 93  ? -5.835  -12.888 4.810   1.00 15.26 ? 93  SER A N   1 
ATOM   731  C  CA  A SER A 1 93  ? -6.375  -14.110 4.206   0.21 17.80 ? 93  SER A CA  1 
ATOM   732  C  CA  B SER A 1 93  ? -6.369  -14.090 4.159   0.79 18.08 ? 93  SER A CA  1 
ATOM   733  C  C   . SER A 1 93  ? -7.827  -14.340 4.629   1.00 18.97 ? 93  SER A C   1 
ATOM   734  O  O   . SER A 1 93  ? -8.659  -14.795 3.812   1.00 21.69 ? 93  SER A O   1 
ATOM   735  C  CB  A SER A 1 93  ? -5.512  -15.321 4.577   0.21 17.61 ? 93  SER A CB  1 
ATOM   736  C  CB  B SER A 1 93  ? -5.452  -15.297 4.418   0.79 18.44 ? 93  SER A CB  1 
ATOM   737  O  OG  A SER A 1 93  ? -4.181  -15.145 4.131   0.21 17.85 ? 93  SER A OG  1 
ATOM   738  O  OG  B SER A 1 93  ? -5.291  -15.505 5.813   0.79 21.84 ? 93  SER A OG  1 
ATOM   739  N  N   . ARG A 1 94  ? -8.135  -13.997 5.872   1.00 20.88 ? 94  ARG A N   1 
ATOM   740  C  CA  . ARG A 1 94  ? -9.518  -14.139 6.394   1.00 23.85 ? 94  ARG A CA  1 
ATOM   741  C  C   . ARG A 1 94  ? -10.520 -13.328 5.571   1.00 24.01 ? 94  ARG A C   1 
ATOM   742  O  O   . ARG A 1 94  ? -11.737 -13.627 5.527   1.00 25.22 ? 94  ARG A O   1 
ATOM   743  C  CB  . ARG A 1 94  ? -9.670  -13.577 7.818   1.00 25.62 ? 94  ARG A CB  1 
ATOM   744  C  CG  . ARG A 1 94  ? -8.702  -13.935 8.914   1.00 33.75 ? 94  ARG A CG  1 
ATOM   745  C  CD  . ARG A 1 94  ? -9.321  -13.634 10.318  1.00 43.85 ? 94  ARG A CD  1 
ATOM   746  N  NE  . ARG A 1 94  ? -8.953  -12.349 10.939  1.00 49.76 ? 94  ARG A NE  1 
ATOM   747  C  CZ  . ARG A 1 94  ? -7.726  -12.021 11.384  1.00 54.49 ? 94  ARG A CZ  1 
ATOM   748  N  NH1 . ARG A 1 94  ? -6.689  -12.857 11.229  1.00 53.28 ? 94  ARG A NH1 1 
ATOM   749  N  NH2 . ARG A 1 94  ? -7.517  -10.826 11.964  1.00 56.19 ? 94  ARG A NH2 1 
ATOM   750  N  N   . PHE A 1 95  ? -10.075 -12.221 5.005   1.00 20.22 ? 95  PHE A N   1 
ATOM   751  C  CA  . PHE A 1 95  ? -10.979 -11.262 4.403   1.00 21.67 ? 95  PHE A CA  1 
ATOM   752  C  C   . PHE A 1 95  ? -10.808 -11.229 2.908   1.00 21.81 ? 95  PHE A C   1 
ATOM   753  O  O   . PHE A 1 95  ? -11.121 -10.231 2.282   1.00 21.91 ? 95  PHE A O   1 
ATOM   754  C  CB  . PHE A 1 95  ? -10.768 -9.834  4.993   1.00 21.09 ? 95  PHE A CB  1 
ATOM   755  C  CG  . PHE A 1 95  ? -11.107 -9.694  6.491   1.00 23.04 ? 95  PHE A CG  1 
ATOM   756  C  CD1 . PHE A 1 95  ? -12.437 -9.847  6.953   1.00 25.47 ? 95  PHE A CD1 1 
ATOM   757  C  CD2 . PHE A 1 95  ? -10.119 -9.354  7.436   1.00 24.10 ? 95  PHE A CD2 1 
ATOM   758  C  CE1 . PHE A 1 95  ? -12.731 -9.730  8.279   1.00 27.65 ? 95  PHE A CE1 1 
ATOM   759  C  CE2 . PHE A 1 95  ? -10.437 -9.210  8.781   1.00 27.30 ? 95  PHE A CE2 1 
ATOM   760  C  CZ  . PHE A 1 95  ? -11.768 -9.404  9.199   1.00 28.60 ? 95  PHE A CZ  1 
ATOM   761  N  N   . ARG A 1 96  ? -10.263 -12.283 2.310   1.00 22.53 ? 96  ARG A N   1 
ATOM   762  C  CA  . ARG A 1 96  ? -10.114 -12.282 0.852   1.00 25.32 ? 96  ARG A CA  1 
ATOM   763  C  C   . ARG A 1 96  ? -11.507 -12.505 0.215   1.00 25.74 ? 96  ARG A C   1 
ATOM   764  O  O   . ARG A 1 96  ? -12.391 -13.009 0.890   1.00 26.66 ? 96  ARG A O   1 
ATOM   765  C  CB  . ARG A 1 96  ? -8.972  -13.207 0.396   1.00 27.53 ? 96  ARG A CB  1 
ATOM   766  C  CG  . ARG A 1 96  ? -7.605  -12.696 1.000   1.00 31.25 ? 96  ARG A CG  1 
ATOM   767  C  CD  . ARG A 1 96  ? -6.334  -13.079 0.258   1.00 32.94 ? 96  ARG A CD  1 
ATOM   768  N  NE  . ARG A 1 96  ? -5.224  -12.650 1.086   1.00 34.82 ? 96  ARG A NE  1 
ATOM   769  C  CZ  . ARG A 1 96  ? -4.079  -13.307 1.322   1.00 36.39 ? 96  ARG A CZ  1 
ATOM   770  N  NH1 . ARG A 1 96  ? -3.875  -14.514 0.767   1.00 37.96 ? 96  ARG A NH1 1 
ATOM   771  N  NH2 . ARG A 1 96  ? -3.132  -12.750 2.151   1.00 32.07 ? 96  ARG A NH2 1 
ATOM   772  N  N   . GLY A 1 97  ? -11.732 -11.970 -0.971  1.00 25.03 ? 97  GLY A N   1 
ATOM   773  C  CA  . GLY A 1 97  ? -13.106 -12.082 -1.572  1.00 25.07 ? 97  GLY A CA  1 
ATOM   774  C  C   . GLY A 1 97  ? -14.089 -10.976 -1.157  1.00 24.67 ? 97  GLY A C   1 
ATOM   775  O  O   . GLY A 1 97  ? -15.266 -10.965 -1.606  1.00 25.00 ? 97  GLY A O   1 
ATOM   776  N  N   . LYS A 1 98  ? -13.650 -10.061 -0.281  1.00 21.73 ? 98  LYS A N   1 
ATOM   777  C  CA  . LYS A 1 98  ? -14.480 -8.931  0.203   1.00 21.06 ? 98  LYS A CA  1 
ATOM   778  C  C   . LYS A 1 98  ? -14.200 -7.576  -0.513  1.00 19.98 ? 98  LYS A C   1 
ATOM   779  O  O   . LYS A 1 98  ? -14.641 -6.503  -0.074  1.00 22.04 ? 98  LYS A O   1 
ATOM   780  C  CB  . LYS A 1 98  ? -14.374 -8.883  1.715   1.00 22.00 ? 98  LYS A CB  1 
ATOM   781  C  CG  . LYS A 1 98  ? -14.875 -10.231 2.378   1.00 24.86 ? 98  LYS A CG  1 
ATOM   782  C  CD  . LYS A 1 98  ? -15.570 -10.028 3.753   1.00 31.13 ? 98  LYS A CD  1 
ATOM   783  C  CE  . LYS A 1 98  ? -16.684 -8.963  3.690   1.00 34.22 ? 98  LYS A CE  1 
ATOM   784  N  NZ  . LYS A 1 98  ? -18.123 -9.381  3.453   1.00 37.54 ? 98  LYS A NZ  1 
ATOM   785  N  N   A GLN A 1 99  ? -13.452 -7.705  -1.610  0.50 19.66 ? 99  GLN A N   1 
ATOM   786  N  N   B GLN A 1 99  ? -13.530 -7.630  -1.669  0.50 19.80 ? 99  GLN A N   1 
ATOM   787  C  CA  A GLN A 1 99  ? -13.121 -6.622  -2.473  0.50 18.94 ? 99  GLN A CA  1 
ATOM   788  C  CA  B GLN A 1 99  ? -13.215 -6.452  -2.468  0.50 19.58 ? 99  GLN A CA  1 
ATOM   789  C  C   A GLN A 1 99  ? -12.304 -5.508  -1.785  0.50 17.01 ? 99  GLN A C   1 
ATOM   790  C  C   B GLN A 1 99  ? -12.248 -5.463  -1.809  0.50 17.30 ? 99  GLN A C   1 
ATOM   791  O  O   A GLN A 1 99  ? -12.281 -4.339  -2.194  0.50 18.35 ? 99  GLN A O   1 
ATOM   792  O  O   B GLN A 1 99  ? -12.083 -4.312  -2.266  0.50 18.10 ? 99  GLN A O   1 
ATOM   793  C  CB  A GLN A 1 99  ? -14.384 -6.118  -3.152  0.50 19.82 ? 99  GLN A CB  1 
ATOM   794  C  CB  B GLN A 1 99  ? -14.471 -5.696  -2.929  0.50 20.64 ? 99  GLN A CB  1 
ATOM   795  C  CG  A GLN A 1 99  ? -15.069 -7.198  -4.055  0.50 21.65 ? 99  GLN A CG  1 
ATOM   796  C  CG  B GLN A 1 99  ? -15.482 -6.554  -3.715  0.50 23.89 ? 99  GLN A CG  1 
ATOM   797  C  CD  A GLN A 1 99  ? -15.615 -8.404  -3.299  0.50 20.72 ? 99  GLN A CD  1 
ATOM   798  C  CD  B GLN A 1 99  ? -14.835 -7.392  -4.832  0.50 27.88 ? 99  GLN A CD  1 
ATOM   799  O  OE1 A GLN A 1 99  ? -16.183 -8.253  -2.216  0.50 25.22 ? 99  GLN A OE1 1 
ATOM   800  O  OE1 B GLN A 1 99  ? -14.170 -6.865  -5.721  0.50 29.49 ? 99  GLN A OE1 1 
ATOM   801  N  NE2 A GLN A 1 99  ? -15.496 -9.603  -3.897  0.50 14.29 ? 99  GLN A NE2 1 
ATOM   802  N  NE2 B GLN A 1 99  ? -15.036 -8.697  -4.772  0.50 29.56 ? 99  GLN A NE2 1 
ATOM   803  N  N   . LEU A 1 100 ? -11.555 -5.894  -0.758  1.00 15.80 ? 100 LEU A N   1 
ATOM   804  C  CA  . LEU A 1 100 ? -10.752 -4.907  -0.054  1.00 13.42 ? 100 LEU A CA  1 
ATOM   805  C  C   . LEU A 1 100 ? -9.512  -4.468  -0.838  1.00 12.18 ? 100 LEU A C   1 
ATOM   806  O  O   . LEU A 1 100 ? -9.112  -3.300  -0.776  1.00 11.90 ? 100 LEU A O   1 
ATOM   807  C  CB  . LEU A 1 100 ? -10.355 -5.455  1.326   1.00 13.30 ? 100 LEU A CB  1 
ATOM   808  C  CG  . LEU A 1 100 ? -11.511 -5.816  2.292   1.00 12.33 ? 100 LEU A CG  1 
ATOM   809  C  CD1 . LEU A 1 100 ? -10.855 -6.142  3.617   1.00 13.10 ? 100 LEU A CD1 1 
ATOM   810  C  CD2 . LEU A 1 100 ? -12.535 -4.617  2.467   1.00 15.86 ? 100 LEU A CD2 1 
ATOM   811  N  N   . GLY A 1 101 ? -8.886  -5.409  -1.553  1.00 12.67 ? 101 GLY A N   1 
ATOM   812  C  CA  . GLY A 1 101 ? -7.699  -4.967  -2.254  1.00 11.31 ? 101 GLY A CA  1 
ATOM   813  C  C   . GLY A 1 101 ? -7.987  -3.983  -3.352  1.00 11.31 ? 101 GLY A C   1 
ATOM   814  O  O   . GLY A 1 101 ? -7.252  -3.011  -3.507  1.00 10.43 ? 101 GLY A O   1 
ATOM   815  N  N   . LYS A 1 102 ? -9.149  -4.133  -4.038  1.00 11.52 ? 102 LYS A N   1 
ATOM   816  C  CA  . LYS A 1 102 ? -9.520  -3.135  -5.058  1.00 12.70 ? 102 LYS A CA  1 
ATOM   817  C  C   . LYS A 1 102 ? -9.712  -1.761  -4.396  1.00 10.05 ? 102 LYS A C   1 
ATOM   818  O  O   . LYS A 1 102 ? -9.358  -0.705  -4.955  1.00 10.56 ? 102 LYS A O   1 
ATOM   819  C  CB  . LYS A 1 102 ? -10.785 -3.588  -5.795  1.00 14.34 ? 102 LYS A CB  1 
ATOM   820  C  CG  . LYS A 1 102 ? -11.319 -2.562  -6.840  1.00 18.60 ? 102 LYS A CG  1 
ATOM   821  C  CD  . LYS A 1 102 ? -12.226 -3.332  -7.849  1.00 25.37 ? 102 LYS A CD  1 
ATOM   822  C  CE  . LYS A 1 102 ? -12.663 -2.470  -9.025  1.00 30.33 ? 102 LYS A CE  1 
ATOM   823  N  NZ  . LYS A 1 102 ? -13.663 -1.424  -8.628  1.00 32.22 ? 102 LYS A NZ  1 
ATOM   824  N  N   . LYS A 1 103 ? -10.376 -1.758  -3.233  1.00 10.51 ? 103 LYS A N   1 
ATOM   825  C  CA  . LYS A 1 103 ? -10.612 -0.489  -2.529  1.00 12.12 ? 103 LYS A CA  1 
ATOM   826  C  C   . LYS A 1 103 ? -9.282  0.215   -2.176  1.00 9.76  ? 103 LYS A C   1 
ATOM   827  O  O   . LYS A 1 103 ? -9.161  1.454   -2.273  1.00 10.56 ? 103 LYS A O   1 
ATOM   828  C  CB  . LYS A 1 103 ? -11.506 -0.693  -1.254  1.00 12.33 ? 103 LYS A CB  1 
ATOM   829  C  CG  . LYS A 1 103 ? -12.935 -1.170  -1.518  1.00 19.80 ? 103 LYS A CG  1 
ATOM   830  C  CD  . LYS A 1 103 ? -13.734 -1.248  -0.207  1.00 25.59 ? 103 LYS A CD  1 
ATOM   831  C  CE  . LYS A 1 103 ? -15.204 -1.494  -0.525  1.00 36.03 ? 103 LYS A CE  1 
ATOM   832  N  NZ  . LYS A 1 103 ? -15.638 -0.750  -1.771  1.00 38.91 ? 103 LYS A NZ  1 
ATOM   833  N  N   . VAL A 1 104 ? -8.316  -0.579  -1.701  1.00 9.24  ? 104 VAL A N   1 
ATOM   834  C  CA  . VAL A 1 104 ? -6.994  -0.023  -1.389  1.00 9.95  ? 104 VAL A CA  1 
ATOM   835  C  C   . VAL A 1 104 ? -6.347  0.549   -2.630  1.00 9.01  ? 104 VAL A C   1 
ATOM   836  O  O   . VAL A 1 104 ? -5.902  1.692   -2.608  1.00 8.42  ? 104 VAL A O   1 
ATOM   837  C  CB  . VAL A 1 104 ? -6.126  -1.072  -0.735  1.00 9.15  ? 104 VAL A CB  1 
ATOM   838  C  CG1 . VAL A 1 104 ? -4.675  -0.571  -0.634  1.00 9.45  ? 104 VAL A CG1 1 
ATOM   839  C  CG2 . VAL A 1 104 ? -6.584  -1.284  0.714   1.00 11.19 ? 104 VAL A CG2 1 
ATOM   840  N  N   . VAL A 1 105 ? -6.357  -0.227  -3.722  1.00 9.46  ? 105 VAL A N   1 
ATOM   841  C  CA  . VAL A 1 105 ? -5.661  0.245   -4.905  1.00 9.88  ? 105 VAL A CA  1 
ATOM   842  C  C   . VAL A 1 105 ? -6.322  1.490   -5.462  1.00 8.18  ? 105 VAL A C   1 
ATOM   843  O  O   . VAL A 1 105 ? -5.635  2.430   -5.906  1.00 9.54  ? 105 VAL A O   1 
ATOM   844  C  CB  . VAL A 1 105 ? -5.617  -0.878  -5.960  1.00 10.41 ? 105 VAL A CB  1 
ATOM   845  C  CG1 . VAL A 1 105 ? -5.140  -0.388  -7.314  1.00 15.08 ? 105 VAL A CG1 1 
ATOM   846  C  CG2 . VAL A 1 105 ? -4.745  -2.008  -5.455  1.00 13.01 ? 105 VAL A CG2 1 
ATOM   847  N  N   . GLU A 1 106 ? -7.670  1.490   -5.457  1.00 10.88 ? 106 GLU A N   1 
ATOM   848  C  CA  . GLU A 1 106 ? -8.333  2.670   -5.971  1.00 11.60 ? 106 GLU A CA  1 
ATOM   849  C  C   . GLU A 1 106 ? -8.088  3.888   -5.122  1.00 11.39 ? 106 GLU A C   1 
ATOM   850  O  O   . GLU A 1 106 ? -7.947  4.987   -5.657  1.00 10.91 ? 106 GLU A O   1 
ATOM   851  C  CB  . GLU A 1 106 ? -9.845  2.443   -6.089  1.00 12.57 ? 106 GLU A CB  1 
ATOM   852  C  CG  . GLU A 1 106 ? -10.142 1.495   -7.272  1.00 18.93 ? 106 GLU A CG  1 
ATOM   853  C  CD  . GLU A 1 106 ? -11.615 1.106   -7.323  1.00 24.76 ? 106 GLU A CD  1 
ATOM   854  O  OE1 . GLU A 1 106 ? -12.303 1.194   -6.289  1.00 30.15 ? 106 GLU A OE1 1 
ATOM   855  O  OE2 . GLU A 1 106 ? -12.096 0.696   -8.393  1.00 29.60 ? 106 GLU A OE2 1 
ATOM   856  N  N   . PHE A 1 107 ? -8.032  3.727   -3.794  1.00 10.61 ? 107 PHE A N   1 
ATOM   857  C  CA  . PHE A 1 107 ? -7.711  4.877   -2.936  1.00 9.69  ? 107 PHE A CA  1 
ATOM   858  C  C   . PHE A 1 107 ? -6.334  5.490   -3.314  1.00 9.23  ? 107 PHE A C   1 
ATOM   859  O  O   . PHE A 1 107 ? -6.186  6.718   -3.391  1.00 9.73  ? 107 PHE A O   1 
ATOM   860  C  CB  . PHE A 1 107 ? -7.755  4.387   -1.479  1.00 9.98  ? 107 PHE A CB  1 
ATOM   861  C  CG  . PHE A 1 107 ? -7.458  5.422   -0.415  1.00 11.36 ? 107 PHE A CG  1 
ATOM   862  C  CD1 . PHE A 1 107 ? -8.489  5.937   0.367   1.00 13.51 ? 107 PHE A CD1 1 
ATOM   863  C  CD2 . PHE A 1 107 ? -6.118  5.768   -0.102  1.00 12.77 ? 107 PHE A CD2 1 
ATOM   864  C  CE1 . PHE A 1 107 ? -8.205  6.799   1.421   1.00 12.81 ? 107 PHE A CE1 1 
ATOM   865  C  CE2 . PHE A 1 107 ? -5.820  6.670   0.961   1.00 15.30 ? 107 PHE A CE2 1 
ATOM   866  C  CZ  . PHE A 1 107 ? -6.824  7.172   1.746   1.00 13.27 ? 107 PHE A CZ  1 
ATOM   867  N  N   . LEU A 1 108 ? -5.328  4.600   -3.490  1.00 9.92  ? 108 LEU A N   1 
ATOM   868  C  CA  . LEU A 1 108 ? -4.031  5.112   -3.854  1.00 9.14  ? 108 LEU A CA  1 
ATOM   869  C  C   . LEU A 1 108 ? -3.987  5.683   -5.260  1.00 8.99  ? 108 LEU A C   1 
ATOM   870  O  O   . LEU A 1 108 ? -3.272  6.683   -5.435  1.00 9.13  ? 108 LEU A O   1 
ATOM   871  C  CB  . LEU A 1 108 ? -3.054  3.943   -3.730  1.00 8.17  ? 108 LEU A CB  1 
ATOM   872  C  CG  . LEU A 1 108 ? -2.983  3.275   -2.342  1.00 7.06  ? 108 LEU A CG  1 
ATOM   873  C  CD1 . LEU A 1 108 ? -2.196  1.953   -2.366  1.00 11.17 ? 108 LEU A CD1 1 
ATOM   874  C  CD2 . LEU A 1 108 ? -2.280  4.221   -1.350  1.00 9.99  ? 108 LEU A CD2 1 
ATOM   875  N  N   . MET A 1 109 ? -4.721  5.099   -6.199  1.00 9.16  ? 109 MET A N   1 
ATOM   876  C  CA  . MET A 1 109 ? -4.758  5.703   -7.555  1.00 11.54 ? 109 MET A CA  1 
ATOM   877  C  C   . MET A 1 109 ? -5.441  7.053   -7.492  1.00 12.02 ? 109 MET A C   1 
ATOM   878  O  O   . MET A 1 109 ? -4.955  8.031   -8.092  1.00 10.77 ? 109 MET A O   1 
ATOM   879  C  CB  . MET A 1 109 ? -5.540  4.799   -8.468  1.00 10.82 ? 109 MET A CB  1 
ATOM   880  C  CG  . MET A 1 109 ? -4.795  3.545   -8.815  1.00 14.64 ? 109 MET A CG  1 
ATOM   881  S  SD  . MET A 1 109 ? -5.955  2.510   -9.811  1.00 22.10 ? 109 MET A SD  1 
ATOM   882  C  CE  . MET A 1 109 ? -4.652  1.494   -10.414 1.00 22.47 ? 109 MET A CE  1 
ATOM   883  N  N   . ASP A 1 110 ? -6.492  7.144   -6.699  1.00 11.36 ? 110 ASP A N   1 
ATOM   884  C  CA  . ASP A 1 110 ? -7.199  8.441   -6.590  1.00 11.96 ? 110 ASP A CA  1 
ATOM   885  C  C   . ASP A 1 110 ? -6.266  9.525   -6.024  1.00 10.87 ? 110 ASP A C   1 
ATOM   886  O  O   . ASP A 1 110 ? -6.165  10.661  -6.481  1.00 12.07 ? 110 ASP A O   1 
ATOM   887  C  CB  . ASP A 1 110 ? -8.421  8.309   -5.627  1.00 12.45 ? 110 ASP A CB  1 
ATOM   888  C  CG  . ASP A 1 110 ? -9.586  7.521   -6.205  1.00 16.55 ? 110 ASP A CG  1 
ATOM   889  O  OD1 . ASP A 1 110 ? -9.671  7.300   -7.424  1.00 18.76 ? 110 ASP A OD1 1 
ATOM   890  O  OD2 . ASP A 1 110 ? -10.405 7.096   -5.338  1.00 16.50 ? 110 ASP A OD2 1 
ATOM   891  N  N   . HIS A 1 111 ? -5.462  9.176   -5.013  1.00 10.35 ? 111 HIS A N   1 
ATOM   892  C  CA  . HIS A 1 111 ? -4.515  10.093  -4.463  1.00 10.21 ? 111 HIS A CA  1 
ATOM   893  C  C   . HIS A 1 111 ? -3.480  10.535  -5.542  1.00 9.69  ? 111 HIS A C   1 
ATOM   894  O  O   . HIS A 1 111 ? -3.191  11.741  -5.704  1.00 11.16 ? 111 HIS A O   1 
ATOM   895  C  CB  . HIS A 1 111 ? -3.760  9.376   -3.297  1.00 9.69  ? 111 HIS A CB  1 
ATOM   896  C  CG  . HIS A 1 111 ? -2.765  10.281  -2.686  1.00 10.92 ? 111 HIS A CG  1 
ATOM   897  N  ND1 . HIS A 1 111 ? -3.116  11.419  -1.962  1.00 17.17 ? 111 HIS A ND1 1 
ATOM   898  C  CD2 . HIS A 1 111 ? -1.411  10.299  -2.800  1.00 13.04 ? 111 HIS A CD2 1 
ATOM   899  C  CE1 . HIS A 1 111 ? -2.004  12.037  -1.592  1.00 15.58 ? 111 HIS A CE1 1 
ATOM   900  N  NE2 . HIS A 1 111 ? -0.966  11.400  -2.107  1.00 12.40 ? 111 HIS A NE2 1 
ATOM   901  N  N   . CYS A 1 112 ? -2.944  9.583   -6.273  1.00 10.23 ? 112 CYS A N   1 
ATOM   902  C  CA  . CYS A 1 112 ? -1.940  9.957   -7.244  1.00 11.30 ? 112 CYS A CA  1 
ATOM   903  C  C   . CYS A 1 112 ? -2.551  10.810  -8.370  1.00 11.30 ? 112 CYS A C   1 
ATOM   904  O  O   . CYS A 1 112 ? -1.870  11.741  -8.814  1.00 10.58 ? 112 CYS A O   1 
ATOM   905  C  CB  . CYS A 1 112 ? -1.374  8.740   -7.885  1.00 11.73 ? 112 CYS A CB  1 
ATOM   906  S  SG  . CYS A 1 112 ? -0.285  7.817   -6.736  1.00 14.59 ? 112 CYS A SG  1 
ATOM   907  N  N   . LYS A 1 113 ? -3.783  10.533  -8.809  1.00 12.33 ? 113 LYS A N   1 
ATOM   908  C  CA  . LYS A 1 113 ? -4.405  11.329  -9.877  1.00 12.12 ? 113 LYS A CA  1 
ATOM   909  C  C   . LYS A 1 113 ? -4.570  12.737  -9.342  1.00 12.09 ? 113 LYS A C   1 
ATOM   910  O  O   . LYS A 1 113 ? -4.229  13.746  -10.040 1.00 13.97 ? 113 LYS A O   1 
ATOM   911  C  CB  . LYS A 1 113 ? -5.721  10.722  -10.262 1.00 12.74 ? 113 LYS A CB  1 
ATOM   912  C  CG  . LYS A 1 113 ? -6.270  11.526  -11.431 1.00 17.64 ? 113 LYS A CG  1 
ATOM   913  C  CD  . LYS A 1 113 ? -7.719  11.229  -11.658 1.00 19.89 ? 113 LYS A CD  1 
ATOM   914  C  CE  . LYS A 1 113 ? -8.037  9.895   -12.120 1.00 27.92 ? 113 LYS A CE  1 
ATOM   915  N  NZ  . LYS A 1 113 ? -9.472  10.088  -12.593 1.00 28.33 ? 113 LYS A NZ  1 
ATOM   916  N  N   . SER A 1 114 ? -5.026  12.864  -8.091  1.00 12.89 ? 114 SER A N   1 
ATOM   917  C  CA  A SER A 1 114 ? -5.197  14.166  -7.455  0.31 13.05 ? 114 SER A CA  1 
ATOM   918  C  CA  B SER A 1 114 ? -5.211  14.165  -7.470  0.69 13.69 ? 114 SER A CA  1 
ATOM   919  C  C   . SER A 1 114 ? -3.908  14.968  -7.277  1.00 12.97 ? 114 SER A C   1 
ATOM   920  O  O   . SER A 1 114 ? -3.916  16.193  -7.336  1.00 16.52 ? 114 SER A O   1 
ATOM   921  C  CB  A SER A 1 114 ? -5.874  13.975  -6.112  0.31 13.60 ? 114 SER A CB  1 
ATOM   922  C  CB  B SER A 1 114 ? -5.941  14.013  -6.130  0.69 15.23 ? 114 SER A CB  1 
ATOM   923  O  OG  A SER A 1 114 ? -7.099  13.319  -6.338  0.31 14.39 ? 114 SER A OG  1 
ATOM   924  O  OG  B SER A 1 114 ? -5.081  13.583  -5.102  0.69 20.99 ? 114 SER A OG  1 
ATOM   925  N  N   . MET A 1 115 ? -2.788  14.278  -7.086  1.00 11.43 ? 115 MET A N   1 
ATOM   926  C  CA  . MET A 1 115 ? -1.493  14.925  -6.979  1.00 11.47 ? 115 MET A CA  1 
ATOM   927  C  C   . MET A 1 115 ? -0.858  15.275  -8.317  1.00 12.52 ? 115 MET A C   1 
ATOM   928  O  O   . MET A 1 115 ? 0.281   15.760  -8.346  1.00 14.93 ? 115 MET A O   1 
ATOM   929  C  CB  . MET A 1 115 ? -0.509  13.993  -6.167  1.00 13.25 ? 115 MET A CB  1 
ATOM   930  C  CG  . MET A 1 115 ? -1.005  13.786  -4.766  1.00 14.43 ? 115 MET A CG  1 
ATOM   931  S  SD  . MET A 1 115 ? -0.862  15.275  -3.755  1.00 21.27 ? 115 MET A SD  1 
ATOM   932  C  CE  . MET A 1 115 ? 0.919   15.400  -3.675  1.00 30.91 ? 115 MET A CE  1 
ATOM   933  N  N   . GLY A 1 116 ? -1.552  14.952  -9.393  1.00 11.43 ? 116 GLY A N   1 
ATOM   934  C  CA  . GLY A 1 116 ? -1.051  15.268  -10.720 1.00 11.20 ? 116 GLY A CA  1 
ATOM   935  C  C   . GLY A 1 116 ? -0.022  14.302  -11.253 1.00 11.34 ? 116 GLY A C   1 
ATOM   936  O  O   . GLY A 1 116 ? 0.729   14.644  -12.151 1.00 11.97 ? 116 GLY A O   1 
ATOM   937  N  N   . CYS A 1 117 ? -0.066  13.064  -10.799 1.00 11.36 ? 117 CYS A N   1 
ATOM   938  C  CA  . CYS A 1 117 ? 0.892   12.070  -11.355 1.00 10.62 ? 117 CYS A CA  1 
ATOM   939  C  C   . CYS A 1 117 ? 0.428   11.702  -12.792 1.00 10.46 ? 117 CYS A C   1 
ATOM   940  O  O   . CYS A 1 117 ? -0.821  11.728  -13.107 1.00 11.14 ? 117 CYS A O   1 
ATOM   941  C  CB  . CYS A 1 117 ? 0.828   10.745  -10.579 1.00 7.78  ? 117 CYS A CB  1 
ATOM   942  S  SG  . CYS A 1 117 ? 1.533   10.869  -8.923  1.00 11.55 ? 117 CYS A SG  1 
ATOM   943  N  N   . TYR A 1 118 ? 1.366   11.336  -13.670 1.00 8.67  ? 118 TYR A N   1 
ATOM   944  C  CA  . TYR A 1 118 ? 0.930   10.924  -15.041 1.00 9.04  ? 118 TYR A CA  1 
ATOM   945  C  C   . TYR A 1 118 ? 0.677   9.396   -15.122 1.00 10.48 ? 118 TYR A C   1 
ATOM   946  O  O   . TYR A 1 118 ? 0.045   8.933   -16.076 1.00 11.02 ? 118 TYR A O   1 
ATOM   947  C  CB  . TYR A 1 118 ? 1.980   11.373  -16.081 1.00 9.01  ? 118 TYR A CB  1 
ATOM   948  C  CG  . TYR A 1 118 ? 3.331   10.663  -15.989 1.00 8.25  ? 118 TYR A CG  1 
ATOM   949  C  CD1 . TYR A 1 118 ? 3.585   9.521   -16.698 1.00 9.49  ? 118 TYR A CD1 1 
ATOM   950  C  CD2 . TYR A 1 118 ? 4.292   11.150  -15.153 1.00 8.75  ? 118 TYR A CD2 1 
ATOM   951  C  CE1 . TYR A 1 118 ? 4.852   8.860   -16.589 1.00 9.49  ? 118 TYR A CE1 1 
ATOM   952  C  CE2 . TYR A 1 118 ? 5.505   10.530  -15.026 1.00 9.84  ? 118 TYR A CE2 1 
ATOM   953  C  CZ  . TYR A 1 118 ? 5.802   9.413   -15.769 1.00 10.24 ? 118 TYR A CZ  1 
ATOM   954  O  OH  . TYR A 1 118 ? 7.036   8.760   -15.602 1.00 10.12 ? 118 TYR A OH  1 
ATOM   955  N  N   . LYS A 1 119 ? 1.172   8.633   -14.107 1.00 7.68  ? 119 LYS A N   1 
ATOM   956  C  CA  . LYS A 1 119 ? 0.966   7.221   -14.070 1.00 8.10  ? 119 LYS A CA  1 
ATOM   957  C  C   . LYS A 1 119 ? 1.124   6.724   -12.650 1.00 7.63  ? 119 LYS A C   1 
ATOM   958  O  O   . LYS A 1 119 ? 1.700   7.397   -11.782 1.00 9.25  ? 119 LYS A O   1 
ATOM   959  C  CB  . LYS A 1 119 ? 1.962   6.468   -15.021 1.00 9.03  ? 119 LYS A CB  1 
ATOM   960  C  CG  . LYS A 1 119 ? 3.402   6.352   -14.409 1.00 6.94  ? 119 LYS A CG  1 
ATOM   961  C  CD  . LYS A 1 119 ? 4.298   5.523   -15.351 1.00 8.20  ? 119 LYS A CD  1 
ATOM   962  C  CE  . LYS A 1 119 ? 5.722   5.433   -14.764 1.00 12.38 ? 119 LYS A CE  1 
ATOM   963  N  NZ  . LYS A 1 119 ? 6.605   4.587   -15.654 1.00 13.58 ? 119 LYS A NZ  1 
ATOM   964  N  N   . VAL A 1 120 ? 0.650   5.480   -12.477 1.00 8.47  ? 120 VAL A N   1 
ATOM   965  C  CA  . VAL A 1 120 ? 0.945   4.678   -11.275 1.00 8.58  ? 120 VAL A CA  1 
ATOM   966  C  C   . VAL A 1 120 ? 1.388   3.315   -11.724 1.00 9.23  ? 120 VAL A C   1 
ATOM   967  O  O   . VAL A 1 120 ? 0.861   2.793   -12.693 1.00 9.52  ? 120 VAL A O   1 
ATOM   968  C  CB  . VAL A 1 120 ? -0.229  4.604   -10.334 1.00 9.60  ? 120 VAL A CB  1 
ATOM   969  C  CG1 . VAL A 1 120 ? -1.501  4.121   -10.953 1.00 14.91 ? 120 VAL A CG1 1 
ATOM   970  C  CG2 . VAL A 1 120 ? 0.102   3.934   -9.097  1.00 14.41 ? 120 VAL A CG2 1 
ATOM   971  N  N   . ILE A 1 121 ? 2.386   2.782   -11.046 1.00 6.88  ? 121 ILE A N   1 
ATOM   972  C  CA  . ILE A 1 121 ? 2.884   1.450   -11.290 1.00 7.88  ? 121 ILE A CA  1 
ATOM   973  C  C   . ILE A 1 121 ? 3.013   0.633   -10.069 1.00 8.14  ? 121 ILE A C   1 
ATOM   974  O  O   . ILE A 1 121 ? 3.142   1.170   -8.974  1.00 9.14  ? 121 ILE A O   1 
ATOM   975  C  CB  . ILE A 1 121 ? 4.222   1.561   -12.044 1.00 9.11  ? 121 ILE A CB  1 
ATOM   976  C  CG1 . ILE A 1 121 ? 5.304   2.417   -11.263 1.00 12.28 ? 121 ILE A CG1 1 
ATOM   977  C  CG2 . ILE A 1 121 ? 4.013   2.196   -13.435 1.00 12.35 ? 121 ILE A CG2 1 
ATOM   978  C  CD1 . ILE A 1 121 ? 6.694   2.458   -11.990 1.00 14.80 ? 121 ILE A CD1 1 
ATOM   979  N  N   . LEU A 1 122 ? 3.013   -0.664  -10.287 1.00 8.85  ? 122 LEU A N   1 
ATOM   980  C  CA  . LEU A 1 122 ? 3.254   -1.604  -9.153  1.00 8.56  ? 122 LEU A CA  1 
ATOM   981  C  C   . LEU A 1 122 ? 3.754   -2.891  -9.752  1.00 9.07  ? 122 LEU A C   1 
ATOM   982  O  O   . LEU A 1 122 ? 3.720   -3.092  -10.977 1.00 9.77  ? 122 LEU A O   1 
ATOM   983  C  CB  . LEU A 1 122 ? 2.016   -1.845  -8.302  1.00 10.96 ? 122 LEU A CB  1 
ATOM   984  C  CG  . LEU A 1 122 ? 0.768   -2.451  -9.028  1.00 8.92  ? 122 LEU A CG  1 
ATOM   985  C  CD1 . LEU A 1 122 ? 0.881   -3.989  -9.195  1.00 8.72  ? 122 LEU A CD1 1 
ATOM   986  C  CD2 . LEU A 1 122 ? -0.550  -1.979  -8.250  1.00 11.39 ? 122 LEU A CD2 1 
ATOM   987  N  N   . ASP A 1 123 ? 4.294   -3.754  -8.909  1.00 8.04  ? 123 ASP A N   1 
ATOM   988  C  CA  . ASP A 1 123 ? 4.713   -5.112  -9.349  1.00 9.37  ? 123 ASP A CA  1 
ATOM   989  C  C   . ASP A 1 123 ? 3.898   -6.170  -8.627  1.00 9.71  ? 123 ASP A C   1 
ATOM   990  O  O   . ASP A 1 123 ? 3.492   -5.992  -7.468  1.00 12.06 ? 123 ASP A O   1 
ATOM   991  C  CB  . ASP A 1 123 ? 6.227   -5.279  -9.125  1.00 9.05  ? 123 ASP A CB  1 
ATOM   992  C  CG  . ASP A 1 123 ? 7.070   -4.209  -9.800  1.00 12.49 ? 123 ASP A CG  1 
ATOM   993  O  OD1 . ASP A 1 123 ? 7.166   -4.214  -11.028 1.00 12.50 ? 123 ASP A OD1 1 
ATOM   994  O  OD2 . ASP A 1 123 ? 7.807   -3.463  -9.112  1.00 19.25 ? 123 ASP A OD2 1 
ATOM   995  N  N   . CYS A 1 124 ? 3.660   -7.269  -9.355  1.00 9.57  ? 124 CYS A N   1 
ATOM   996  C  CA  . CYS A 1 124 ? 2.855   -8.382  -8.808  1.00 9.36  ? 124 CYS A CA  1 
ATOM   997  C  C   . CYS A 1 124 ? 3.278   -9.680  -9.400  1.00 10.92 ? 124 CYS A C   1 
ATOM   998  O  O   . CYS A 1 124 ? 4.033   -9.710  -10.375 1.00 11.80 ? 124 CYS A O   1 
ATOM   999  C  CB  . CYS A 1 124 ? 1.356   -8.137  -8.985  1.00 11.75 ? 124 CYS A CB  1 
ATOM   1000 S  SG  . CYS A 1 124 ? 0.857   -8.126  -10.687 1.00 11.96 ? 124 CYS A SG  1 
ATOM   1001 N  N   . SER A 1 125 ? 2.772   -10.777 -8.833  1.00 11.55 ? 125 SER A N   1 
ATOM   1002 C  CA  . SER A 1 125 ? 2.966   -12.068 -9.476  1.00 10.81 ? 125 SER A CA  1 
ATOM   1003 C  C   . SER A 1 125 ? 2.207   -12.147 -10.774 1.00 11.07 ? 125 SER A C   1 
ATOM   1004 O  O   . SER A 1 125 ? 1.170   -11.498 -10.973 1.00 12.35 ? 125 SER A O   1 
ATOM   1005 C  CB  . SER A 1 125 ? 2.537   -13.230 -8.560  1.00 13.62 ? 125 SER A CB  1 
ATOM   1006 O  OG  . SER A 1 125 ? 1.082   -13.122 -8.373  1.00 16.57 ? 125 SER A OG  1 
ATOM   1007 N  N   . VAL A 1 126 ? 2.683   -13.004 -11.663 1.00 13.35 ? 126 VAL A N   1 
ATOM   1008 C  CA  . VAL A 1 126 ? 1.940   -13.324 -12.859 1.00 14.22 ? 126 VAL A CA  1 
ATOM   1009 C  C   . VAL A 1 126 ? 0.503   -13.706 -12.515 1.00 13.79 ? 126 VAL A C   1 
ATOM   1010 O  O   . VAL A 1 126 ? -0.428  -13.238 -13.228 1.00 17.06 ? 126 VAL A O   1 
ATOM   1011 C  CB  . VAL A 1 126 ? 2.569   -14.514 -13.536 1.00 15.72 ? 126 VAL A CB  1 
ATOM   1012 C  CG1 . VAL A 1 126 ? 1.722   -14.932 -14.723 1.00 20.33 ? 126 VAL A CG1 1 
ATOM   1013 C  CG2 . VAL A 1 126 ? 4.069   -14.261 -13.930 1.00 17.67 ? 126 VAL A CG2 1 
ATOM   1014 N  N   . GLU A 1 127 ? 0.296   -14.486 -11.456 1.00 16.31 ? 127 GLU A N   1 
ATOM   1015 C  CA  . GLU A 1 127 ? -1.084  -14.908 -11.087 1.00 18.02 ? 127 GLU A CA  1 
ATOM   1016 C  C   . GLU A 1 127 ? -2.038  -13.768 -10.768 1.00 17.39 ? 127 GLU A C   1 
ATOM   1017 O  O   . GLU A 1 127 ? -3.251  -13.910 -10.878 1.00 18.88 ? 127 GLU A O   1 
ATOM   1018 C  CB  . GLU A 1 127 ? -1.063  -15.854 -9.903  1.00 19.35 ? 127 GLU A CB  1 
ATOM   1019 C  CG  . GLU A 1 127 ? -0.463  -17.218 -10.300 1.00 22.77 ? 127 GLU A CG  1 
ATOM   1020 C  CD  . GLU A 1 127 ? 1.068   -17.335 -10.192 1.00 26.27 ? 127 GLU A CD  1 
ATOM   1021 O  OE1 . GLU A 1 127 ? 1.842   -16.331 -10.017 1.00 22.94 ? 127 GLU A OE1 1 
ATOM   1022 O  OE2 . GLU A 1 127 ? 1.498   -18.502 -10.230 1.00 21.48 ? 127 GLU A OE2 1 
ATOM   1023 N  N   . ASN A 1 128 ? -1.497  -12.652 -10.297 1.00 14.78 ? 128 ASN A N   1 
ATOM   1024 C  CA  . ASN A 1 128 ? -2.317  -11.492 -9.888  1.00 14.30 ? 128 ASN A CA  1 
ATOM   1025 C  C   . ASN A 1 128 ? -2.502  -10.444 -11.002 1.00 13.01 ? 128 ASN A C   1 
ATOM   1026 O  O   . ASN A 1 128 ? -3.135  -9.421  -10.739 1.00 13.60 ? 128 ASN A O   1 
ATOM   1027 C  CB  . ASN A 1 128 ? -1.716  -10.896 -8.606  1.00 13.87 ? 128 ASN A CB  1 
ATOM   1028 C  CG  . ASN A 1 128 ? -1.916  -11.800 -7.402  1.00 19.36 ? 128 ASN A CG  1 
ATOM   1029 O  OD1 . ASN A 1 128 ? -3.001  -12.376 -7.213  1.00 26.11 ? 128 ASN A OD1 1 
ATOM   1030 N  ND2 . ASN A 1 128 ? -0.905  -11.891 -6.544  1.00 20.62 ? 128 ASN A ND2 1 
ATOM   1031 N  N   . LYS A 1 129 ? -1.982  -10.669 -12.226 1.00 13.03 ? 129 LYS A N   1 
ATOM   1032 C  CA  . LYS A 1 129 ? -2.192  -9.798  -13.361 1.00 13.71 ? 129 LYS A CA  1 
ATOM   1033 C  C   . LYS A 1 129 ? -3.691  -9.498  -13.503 1.00 12.91 ? 129 LYS A C   1 
ATOM   1034 O  O   . LYS A 1 129 ? -4.059  -8.336  -13.625 1.00 13.67 ? 129 LYS A O   1 
ATOM   1035 C  CB  . LYS A 1 129 ? -1.653  -10.393 -14.674 1.00 13.78 ? 129 LYS A CB  1 
ATOM   1036 C  CG  . LYS A 1 129 ? -1.805  -9.476  -15.883 1.00 16.39 ? 129 LYS A CG  1 
ATOM   1037 C  CD  . LYS A 1 129 ? -1.155  -10.173 -17.133 1.00 21.45 ? 129 LYS A CD  1 
ATOM   1038 C  CE  . LYS A 1 129 ? -2.316  -10.852 -17.873 1.00 28.30 ? 129 LYS A CE  1 
ATOM   1039 N  NZ  . LYS A 1 129 ? -2.170  -12.055 -18.804 1.00 35.01 ? 129 LYS A NZ  1 
ATOM   1040 N  N   . VAL A 1 130 ? -4.539  -10.541 -13.491 1.00 14.84 ? 130 VAL A N   1 
ATOM   1041 C  CA  . VAL A 1 130 ? -5.927  -10.294 -13.824 1.00 15.32 ? 130 VAL A CA  1 
ATOM   1042 C  C   . VAL A 1 130 ? -6.610  -9.434  -12.754 1.00 15.69 ? 130 VAL A C   1 
ATOM   1043 O  O   . VAL A 1 130 ? -7.447  -8.624  -13.111 1.00 17.31 ? 130 VAL A O   1 
ATOM   1044 C  CB  . VAL A 1 130 ? -6.676  -11.663 -14.072 1.00 17.41 ? 130 VAL A CB  1 
ATOM   1045 C  CG1 . VAL A 1 130 ? -8.126  -11.494 -14.253 1.00 22.66 ? 130 VAL A CG1 1 
ATOM   1046 C  CG2 . VAL A 1 130 ? -6.100  -12.334 -15.359 1.00 19.26 ? 130 VAL A CG2 1 
ATOM   1047 N  N   . PHE A 1 131 ? -6.241  -9.572  -11.481 1.00 13.00 ? 131 PHE A N   1 
ATOM   1048 C  CA  . PHE A 1 131 ? -6.731  -8.715  -10.436 1.00 13.34 ? 131 PHE A CA  1 
ATOM   1049 C  C   . PHE A 1 131 ? -6.498  -7.240  -10.743 1.00 13.68 ? 131 PHE A C   1 
ATOM   1050 O  O   . PHE A 1 131 ? -7.388  -6.397  -10.665 1.00 13.29 ? 131 PHE A O   1 
ATOM   1051 C  CB  . PHE A 1 131 ? -6.114  -9.056  -9.058  1.00 14.96 ? 131 PHE A CB  1 
ATOM   1052 C  CG  . PHE A 1 131 ? -6.514  -8.090  -7.994  1.00 19.07 ? 131 PHE A CG  1 
ATOM   1053 C  CD1 . PHE A 1 131 ? -7.762  -8.174  -7.336  1.00 24.03 ? 131 PHE A CD1 1 
ATOM   1054 C  CD2 . PHE A 1 131 ? -5.652  -7.076  -7.635  1.00 19.70 ? 131 PHE A CD2 1 
ATOM   1055 C  CE1 . PHE A 1 131 ? -8.057  -7.213  -6.350  1.00 21.71 ? 131 PHE A CE1 1 
ATOM   1056 C  CE2 . PHE A 1 131 ? -5.966  -6.104  -6.632  1.00 23.56 ? 131 PHE A CE2 1 
ATOM   1057 C  CZ  . PHE A 1 131 ? -7.206  -6.196  -6.033  1.00 23.73 ? 131 PHE A CZ  1 
ATOM   1058 N  N   . TYR A 1 132 ? -5.247  -6.921  -11.071 1.00 12.74 ? 132 TYR A N   1 
ATOM   1059 C  CA  . TYR A 1 132 ? -4.920  -5.544  -11.336 1.00 11.73 ? 132 TYR A CA  1 
ATOM   1060 C  C   . TYR A 1 132 ? -5.483  -5.055  -12.652 1.00 12.39 ? 132 TYR A C   1 
ATOM   1061 O  O   . TYR A 1 132 ? -5.731  -3.864  -12.776 1.00 13.30 ? 132 TYR A O   1 
ATOM   1062 C  CB  . TYR A 1 132 ? -3.382  -5.313  -11.230 1.00 11.28 ? 132 TYR A CB  1 
ATOM   1063 C  CG  . TYR A 1 132 ? -2.917  -5.444  -9.796  1.00 12.08 ? 132 TYR A CG  1 
ATOM   1064 C  CD1 . TYR A 1 132 ? -3.253  -4.441  -8.887  1.00 12.00 ? 132 TYR A CD1 1 
ATOM   1065 C  CD2 . TYR A 1 132 ? -2.267  -6.580  -9.326  1.00 10.96 ? 132 TYR A CD2 1 
ATOM   1066 C  CE1 . TYR A 1 132 ? -2.844  -4.520  -7.547  1.00 14.55 ? 132 TYR A CE1 1 
ATOM   1067 C  CE2 . TYR A 1 132 ? -1.899  -6.697  -7.999  1.00 13.32 ? 132 TYR A CE2 1 
ATOM   1068 C  CZ  . TYR A 1 132 ? -2.184  -5.663  -7.128  1.00 17.70 ? 132 TYR A CZ  1 
ATOM   1069 O  OH  . TYR A 1 132 ? -1.749  -5.772  -5.808  1.00 21.69 ? 132 TYR A OH  1 
ATOM   1070 N  N   . GLU A 1 133 ? -5.674  -5.946  -13.621 1.00 12.83 ? 133 GLU A N   1 
ATOM   1071 C  CA  . GLU A 1 133 ? -6.412  -5.504  -14.832 1.00 15.58 ? 133 GLU A CA  1 
ATOM   1072 C  C   . GLU A 1 133 ? -7.823  -5.011  -14.487 1.00 17.71 ? 133 GLU A C   1 
ATOM   1073 O  O   . GLU A 1 133 ? -8.336  -4.076  -15.149 1.00 18.21 ? 133 GLU A O   1 
ATOM   1074 C  CB  . GLU A 1 133 ? -6.453  -6.618  -15.908 1.00 14.70 ? 133 GLU A CB  1 
ATOM   1075 C  CG  . GLU A 1 133 ? -5.046  -6.953  -16.494 1.00 15.72 ? 133 GLU A CG  1 
ATOM   1076 C  CD  . GLU A 1 133 ? -5.071  -8.111  -17.526 1.00 18.11 ? 133 GLU A CD  1 
ATOM   1077 O  OE1 . GLU A 1 133 ? -5.866  -9.058  -17.333 1.00 30.88 ? 133 GLU A OE1 1 
ATOM   1078 O  OE2 . GLU A 1 133 ? -4.257  -8.090  -18.431 1.00 27.53 ? 133 GLU A OE2 1 
ATOM   1079 N  N   . LYS A 1 134 ? -8.417  -5.617  -13.468 1.00 17.55 ? 134 LYS A N   1 
ATOM   1080 C  CA  . LYS A 1 134 ? -9.737  -5.182  -13.001 1.00 19.47 ? 134 LYS A CA  1 
ATOM   1081 C  C   . LYS A 1 134 ? -9.747  -3.821  -12.387 1.00 19.21 ? 134 LYS A C   1 
ATOM   1082 O  O   . LYS A 1 134 ? -10.817 -3.232  -12.292 1.00 20.60 ? 134 LYS A O   1 
ATOM   1083 C  CB  . LYS A 1 134 ? -10.358 -6.187  -12.034 1.00 20.38 ? 134 LYS A CB  1 
ATOM   1084 C  CG  . LYS A 1 134 ? -10.823 -7.436  -12.775 1.00 24.00 ? 134 LYS A CG  1 
ATOM   1085 C  CD  . LYS A 1 134 ? -10.958 -7.264  -14.279 1.00 30.68 ? 134 LYS A CD  1 
ATOM   1086 C  CE  . LYS A 1 134 ? -10.983 -8.603  -14.978 1.00 35.98 ? 134 LYS A CE  1 
ATOM   1087 N  NZ  . LYS A 1 134 ? -9.858  -9.472  -14.412 1.00 35.33 ? 134 LYS A NZ  1 
ATOM   1088 N  N   . CYS A 1 135 ? -8.555  -3.293  -12.029 1.00 15.43 ? 135 CYS A N   1 
ATOM   1089 C  CA  . CYS A 1 135 ? -8.334  -1.939  -11.433 1.00 16.04 ? 135 CYS A CA  1 
ATOM   1090 C  C   . CYS A 1 135 ? -7.908  -0.990  -12.522 1.00 15.59 ? 135 CYS A C   1 
ATOM   1091 O  O   . CYS A 1 135 ? -7.560  0.172   -12.208 1.00 17.58 ? 135 CYS A O   1 
ATOM   1092 C  CB  . CYS A 1 135 ? -7.264  -1.988  -10.336 1.00 16.01 ? 135 CYS A CB  1 
ATOM   1093 S  SG  . CYS A 1 135 ? -7.701  -3.035  -8.890  1.00 21.42 ? 135 CYS A SG  1 
ATOM   1094 N  N   . GLY A 1 136 ? -7.961  -1.404  -13.800 1.00 13.81 ? 136 GLY A N   1 
ATOM   1095 C  CA  . GLY A 1 136 ? -7.662  -0.544  -14.946 1.00 14.57 ? 136 GLY A CA  1 
ATOM   1096 C  C   . GLY A 1 136 ? -6.202  -0.553  -15.362 1.00 13.30 ? 136 GLY A C   1 
ATOM   1097 O  O   . GLY A 1 136 ? -5.741  0.313   -16.156 1.00 14.81 ? 136 GLY A O   1 
ATOM   1098 N  N   . MET A 1 137 ? -5.445  -1.511  -14.828 1.00 11.75 ? 137 MET A N   1 
ATOM   1099 C  CA  . MET A 1 137 ? -3.977  -1.524  -15.164 1.00 10.83 ? 137 MET A CA  1 
ATOM   1100 C  C   . MET A 1 137 ? -3.678  -2.536  -16.281 1.00 11.09 ? 137 MET A C   1 
ATOM   1101 O  O   . MET A 1 137 ? -4.499  -3.437  -16.627 1.00 12.62 ? 137 MET A O   1 
ATOM   1102 C  CB  . MET A 1 137 ? -3.202  -1.906  -13.931 1.00 9.48  ? 137 MET A CB  1 
ATOM   1103 C  CG  . MET A 1 137 ? -3.715  -1.082  -12.691 1.00 10.29 ? 137 MET A CG  1 
ATOM   1104 S  SD  . MET A 1 137 ? -2.536  -1.337  -11.269 1.00 12.10 ? 137 MET A SD  1 
ATOM   1105 C  CE  . MET A 1 137 ? -1.312  -0.185  -11.786 1.00 14.00 ? 137 MET A CE  1 
ATOM   1106 N  N   . SER A 1 138 ? -2.475  -2.392  -16.843 1.00 9.56  ? 138 SER A N   1 
ATOM   1107 C  CA  . SER A 1 138 ? -2.004  -3.183  -17.952 1.00 10.91 ? 138 SER A CA  1 
ATOM   1108 C  C   . SER A 1 138 ? -0.618  -3.677  -17.654 1.00 9.65  ? 138 SER A C   1 
ATOM   1109 O  O   . SER A 1 138 ? 0.179   -2.989  -16.986 1.00 11.02 ? 138 SER A O   1 
ATOM   1110 C  CB  . SER A 1 138 ? -1.903  -2.311  -19.209 1.00 13.26 ? 138 SER A CB  1 
ATOM   1111 O  OG  . SER A 1 138 ? -3.242  -2.016  -19.617 1.00 18.77 ? 138 SER A OG  1 
ATOM   1112 N  N   . ASN A 1 139 ? -0.272  -4.844  -18.165 1.00 11.16 ? 139 ASN A N   1 
ATOM   1113 C  CA  . ASN A 1 139 ? 1.068   -5.395  -17.977 1.00 10.31 ? 139 ASN A CA  1 
ATOM   1114 C  C   . ASN A 1 139 ? 1.888   -5.301  -19.269 1.00 10.46 ? 139 ASN A C   1 
ATOM   1115 O  O   . ASN A 1 139 ? 1.625   -6.058  -20.212 1.00 13.43 ? 139 ASN A O   1 
ATOM   1116 C  CB  . ASN A 1 139 ? 0.928   -6.888  -17.622 1.00 11.44 ? 139 ASN A CB  1 
ATOM   1117 C  CG  . ASN A 1 139 ? 2.272   -7.661  -17.715 1.00 13.05 ? 139 ASN A CG  1 
ATOM   1118 O  OD1 . ASN A 1 139 ? 2.276   -8.768  -18.284 1.00 15.98 ? 139 ASN A OD1 1 
ATOM   1119 N  ND2 . ASN A 1 139 ? 3.414   -7.079  -17.226 1.00 9.58  ? 139 ASN A ND2 1 
ATOM   1120 N  N   . LYS A 1 140 ? 2.913   -4.456  -19.301 1.00 11.41 ? 140 LYS A N   1 
ATOM   1121 C  CA  . LYS A 1 140 ? 3.739   -4.347  -20.484 1.00 12.42 ? 140 LYS A CA  1 
ATOM   1122 C  C   . LYS A 1 140 ? 5.205   -4.396  -20.223 1.00 13.87 ? 140 LYS A C   1 
ATOM   1123 O  O   . LYS A 1 140 ? 6.008   -4.191  -21.157 1.00 18.27 ? 140 LYS A O   1 
ATOM   1124 C  CB  . LYS A 1 140 ? 3.403   -2.997  -21.185 1.00 14.59 ? 140 LYS A CB  1 
ATOM   1125 C  CG  . LYS A 1 140 ? 1.891   -2.872  -21.694 1.00 16.65 ? 140 LYS A CG  1 
ATOM   1126 C  CD  . LYS A 1 140 ? 1.550   -3.953  -22.702 1.00 22.26 ? 140 LYS A CD  1 
ATOM   1127 C  CE  . LYS A 1 140 ? 0.001   -4.094  -22.831 1.00 21.10 ? 140 LYS A CE  1 
ATOM   1128 N  NZ  . LYS A 1 140 ? -0.418  -2.773  -23.249 1.00 26.21 ? 140 LYS A NZ  1 
ATOM   1129 N  N   . SER A 1 141 ? 5.634   -4.525  -18.970 1.00 11.02 ? 141 SER A N   1 
ATOM   1130 C  CA  . SER A 1 141 ? 7.024   -4.639  -18.598 1.00 10.96 ? 141 SER A CA  1 
ATOM   1131 C  C   . SER A 1 141 ? 7.113   -5.671  -17.486 1.00 9.97  ? 141 SER A C   1 
ATOM   1132 O  O   . SER A 1 141 ? 6.114   -6.113  -16.917 1.00 9.65  ? 141 SER A O   1 
ATOM   1133 C  CB  . SER A 1 141 ? 7.604   -3.341  -18.025 1.00 11.18 ? 141 SER A CB  1 
ATOM   1134 O  OG  . SER A 1 141 ? 7.658   -2.394  -19.119 1.00 14.79 ? 141 SER A OG  1 
ATOM   1135 N  N   . ILE A 1 142 ? 8.344   -6.100  -17.222 1.00 8.91  ? 142 ILE A N   1 
ATOM   1136 C  CA  . ILE A 1 142 ? 8.686   -7.027  -16.126 1.00 8.29  ? 142 ILE A CA  1 
ATOM   1137 C  C   . ILE A 1 142 ? 9.541   -6.413  -15.060 1.00 9.21  ? 142 ILE A C   1 
ATOM   1138 O  O   . ILE A 1 142 ? 10.158  -5.370  -15.267 1.00 9.17  ? 142 ILE A O   1 
ATOM   1139 C  CB  . ILE A 1 142 ? 9.411   -8.251  -16.654 1.00 9.42  ? 142 ILE A CB  1 
ATOM   1140 C  CG1 . ILE A 1 142 ? 10.712  -7.892  -17.382 1.00 11.76 ? 142 ILE A CG1 1 
ATOM   1141 C  CG2 . ILE A 1 142 ? 8.530   -9.014  -17.657 1.00 10.71 ? 142 ILE A CG2 1 
ATOM   1142 C  CD1 . ILE A 1 142 ? 11.616  -9.168  -17.656 1.00 14.13 ? 142 ILE A CD1 1 
ATOM   1143 N  N   . GLN A 1 143 ? 9.526   -7.010  -13.871 1.00 7.42  ? 143 GLN A N   1 
ATOM   1144 C  CA  . GLN A 1 143 ? 10.313  -6.532  -12.766 1.00 7.28  ? 143 GLN A CA  1 
ATOM   1145 C  C   . GLN A 1 143 ? 11.608  -7.309  -12.729 1.00 8.00  ? 143 GLN A C   1 
ATOM   1146 O  O   . GLN A 1 143 ? 11.606  -8.560  -12.835 1.00 10.05 ? 143 GLN A O   1 
ATOM   1147 C  CB  . GLN A 1 143 ? 9.565   -6.676  -11.441 1.00 8.47  ? 143 GLN A CB  1 
ATOM   1148 C  CG  . GLN A 1 143 ? 10.339  -6.002  -10.229 1.00 10.02 ? 143 GLN A CG  1 
ATOM   1149 C  CD  . GLN A 1 143 ? 9.875   -6.589  -8.924  1.00 16.26 ? 143 GLN A CD  1 
ATOM   1150 O  OE1 . GLN A 1 143 ? 9.342   -5.894  -8.079  1.00 23.04 ? 143 GLN A OE1 1 
ATOM   1151 N  NE2 . GLN A 1 143 ? 10.132  -7.876  -8.748  1.00 16.90 ? 143 GLN A NE2 1 
ATOM   1152 N  N   . MET A 1 144 ? 12.710  -6.594  -12.521 1.00 7.06  ? 144 MET A N   1 
ATOM   1153 C  CA  . MET A 1 144 ? 13.988  -7.228  -12.156 1.00 7.13  ? 144 MET A CA  1 
ATOM   1154 C  C   . MET A 1 144 ? 14.329  -6.832  -10.716 1.00 9.31  ? 144 MET A C   1 
ATOM   1155 O  O   . MET A 1 144 ? 14.039  -5.722  -10.281 1.00 9.98  ? 144 MET A O   1 
ATOM   1156 C  CB  . MET A 1 144 ? 15.136  -6.740  -13.064 1.00 8.20  ? 144 MET A CB  1 
ATOM   1157 C  CG  . MET A 1 144 ? 14.997  -6.932  -14.543 1.00 9.66  ? 144 MET A CG  1 
ATOM   1158 S  SD  . MET A 1 144 ? 14.714  -8.626  -15.062 1.00 11.02 ? 144 MET A SD  1 
ATOM   1159 C  CE  . MET A 1 144 ? 16.228  -9.418  -14.594 1.00 12.91 ? 144 MET A CE  1 
ATOM   1160 N  N   . SER A 1 145 ? 14.947  -7.753  -9.979  1.00 10.39 ? 145 SER A N   1 
ATOM   1161 C  CA  . SER A 1 145 ? 15.294  -7.470  -8.604  1.00 9.61  ? 145 SER A CA  1 
ATOM   1162 C  C   . SER A 1 145 ? 16.666  -8.037  -8.238  1.00 9.64  ? 145 SER A C   1 
ATOM   1163 O  O   . SER A 1 145 ? 17.110  -9.041  -8.810  1.00 11.55 ? 145 SER A O   1 
ATOM   1164 C  CB  . SER A 1 145 ? 14.252  -8.130  -7.676  1.00 11.58 ? 145 SER A CB  1 
ATOM   1165 O  OG  . SER A 1 145 ? 14.190  -9.574  -7.898  1.00 17.27 ? 145 SER A OG  1 
ATOM   1166 N  N   . LYS A 1 146 ? 17.290  -7.388  -7.292  1.00 9.23  ? 146 LYS A N   1 
ATOM   1167 C  CA  . LYS A 1 146 ? 18.560  -7.901  -6.680  1.00 8.87  ? 146 LYS A CA  1 
ATOM   1168 C  C   . LYS A 1 146 ? 18.423  -7.672  -5.194  1.00 9.64  ? 146 LYS A C   1 
ATOM   1169 O  O   . LYS A 1 146 ? 18.249  -6.560  -4.750  1.00 9.04  ? 146 LYS A O   1 
ATOM   1170 C  CB  . LYS A 1 146 ? 19.782  -7.160  -7.182  1.00 10.96 ? 146 LYS A CB  1 
ATOM   1171 C  CG  . LYS A 1 146 ? 21.067  -7.706  -6.459  1.00 12.78 ? 146 LYS A CG  1 
ATOM   1172 C  CD  . LYS A 1 146 ? 22.322  -6.958  -6.991  1.00 23.63 ? 146 LYS A CD  1 
ATOM   1173 C  CE  . LYS A 1 146 ? 23.649  -7.631  -6.576  1.00 29.35 ? 146 LYS A CE  1 
ATOM   1174 N  NZ  . LYS A 1 146 ? 24.445  -7.307  -7.841  1.00 30.77 ? 146 LYS A NZ  1 
ATOM   1175 N  N   . TYR A 1 147 ? 18.503  -8.757  -4.420  1.00 9.49  ? 147 TYR A N   1 
ATOM   1176 C  CA  . TYR A 1 147 ? 18.526  -8.689  -2.983  1.00 8.94  ? 147 TYR A CA  1 
ATOM   1177 C  C   . TYR A 1 147 ? 19.973  -8.740  -2.499  1.00 11.81 ? 147 TYR A C   1 
ATOM   1178 O  O   . TYR A 1 147 ? 20.777  -9.544  -2.986  1.00 14.21 ? 147 TYR A O   1 
ATOM   1179 C  CB  . TYR A 1 147 ? 17.737  -9.902  -2.391  1.00 10.77 ? 147 TYR A CB  1 
ATOM   1180 C  CG  . TYR A 1 147 ? 16.250  -9.726  -2.472  1.00 8.14  ? 147 TYR A CG  1 
ATOM   1181 C  CD1 . TYR A 1 147 ? 15.514  -9.510  -1.322  1.00 9.33  ? 147 TYR A CD1 1 
ATOM   1182 C  CD2 . TYR A 1 147 ? 15.588  -9.686  -3.716  1.00 9.06  ? 147 TYR A CD2 1 
ATOM   1183 C  CE1 . TYR A 1 147 ? 14.118  -9.271  -1.341  1.00 11.51 ? 147 TYR A CE1 1 
ATOM   1184 C  CE2 . TYR A 1 147 ? 14.113  -9.483  -3.751  1.00 10.43 ? 147 TYR A CE2 1 
ATOM   1185 C  CZ  . TYR A 1 147 ? 13.459  -9.227  -2.557  1.00 10.42 ? 147 TYR A CZ  1 
ATOM   1186 O  OH  . TYR A 1 147 ? 12.120  -9.043  -2.614  1.00 13.39 ? 147 TYR A OH  1 
ATOM   1187 N  N   . PHE A 1 148 ? 20.232  -7.979  -1.459  1.00 12.13 ? 148 PHE A N   1 
ATOM   1188 C  CA  . PHE A 1 148 ? 21.540  -7.897  -0.801  1.00 15.91 ? 148 PHE A CA  1 
ATOM   1189 C  C   . PHE A 1 148 ? 21.506  -8.856  0.409   1.00 20.40 ? 148 PHE A C   1 
ATOM   1190 O  O   . PHE A 1 148 ? 22.014  -8.508  1.463   1.00 25.29 ? 148 PHE A O   1 
ATOM   1191 C  CB  . PHE A 1 148 ? 21.904  -6.479  -0.421  1.00 15.70 ? 148 PHE A CB  1 
ATOM   1192 C  CG  . PHE A 1 148 ? 21.922  -5.530  -1.585  1.00 12.62 ? 148 PHE A CG  1 
ATOM   1193 C  CD1 . PHE A 1 148 ? 22.868  -5.641  -2.605  1.00 15.15 ? 148 PHE A CD1 1 
ATOM   1194 C  CD2 . PHE A 1 148 ? 21.000  -4.476  -1.620  1.00 13.61 ? 148 PHE A CD2 1 
ATOM   1195 C  CE1 . PHE A 1 148 ? 22.784  -4.712  -3.662  1.00 16.48 ? 148 PHE A CE1 1 
ATOM   1196 C  CE2 . PHE A 1 148 ? 20.960  -3.581  -2.594  1.00 13.80 ? 148 PHE A CE2 1 
ATOM   1197 C  CZ  . PHE A 1 148 ? 21.800  -3.696  -3.650  1.00 15.44 ? 148 PHE A CZ  1 
ATOM   1198 N  N   . ASP A 1 149 ? 21.004  -10.063 0.215   1.00 22.71 ? 149 ASP A N   1 
ATOM   1199 C  CA  . ASP A 1 149 ? 20.858  -11.008 1.319   1.00 26.54 ? 149 ASP A CA  1 
ATOM   1200 C  C   . ASP A 1 149 ? 22.241  -11.493 1.661   1.00 29.48 ? 149 ASP A C   1 
ATOM   1201 O  O   . ASP A 1 149 ? 22.485  -11.991 2.799   1.00 32.13 ? 149 ASP A O   1 
ATOM   1202 C  CB  . ASP A 1 149 ? 19.976  -12.204 0.950   1.00 26.44 ? 149 ASP A CB  1 
ATOM   1203 C  CG  . ASP A 1 149 ? 18.530  -11.862 0.726   1.00 30.44 ? 149 ASP A CG  1 
ATOM   1204 O  OD1 . ASP A 1 149 ? 17.950  -12.465 -0.225  1.00 24.55 ? 149 ASP A OD1 1 
ATOM   1205 O  OD2 . ASP A 1 149 ? 17.961  -11.097 1.552   1.00 29.32 ? 149 ASP A OD2 1 
HETATM 1206 N  N1  . EPE B 2 .   ? -4.754  -9.097  -3.502  0.90 25.37 ? 150 EPE A N1  1 
HETATM 1207 C  C2  . EPE B 2 .   ? -4.378  -9.101  -4.937  0.90 26.58 ? 150 EPE A C2  1 
HETATM 1208 C  C3  . EPE B 2 .   ? -2.843  -9.201  -5.161  0.90 28.66 ? 150 EPE A C3  1 
HETATM 1209 N  N4  . EPE B 2 .   ? -2.026  -8.464  -4.176  0.90 30.41 ? 150 EPE A N4  1 
HETATM 1210 C  C5  . EPE B 2 .   ? -2.475  -8.554  -2.833  0.90 28.68 ? 150 EPE A C5  1 
HETATM 1211 C  C6  . EPE B 2 .   ? -3.925  -8.083  -2.847  0.90 26.48 ? 150 EPE A C6  1 
HETATM 1212 C  C7  . EPE B 2 .   ? -0.556  -8.452  -4.180  0.90 35.14 ? 150 EPE A C7  1 
HETATM 1213 C  C8  . EPE B 2 .   ? 0.131   -8.266  -5.502  0.90 35.27 ? 150 EPE A C8  1 
HETATM 1214 O  O8  . EPE B 2 .   ? 1.058   -7.204  -5.439  0.90 34.12 ? 150 EPE A O8  1 
HETATM 1215 C  C9  . EPE B 2 .   ? -6.164  -8.649  -3.360  0.90 25.51 ? 150 EPE A C9  1 
HETATM 1216 C  C10 . EPE B 2 .   ? -7.123  -9.841  -3.345  0.90 24.73 ? 150 EPE A C10 1 
HETATM 1217 S  S   . EPE B 2 .   ? -8.680  -9.566  -2.411  0.90 26.84 ? 150 EPE A S   1 
HETATM 1218 O  O1S . EPE B 2 .   ? -8.428  -9.925  -1.020  0.90 33.18 ? 150 EPE A O1S 1 
HETATM 1219 O  O2S . EPE B 2 .   ? -9.168  -8.218  -2.574  0.90 22.98 ? 150 EPE A O2S 1 
HETATM 1220 O  O3S . EPE B 2 .   ? -9.794  -10.272 -3.058  0.90 30.95 ? 150 EPE A O3S 1 
HETATM 1221 NA NA  . NA  C 3 .   ? 10.677  6.876   2.026   1.00 30.81 ? 151 NA  A NA  1 
HETATM 1222 O  O   . HOH D 4 .   ? 2.111   -6.049  -2.788  1.00 22.61 ? 152 HOH A O   1 
HETATM 1223 O  O   . HOH D 4 .   ? -17.075 -6.183  1.704   1.00 38.98 ? 153 HOH A O   1 
HETATM 1224 O  O   . HOH D 4 .   ? -9.295  2.917   18.067  1.00 41.31 ? 154 HOH A O   1 
HETATM 1225 O  O   . HOH D 4 .   ? 8.729   1.012   -16.372 1.00 32.41 ? 155 HOH A O   1 
HETATM 1226 O  O   . HOH D 4 .   ? -5.351  -8.569  10.355  1.00 34.37 ? 156 HOH A O   1 
HETATM 1227 O  O   . HOH D 4 .   ? -0.206  -9.484  -0.731  1.00 35.72 ? 157 HOH A O   1 
HETATM 1228 O  O   . HOH D 4 .   ? -11.226 -6.935  -6.892  1.00 40.75 ? 158 HOH A O   1 
HETATM 1229 O  O   . HOH D 4 .   ? 10.497  19.321  -1.707  1.00 37.28 ? 159 HOH A O   1 
HETATM 1230 O  O   . HOH D 4 .   ? -7.478  9.755   -15.968 1.00 36.75 ? 160 HOH A O   1 
HETATM 1231 O  O   . HOH D 4 .   ? -2.161  12.580  2.651   1.00 43.62 ? 161 HOH A O   1 
HETATM 1232 O  O   . HOH D 4 .   ? 1.161   -0.966  3.158   1.00 8.50  ? 162 HOH A O   1 
HETATM 1233 O  O   . HOH D 4 .   ? 0.038   11.095  15.063  1.00 38.06 ? 163 HOH A O   1 
HETATM 1234 O  O   . HOH D 4 .   ? 3.414   21.410  -13.260 1.00 51.78 ? 164 HOH A O   1 
HETATM 1235 O  O   . HOH D 4 .   ? 5.907   -1.813  4.727   1.00 9.04  ? 165 HOH A O   1 
HETATM 1236 O  O   . HOH D 4 .   ? -3.161  -17.450 -13.262 1.00 39.23 ? 166 HOH A O   1 
HETATM 1237 O  O   . HOH D 4 .   ? 8.600   -11.849 9.980   1.00 28.62 ? 167 HOH A O   1 
HETATM 1238 O  O   . HOH D 4 .   ? -3.757  -3.945  -21.516 1.00 35.24 ? 168 HOH A O   1 
HETATM 1239 O  O   . HOH D 4 .   ? 5.025   23.447  -13.177 1.00 43.08 ? 169 HOH A O   1 
HETATM 1240 O  O   . HOH D 4 .   ? 13.354  10.372  -10.355 1.00 10.86 ? 170 HOH A O   1 
HETATM 1241 O  O   . HOH D 4 .   ? 3.527   -0.404  4.747   1.00 11.11 ? 171 HOH A O   1 
HETATM 1242 O  O   . HOH D 4 .   ? 4.853   0.707   2.575   1.00 11.44 ? 172 HOH A O   1 
HETATM 1243 O  O   . HOH D 4 .   ? -0.931  -5.433  17.016  1.00 20.59 ? 173 HOH A O   1 
HETATM 1244 O  O   . HOH D 4 .   ? -1.283  9.290   13.664  1.00 15.97 ? 174 HOH A O   1 
HETATM 1245 O  O   . HOH D 4 .   ? 4.450   -3.074  -6.090  1.00 11.52 ? 175 HOH A O   1 
HETATM 1246 O  O   . HOH D 4 .   ? 3.019   14.221  -13.653 1.00 12.75 ? 176 HOH A O   1 
HETATM 1247 O  O   . HOH D 4 .   ? 5.292   -2.228  16.907  1.00 17.34 ? 177 HOH A O   1 
HETATM 1248 O  O   . HOH D 4 .   ? -0.256  8.164   4.927   1.00 15.77 ? 178 HOH A O   1 
HETATM 1249 O  O   . HOH D 4 .   ? 7.690   6.693   -17.236 1.00 13.09 ? 179 HOH A O   1 
HETATM 1250 O  O   . HOH D 4 .   ? 5.377   -4.105  -3.088  1.00 14.94 ? 180 HOH A O   1 
HETATM 1251 O  O   . HOH D 4 .   ? -6.559  8.226   9.037   1.00 18.59 ? 181 HOH A O   1 
HETATM 1252 O  O   . HOH D 4 .   ? 7.283   -3.131  -6.446  1.00 16.44 ? 182 HOH A O   1 
HETATM 1253 O  O   . HOH D 4 .   ? -10.342 7.772   -2.801  1.00 21.33 ? 183 HOH A O   1 
HETATM 1254 O  O   . HOH D 4 .   ? 11.593  9.671   12.926  1.00 19.46 ? 184 HOH A O   1 
HETATM 1255 O  O   . HOH D 4 .   ? -8.517  11.433  -8.061  0.90 15.56 ? 185 HOH A O   1 
HETATM 1256 O  O   . HOH D 4 .   ? 7.197   -5.381  -0.443  1.00 15.80 ? 186 HOH A O   1 
HETATM 1257 O  O   . HOH D 4 .   ? -17.918 -8.440  -5.700  1.00 16.61 ? 187 HOH A O   1 
HETATM 1258 O  O   . HOH D 4 .   ? 5.833   0.309   -7.022  1.00 15.56 ? 188 HOH A O   1 
HETATM 1259 O  O   . HOH D 4 .   ? 1.271   -3.819  14.362  1.00 16.62 ? 189 HOH A O   1 
HETATM 1260 O  O   . HOH D 4 .   ? 13.930  -0.594  18.491  1.00 21.37 ? 190 HOH A O   1 
HETATM 1261 O  O   . HOH D 4 .   ? 14.562  1.631   17.072  0.91 14.52 ? 191 HOH A O   1 
HETATM 1262 O  O   . HOH D 4 .   ? 3.471   15.002  -16.295 0.91 16.41 ? 192 HOH A O   1 
HETATM 1263 O  O   . HOH D 4 .   ? -4.111  -7.482  11.237  0.73 15.43 ? 193 HOH A O   1 
HETATM 1264 O  O   . HOH D 4 .   ? 2.029   -2.143  19.795  0.86 18.09 ? 194 HOH A O   1 
HETATM 1265 O  O   . HOH D 4 .   ? 3.144   16.904  -11.787 1.00 29.18 ? 195 HOH A O   1 
HETATM 1266 O  O   . HOH D 4 .   ? -0.177  0.973   22.523  0.81 14.68 ? 196 HOH A O   1 
HETATM 1267 O  O   . HOH D 4 .   ? -9.423  9.122   -9.342  0.89 23.16 ? 197 HOH A O   1 
HETATM 1268 O  O   . HOH D 4 .   ? 8.003   6.573   20.245  1.00 11.68 ? 198 HOH A O   1 
HETATM 1269 O  O   . HOH D 4 .   ? 12.250  -3.268  15.648  1.00 18.41 ? 199 HOH A O   1 
HETATM 1270 O  O   . HOH D 4 .   ? 10.449  -2.554  -9.793  0.60 15.09 ? 200 HOH A O   1 
HETATM 1271 O  O   . HOH D 4 .   ? 3.435   10.793  4.440   1.00 21.83 ? 201 HOH A O   1 
HETATM 1272 O  O   . HOH D 4 .   ? -9.649  10.667  -15.270 1.00 25.70 ? 202 HOH A O   1 
HETATM 1273 O  O   . HOH D 4 .   ? 7.376   0.764   -8.883  1.00 16.98 ? 203 HOH A O   1 
HETATM 1274 O  O   . HOH D 4 .   ? 3.603   -4.012  15.850  1.00 22.62 ? 204 HOH A O   1 
HETATM 1275 O  O   . HOH D 4 .   ? 2.138   -12.421 10.089  1.00 29.99 ? 205 HOH A O   1 
HETATM 1276 O  O   . HOH D 4 .   ? 14.310  7.156   -9.189  1.00 30.45 ? 206 HOH A O   1 
HETATM 1277 O  O   . HOH D 4 .   ? 6.135   -13.226 7.530   0.96 22.63 ? 207 HOH A O   1 
HETATM 1278 O  O   . HOH D 4 .   ? 10.816  3.839   -17.623 0.58 15.42 ? 208 HOH A O   1 
HETATM 1279 O  O   . HOH D 4 .   ? 4.599   -9.916  10.874  1.00 20.28 ? 209 HOH A O   1 
HETATM 1280 O  O   . HOH D 4 .   ? -1.181  2.657   20.352  0.97 29.20 ? 210 HOH A O   1 
HETATM 1281 O  O   . HOH D 4 .   ? -0.593  10.099  -18.222 0.92 31.88 ? 211 HOH A O   1 
HETATM 1282 O  O   . HOH D 4 .   ? 4.113   15.059  -20.503 0.80 22.66 ? 212 HOH A O   1 
HETATM 1283 O  O   . HOH D 4 .   ? 3.602   -15.329 7.366   0.79 29.08 ? 213 HOH A O   1 
HETATM 1284 O  O   . HOH D 4 .   ? 4.337   16.115  -5.065  0.87 29.43 ? 214 HOH A O   1 
HETATM 1285 O  O   . HOH D 4 .   ? -7.880  8.713   -2.014  0.88 17.65 ? 215 HOH A O   1 
HETATM 1286 O  O   . HOH D 4 .   ? 16.026  5.634   8.600   1.00 33.90 ? 216 HOH A O   1 
HETATM 1287 O  O   . HOH D 4 .   ? 4.217   17.676  -15.944 0.68 21.91 ? 217 HOH A O   1 
HETATM 1288 O  O   . HOH D 4 .   ? 11.349  1.134   -16.389 0.69 16.56 ? 218 HOH A O   1 
HETATM 1289 O  O   . HOH D 4 .   ? -8.255  -2.759  18.249  0.63 24.64 ? 219 HOH A O   1 
HETATM 1290 O  O   . HOH D 4 .   ? 8.618   3.385   -14.290 0.89 24.20 ? 220 HOH A O   1 
HETATM 1291 O  O   . HOH D 4 .   ? 2.234   14.279  -18.710 0.87 23.10 ? 221 HOH A O   1 
HETATM 1292 O  O   . HOH D 4 .   ? 5.533   17.380  -11.031 1.00 28.48 ? 222 HOH A O   1 
HETATM 1293 O  O   . HOH D 4 .   ? 6.467   6.499   -19.408 1.00 15.48 ? 223 HOH A O   1 
HETATM 1294 O  O   . HOH D 4 .   ? -10.788 12.941  -15.473 1.00 19.15 ? 224 HOH A O   1 
HETATM 1295 O  O   . HOH D 4 .   ? 11.017  -8.025  -4.960  1.00 15.67 ? 225 HOH A O   1 
HETATM 1296 O  O   . HOH D 4 .   ? -11.048 -8.599  0.209   1.00 16.75 ? 226 HOH A O   1 
HETATM 1297 O  O   . HOH D 4 .   ? 9.962   -0.856  -18.818 1.00 19.64 ? 227 HOH A O   1 
HETATM 1298 O  O   . HOH D 4 .   ? -3.026  13.345  -12.617 0.89 19.71 ? 228 HOH A O   1 
HETATM 1299 O  O   . HOH D 4 .   ? 8.210   -5.512  -22.322 0.74 14.41 ? 229 HOH A O   1 
HETATM 1300 O  O   . HOH D 4 .   ? 11.680  -9.616  -9.961  1.00 20.42 ? 230 HOH A O   1 
HETATM 1301 O  O   . HOH D 4 .   ? -3.638  7.368   16.332  1.00 26.74 ? 231 HOH A O   1 
HETATM 1302 O  O   . HOH D 4 .   ? -0.029  -20.656 -10.254 0.79 23.76 ? 232 HOH A O   1 
HETATM 1303 O  O   . HOH D 4 .   ? 6.041   -0.381  -19.653 0.94 17.51 ? 233 HOH A O   1 
HETATM 1304 O  O   . HOH D 4 .   ? -8.243  13.979  -9.323  0.78 18.24 ? 234 HOH A O   1 
HETATM 1305 O  O   . HOH D 4 .   ? -11.024 3.034   11.490  1.00 22.72 ? 235 HOH A O   1 
HETATM 1306 O  O   . HOH D 4 .   ? -2.265  -6.437  -19.390 1.00 23.19 ? 236 HOH A O   1 
HETATM 1307 O  O   . HOH D 4 .   ? -0.400  8.086   7.514   1.00 22.63 ? 237 HOH A O   1 
HETATM 1308 O  O   . HOH D 4 .   ? -4.151  0.290   -18.334 0.88 17.91 ? 238 HOH A O   1 
HETATM 1309 O  O   . HOH D 4 .   ? 5.592   -5.788  15.472  1.00 29.95 ? 239 HOH A O   1 
HETATM 1310 O  O   . HOH D 4 .   ? 1.908   -0.936  22.287  0.65 17.47 ? 240 HOH A O   1 
HETATM 1311 O  O   . HOH D 4 .   ? 11.426  -9.405  -6.971  0.81 26.39 ? 241 HOH A O   1 
HETATM 1312 O  O   . HOH D 4 .   ? 4.783   -5.226  -23.654 0.89 22.43 ? 242 HOH A O   1 
HETATM 1313 O  O   . HOH D 4 .   ? -12.114 -9.721  -3.152  1.00 25.45 ? 243 HOH A O   1 
HETATM 1314 O  O   . HOH D 4 .   ? -8.594  -8.845  -17.442 0.99 36.89 ? 244 HOH A O   1 
HETATM 1315 O  O   . HOH D 4 .   ? -11.486 5.640   -1.148  0.84 24.10 ? 245 HOH A O   1 
HETATM 1316 O  O   . HOH D 4 .   ? -7.208  2.453   -17.264 0.89 25.97 ? 246 HOH A O   1 
HETATM 1317 O  O   . HOH D 4 .   ? -7.915  11.172  -3.512  0.81 22.77 ? 247 HOH A O   1 
HETATM 1318 O  O   . HOH D 4 .   ? 0.983   10.126  8.497   1.00 30.86 ? 248 HOH A O   1 
HETATM 1319 O  O   . HOH D 4 .   ? -1.617  -11.464 10.049  1.00 29.02 ? 249 HOH A O   1 
HETATM 1320 O  O   . HOH D 4 .   ? 22.640  -10.756 -4.925  1.00 36.08 ? 250 HOH A O   1 
HETATM 1321 O  O   . HOH D 4 .   ? 13.048  -5.657  15.147  0.84 26.49 ? 251 HOH A O   1 
HETATM 1322 O  O   . HOH D 4 .   ? 14.925  -2.071  12.356  0.82 22.75 ? 252 HOH A O   1 
HETATM 1323 O  O   . HOH D 4 .   ? 0.494   -14.749 -6.423  0.83 25.99 ? 253 HOH A O   1 
HETATM 1324 O  O   . HOH D 4 .   ? 15.415  10.139  8.197   1.00 37.67 ? 254 HOH A O   1 
HETATM 1325 O  O   . HOH D 4 .   ? 8.437   15.131  -0.240  1.00 38.02 ? 255 HOH A O   1 
HETATM 1326 O  O   . HOH D 4 .   ? 11.720  11.901  11.200  1.00 33.69 ? 256 HOH A O   1 
HETATM 1327 O  O   . HOH D 4 .   ? -11.444 -0.443  -13.008 0.89 38.13 ? 257 HOH A O   1 
HETATM 1328 O  O   . HOH D 4 .   ? -3.835  -9.760  -20.567 0.90 34.50 ? 258 HOH A O   1 
HETATM 1329 O  O   . HOH D 4 .   ? -13.324 -9.791  12.502  1.00 39.24 ? 259 HOH A O   1 
HETATM 1330 O  O   . HOH D 4 .   ? -5.942  -12.692 -8.107  0.97 39.60 ? 260 HOH A O   1 
HETATM 1331 O  O   . HOH D 4 .   ? 14.865  -2.639  17.260  0.76 27.07 ? 261 HOH A O   1 
HETATM 1332 O  O   . HOH D 4 .   ? -9.419  13.113  -3.698  1.00 39.44 ? 262 HOH A O   1 
HETATM 1333 O  O   . HOH D 4 .   ? -10.764 8.053   4.802   0.98 37.05 ? 263 HOH A O   1 
HETATM 1334 O  O   . HOH D 4 .   ? 1.554   -14.602 8.214   1.00 38.09 ? 264 HOH A O   1 
HETATM 1335 O  O   . HOH D 4 .   ? -5.935  12.824  -2.548  1.00 48.34 ? 265 HOH A O   1 
HETATM 1336 O  O   . HOH D 4 .   ? -13.542 -10.331 -5.684  0.99 37.25 ? 266 HOH A O   1 
HETATM 1337 O  O   . HOH D 4 .   ? 7.525   16.713  0.638   1.00 50.22 ? 267 HOH A O   1 
HETATM 1338 O  O   . HOH D 4 .   ? 5.017   -9.327  -18.803 0.93 34.24 ? 268 HOH A O   1 
HETATM 1339 O  O   . HOH D 4 .   ? 6.035   17.644  -3.040  0.62 28.17 ? 269 HOH A O   1 
HETATM 1340 O  O   . HOH D 4 .   ? -4.846  13.431  -14.283 1.00 42.76 ? 270 HOH A O   1 
HETATM 1341 O  O   . HOH D 4 .   ? -1.148  17.562  2.222   1.00 45.53 ? 271 HOH A O   1 
HETATM 1342 O  O   . HOH D 4 .   ? -18.263 -2.666  5.336   1.00 35.00 ? 272 HOH A O   1 
HETATM 1343 O  O   . HOH D 4 .   ? -7.034  15.037  -14.516 1.00 37.59 ? 273 HOH A O   1 
HETATM 1344 O  O   . HOH D 4 .   ? -10.479 -6.656  -4.126  0.92 21.02 ? 274 HOH A O   1 
HETATM 1345 O  O   . HOH D 4 .   ? 11.854  0.703   -20.322 0.78 29.71 ? 275 HOH A O   1 
HETATM 1346 O  O   . HOH D 4 .   ? 6.346   18.220  1.948   1.00 38.10 ? 276 HOH A O   1 
HETATM 1347 O  O   . HOH D 4 .   ? -0.597  -7.489  -21.421 1.00 39.19 ? 277 HOH A O   1 
HETATM 1348 O  O   . HOH D 4 .   ? 7.869   10.201  -1.982  0.62 19.80 ? 278 HOH A O   1 
HETATM 1349 O  O   . HOH D 4 .   ? -5.972  17.353  -14.899 0.97 38.29 ? 279 HOH A O   1 
HETATM 1350 O  O   . HOH D 4 .   ? 4.356   -8.497  14.918  1.00 47.58 ? 280 HOH A O   1 
HETATM 1351 O  O   . HOH D 4 .   ? -5.355  -14.289 9.166   1.00 38.01 ? 281 HOH A O   1 
HETATM 1352 O  O   . HOH D 4 .   ? 5.473   -7.818  -20.671 1.00 53.57 ? 282 HOH A O   1 
HETATM 1353 O  O   . HOH D 4 .   ? -4.849  -15.955 -11.061 0.96 41.79 ? 283 HOH A O   1 
HETATM 1354 O  O   . HOH D 4 .   ? 9.783   8.284   -0.446  1.00 39.91 ? 284 HOH A O   1 
HETATM 1355 O  O   . HOH D 4 .   ? -20.308 -6.770  11.157  1.00 34.18 ? 285 HOH A O   1 
HETATM 1356 O  O   . HOH D 4 .   ? 8.462   -1.362  -10.089 0.50 54.37 ? 286 HOH A O   1 
HETATM 1357 O  O   . HOH D 4 .   ? -8.284  10.557  2.639   1.00 35.16 ? 287 HOH A O   1 
HETATM 1358 O  O   . HOH D 4 .   ? 2.062   -19.052 -13.213 1.00 35.75 ? 288 HOH A O   1 
HETATM 1359 O  O   . HOH D 4 .   ? 25.237  -4.955  -6.393  1.00 31.97 ? 289 HOH A O   1 
HETATM 1360 O  O   . HOH D 4 .   ? 12.292  2.237   -18.409 1.00 28.39 ? 290 HOH A O   1 
HETATM 1361 O  O   . HOH D 4 .   ? -9.181  5.038   -8.705  1.00 27.75 ? 291 HOH A O   1 
HETATM 1362 O  O   . HOH D 4 .   ? 21.293  -13.503 3.927   1.00 35.53 ? 292 HOH A O   1 
HETATM 1363 O  O   . HOH D 4 .   ? -9.196  -4.819  19.008  1.00 44.06 ? 293 HOH A O   1 
HETATM 1364 O  O   . HOH D 4 .   ? -4.874  11.014  -0.002  1.00 53.72 ? 294 HOH A O   1 
HETATM 1365 O  O   . HOH D 4 .   ? -10.048 12.038  -5.719  0.50 35.77 ? 295 HOH A O   1 
HETATM 1366 O  O   . HOH D 4 .   ? 2.229   17.230  1.621   1.00 33.51 ? 296 HOH A O   1 
HETATM 1367 O  O   . HOH D 4 .   ? -0.687  -15.773 7.462   1.00 39.56 ? 297 HOH A O   1 
HETATM 1368 O  O   . HOH D 4 .   ? -0.313  11.704  10.334  1.00 44.40 ? 298 HOH A O   1 
HETATM 1369 O  O   . HOH D 4 .   ? -8.073  9.206   4.654   1.00 41.32 ? 299 HOH A O   1 
HETATM 1370 O  O   . HOH D 4 .   ? 1.742   11.538  5.785   1.00 36.12 ? 300 HOH A O   1 
HETATM 1371 O  O   . HOH D 4 .   ? 9.808   18.400  0.965   1.00 40.76 ? 301 HOH A O   1 
HETATM 1372 O  O   . HOH D 4 .   ? 1.715   14.452  6.661   1.00 38.90 ? 302 HOH A O   1 
HETATM 1373 O  O   . HOH D 4 .   ? -6.821  4.353   18.745  1.00 34.87 ? 303 HOH A O   1 
HETATM 1374 O  O   . HOH D 4 .   ? 12.953  -3.381  12.857  1.00 33.65 ? 304 HOH A O   1 
HETATM 1375 O  O   . HOH D 4 .   ? -5.408  -12.345 -10.733 1.00 33.08 ? 305 HOH A O   1 
HETATM 1376 O  O   . HOH D 4 .   ? 10.342  14.305  11.705  1.00 38.26 ? 306 HOH A O   1 
HETATM 1377 O  O   . HOH D 4 .   ? 10.604  17.007  -3.190  1.00 22.53 ? 307 HOH A O   1 
HETATM 1378 O  O   . HOH D 4 .   ? 2.415   8.030   4.344   1.00 32.79 ? 308 HOH A O   1 
HETATM 1379 O  O   . HOH D 4 .   ? 20.227  -12.775 -1.561  1.00 46.07 ? 309 HOH A O   1 
HETATM 1380 O  O   . HOH D 4 .   ? -0.186  10.829  3.904   1.00 59.06 ? 310 HOH A O   1 
HETATM 1381 O  O   . HOH D 4 .   ? -12.816 6.130   8.024   1.00 39.07 ? 311 HOH A O   1 
HETATM 1382 O  O   . HOH D 4 .   ? -2.928  -10.196 -0.047  1.00 20.32 ? 312 HOH A O   1 
HETATM 1383 O  O   . HOH D 4 .   ? -7.609  -8.453  9.960   1.00 25.04 ? 313 HOH A O   1 
HETATM 1384 O  O   . HOH D 4 .   ? 0.684   -9.665  -20.459 1.00 34.27 ? 314 HOH A O   1 
HETATM 1385 O  O   . HOH D 4 .   ? 1.703   17.876  3.980   1.00 46.77 ? 315 HOH A O   1 
HETATM 1386 O  O   . HOH D 4 .   ? 3.461   18.769  -13.933 1.00 45.01 ? 316 HOH A O   1 
HETATM 1387 O  O   . HOH D 4 .   ? 1.758   -4.674  -5.483  1.00 30.79 ? 317 HOH A O   1 
HETATM 1388 O  O   . HOH D 4 .   ? 2.442   -4.030  -3.701  1.00 34.77 ? 318 HOH A O   1 
# 
loop_
_pdbx_poly_seq_scheme.asym_id 
_pdbx_poly_seq_scheme.entity_id 
_pdbx_poly_seq_scheme.seq_id 
_pdbx_poly_seq_scheme.mon_id 
_pdbx_poly_seq_scheme.ndb_seq_num 
_pdbx_poly_seq_scheme.pdb_seq_num 
_pdbx_poly_seq_scheme.auth_seq_num 
_pdbx_poly_seq_scheme.pdb_mon_id 
_pdbx_poly_seq_scheme.auth_mon_id 
_pdbx_poly_seq_scheme.pdb_strand_id 
_pdbx_poly_seq_scheme.pdb_ins_code 
_pdbx_poly_seq_scheme.hetero 
A 1 1   MET 1   1   ?   ?   ?   A . n 
A 1 2   ALA 2   2   ?   ?   ?   A . n 
A 1 3   GLU 3   3   3   GLU GLU A . n 
A 1 4   THR 4   4   4   THR THR A . n 
A 1 5   PHE 5   5   5   PHE PHE A . n 
A 1 6   LYS 6   6   6   LYS LYS A . n 
A 1 7   ILE 7   7   7   ILE ILE A . n 
A 1 8   ARG 8   8   8   ARG ARG A . n 
A 1 9   LYS 9   9   9   LYS LYS A . n 
A 1 10  LEU 10  10  10  LEU LEU A . n 
A 1 11  GLU 11  11  11  GLU GLU A . n 
A 1 12  ILE 12  12  12  ILE ILE A . n 
A 1 13  SER 13  13  13  SER SER A . n 
A 1 14  ASP 14  14  14  ASP ASP A . n 
A 1 15  LYS 15  15  15  LYS LYS A . n 
A 1 16  ARG 16  16  16  ARG ARG A . n 
A 1 17  LYS 17  17  17  LYS LYS A . n 
A 1 18  GLY 18  18  18  GLY GLY A . n 
A 1 19  PHE 19  19  19  PHE PHE A . n 
A 1 20  ILE 20  20  20  ILE ILE A . n 
A 1 21  GLU 21  21  21  GLU GLU A . n 
A 1 22  LEU 22  22  22  LEU LEU A . n 
A 1 23  LEU 23  23  23  LEU LEU A . n 
A 1 24  GLY 24  24  24  GLY GLY A . n 
A 1 25  GLN 25  25  25  GLN GLN A . n 
A 1 26  LEU 26  26  26  LEU LEU A . n 
A 1 27  THR 27  27  27  THR THR A . n 
A 1 28  VAL 28  28  28  VAL VAL A . n 
A 1 29  THR 29  29  29  THR THR A . n 
A 1 30  GLY 30  30  30  GLY GLY A . n 
A 1 31  SER 31  31  31  SER SER A . n 
A 1 32  VAL 32  32  32  VAL VAL A . n 
A 1 33  THR 33  33  33  THR THR A . n 
A 1 34  ASP 34  34  34  ASP ASP A . n 
A 1 35  GLU 35  35  35  GLU GLU A . n 
A 1 36  GLU 36  36  36  GLU GLU A . n 
A 1 37  PHE 37  37  37  PHE PHE A . n 
A 1 38  ASP 38  38  38  ASP ASP A . n 
A 1 39  ARG 39  39  39  ARG ARG A . n 
A 1 40  ARG 40  40  40  ARG ARG A . n 
A 1 41  PHE 41  41  41  PHE PHE A . n 
A 1 42  GLU 42  42  42  GLU GLU A . n 
A 1 43  GLU 43  43  43  GLU GLU A . n 
A 1 44  ILE 44  44  44  ILE ILE A . n 
A 1 45  ARG 45  45  45  ARG ARG A . n 
A 1 46  SER 46  46  46  SER SER A . n 
A 1 47  TYR 47  47  47  TYR TYR A . n 
A 1 48  GLY 48  48  48  GLY GLY A . n 
A 1 49  ASP 49  49  49  ASP ASP A . n 
A 1 50  ASP 50  50  50  ASP ASP A . n 
A 1 51  HIS 51  51  51  HIS HIS A . n 
A 1 52  VAL 52  52  52  VAL VAL A . n 
A 1 53  ILE 53  53  53  ILE ILE A . n 
A 1 54  CYS 54  54  54  CYS CYS A . n 
A 1 55  VAL 55  55  55  VAL VAL A . n 
A 1 56  ILE 56  56  56  ILE ILE A . n 
A 1 57  GLU 57  57  57  GLU GLU A . n 
A 1 58  GLU 58  58  58  GLU GLU A . n 
A 1 59  GLU 59  59  59  GLU GLU A . n 
A 1 60  THR 60  60  60  THR THR A . n 
A 1 61  SER 61  61  61  SER SER A . n 
A 1 62  GLY 62  62  62  GLY GLY A . n 
A 1 63  LYS 63  63  63  LYS LYS A . n 
A 1 64  ILE 64  64  64  ILE ILE A . n 
A 1 65  ALA 65  65  65  ALA ALA A . n 
A 1 66  ALA 66  66  66  ALA ALA A . n 
A 1 67  THR 67  67  67  THR THR A . n 
A 1 68  GLY 68  68  68  GLY GLY A . n 
A 1 69  SER 69  69  69  SER SER A . n 
A 1 70  VAL 70  70  70  VAL VAL A . n 
A 1 71  MET 71  71  71  MET MET A . n 
A 1 72  ILE 72  72  72  ILE ILE A . n 
A 1 73  GLU 73  73  73  GLU GLU A . n 
A 1 74  LYS 74  74  74  LYS LYS A . n 
A 1 75  LYS 75  75  75  LYS LYS A . n 
A 1 76  PHE 76  76  76  PHE PHE A . n 
A 1 77  LEU 77  77  77  LEU LEU A . n 
A 1 78  ARG 78  78  78  ARG ARG A . n 
A 1 79  ASN 79  79  79  ASN ASN A . n 
A 1 80  CYS 80  80  80  CYS CYS A . n 
A 1 81  GLY 81  81  81  GLY GLY A . n 
A 1 82  LYS 82  82  82  LYS LYS A . n 
A 1 83  ALA 83  83  83  ALA ALA A . n 
A 1 84  GLY 84  84  84  GLY GLY A . n 
A 1 85  HIS 85  85  85  HIS HIS A . n 
A 1 86  ILE 86  86  86  ILE ILE A . n 
A 1 87  GLU 87  87  87  GLU GLU A . n 
A 1 88  ASP 88  88  88  ASP ASP A . n 
A 1 89  VAL 89  89  89  VAL VAL A . n 
A 1 90  VAL 90  90  90  VAL VAL A . n 
A 1 91  VAL 91  91  91  VAL VAL A . n 
A 1 92  ASP 92  92  92  ASP ASP A . n 
A 1 93  SER 93  93  93  SER SER A . n 
A 1 94  ARG 94  94  94  ARG ARG A . n 
A 1 95  PHE 95  95  95  PHE PHE A . n 
A 1 96  ARG 96  96  96  ARG ARG A . n 
A 1 97  GLY 97  97  97  GLY GLY A . n 
A 1 98  LYS 98  98  98  LYS LYS A . n 
A 1 99  GLN 99  99  99  GLN GLN A . n 
A 1 100 LEU 100 100 100 LEU LEU A . n 
A 1 101 GLY 101 101 101 GLY GLY A . n 
A 1 102 LYS 102 102 102 LYS LYS A . n 
A 1 103 LYS 103 103 103 LYS LYS A . n 
A 1 104 VAL 104 104 104 VAL VAL A . n 
A 1 105 VAL 105 105 105 VAL VAL A . n 
A 1 106 GLU 106 106 106 GLU GLU A . n 
A 1 107 PHE 107 107 107 PHE PHE A . n 
A 1 108 LEU 108 108 108 LEU LEU A . n 
A 1 109 MET 109 109 109 MET MET A . n 
A 1 110 ASP 110 110 110 ASP ASP A . n 
A 1 111 HIS 111 111 111 HIS HIS A . n 
A 1 112 CYS 112 112 112 CYS CYS A . n 
A 1 113 LYS 113 113 113 LYS LYS A . n 
A 1 114 SER 114 114 114 SER SER A . n 
A 1 115 MET 115 115 115 MET MET A . n 
A 1 116 GLY 116 116 116 GLY GLY A . n 
A 1 117 CYS 117 117 117 CYS CYS A . n 
A 1 118 TYR 118 118 118 TYR TYR A . n 
A 1 119 LYS 119 119 119 LYS LYS A . n 
A 1 120 VAL 120 120 120 VAL VAL A . n 
A 1 121 ILE 121 121 121 ILE ILE A . n 
A 1 122 LEU 122 122 122 LEU LEU A . n 
A 1 123 ASP 123 123 123 ASP ASP A . n 
A 1 124 CYS 124 124 124 CYS CYS A . n 
A 1 125 SER 125 125 125 SER SER A . n 
A 1 126 VAL 126 126 126 VAL VAL A . n 
A 1 127 GLU 127 127 127 GLU GLU A . n 
A 1 128 ASN 128 128 128 ASN ASN A . n 
A 1 129 LYS 129 129 129 LYS LYS A . n 
A 1 130 VAL 130 130 130 VAL VAL A . n 
A 1 131 PHE 131 131 131 PHE PHE A . n 
A 1 132 TYR 132 132 132 TYR TYR A . n 
A 1 133 GLU 133 133 133 GLU GLU A . n 
A 1 134 LYS 134 134 134 LYS LYS A . n 
A 1 135 CYS 135 135 135 CYS CYS A . n 
A 1 136 GLY 136 136 136 GLY GLY A . n 
A 1 137 MET 137 137 137 MET MET A . n 
A 1 138 SER 138 138 138 SER SER A . n 
A 1 139 ASN 139 139 139 ASN ASN A . n 
A 1 140 LYS 140 140 140 LYS LYS A . n 
A 1 141 SER 141 141 141 SER SER A . n 
A 1 142 ILE 142 142 142 ILE ILE A . n 
A 1 143 GLN 143 143 143 GLN GLN A . n 
A 1 144 MET 144 144 144 MET MET A . n 
A 1 145 SER 145 145 145 SER SER A . n 
A 1 146 LYS 146 146 146 LYS LYS A . n 
A 1 147 TYR 147 147 147 TYR TYR A . n 
A 1 148 PHE 148 148 148 PHE PHE A . n 
A 1 149 ASP 149 149 149 ASP ASP A . n 
# 
loop_
_pdbx_nonpoly_scheme.asym_id 
_pdbx_nonpoly_scheme.entity_id 
_pdbx_nonpoly_scheme.mon_id 
_pdbx_nonpoly_scheme.ndb_seq_num 
_pdbx_nonpoly_scheme.pdb_seq_num 
_pdbx_nonpoly_scheme.auth_seq_num 
_pdbx_nonpoly_scheme.pdb_mon_id 
_pdbx_nonpoly_scheme.auth_mon_id 
_pdbx_nonpoly_scheme.pdb_strand_id 
_pdbx_nonpoly_scheme.pdb_ins_code 
B 2 EPE 1   150 1   EPE EPE A . 
C 3 NA  1   151 1   NA  NA  A . 
D 4 HOH 1   152 152 HOH HOH A . 
D 4 HOH 2   153 153 HOH HOH A . 
D 4 HOH 3   154 154 HOH HOH A . 
D 4 HOH 4   155 155 HOH HOH A . 
D 4 HOH 5   156 156 HOH HOH A . 
D 4 HOH 6   157 157 HOH HOH A . 
D 4 HOH 7   158 158 HOH HOH A . 
D 4 HOH 8   159 159 HOH HOH A . 
D 4 HOH 9   160 160 HOH HOH A . 
D 4 HOH 10  161 161 HOH HOH A . 
D 4 HOH 11  162 1   HOH HOH A . 
D 4 HOH 12  163 163 HOH HOH A . 
D 4 HOH 13  164 164 HOH HOH A . 
D 4 HOH 14  165 2   HOH HOH A . 
D 4 HOH 15  166 166 HOH HOH A . 
D 4 HOH 16  167 167 HOH HOH A . 
D 4 HOH 17  168 168 HOH HOH A . 
D 4 HOH 18  169 169 HOH HOH A . 
D 4 HOH 19  170 3   HOH HOH A . 
D 4 HOH 20  171 4   HOH HOH A . 
D 4 HOH 21  172 5   HOH HOH A . 
D 4 HOH 22  173 6   HOH HOH A . 
D 4 HOH 23  174 7   HOH HOH A . 
D 4 HOH 24  175 8   HOH HOH A . 
D 4 HOH 25  176 9   HOH HOH A . 
D 4 HOH 26  177 10  HOH HOH A . 
D 4 HOH 27  178 11  HOH HOH A . 
D 4 HOH 28  179 12  HOH HOH A . 
D 4 HOH 29  180 13  HOH HOH A . 
D 4 HOH 30  181 14  HOH HOH A . 
D 4 HOH 31  182 15  HOH HOH A . 
D 4 HOH 32  183 16  HOH HOH A . 
D 4 HOH 33  184 17  HOH HOH A . 
D 4 HOH 34  185 18  HOH HOH A . 
D 4 HOH 35  186 19  HOH HOH A . 
D 4 HOH 36  187 20  HOH HOH A . 
D 4 HOH 37  188 21  HOH HOH A . 
D 4 HOH 38  189 22  HOH HOH A . 
D 4 HOH 39  190 23  HOH HOH A . 
D 4 HOH 40  191 24  HOH HOH A . 
D 4 HOH 41  192 25  HOH HOH A . 
D 4 HOH 42  193 26  HOH HOH A . 
D 4 HOH 43  194 27  HOH HOH A . 
D 4 HOH 44  195 28  HOH HOH A . 
D 4 HOH 45  196 29  HOH HOH A . 
D 4 HOH 46  197 30  HOH HOH A . 
D 4 HOH 47  198 31  HOH HOH A . 
D 4 HOH 48  199 32  HOH HOH A . 
D 4 HOH 49  200 33  HOH HOH A . 
D 4 HOH 50  201 34  HOH HOH A . 
D 4 HOH 51  202 35  HOH HOH A . 
D 4 HOH 52  203 36  HOH HOH A . 
D 4 HOH 53  204 37  HOH HOH A . 
D 4 HOH 54  205 38  HOH HOH A . 
D 4 HOH 55  206 39  HOH HOH A . 
D 4 HOH 56  207 40  HOH HOH A . 
D 4 HOH 57  208 41  HOH HOH A . 
D 4 HOH 58  209 42  HOH HOH A . 
D 4 HOH 59  210 43  HOH HOH A . 
D 4 HOH 60  211 44  HOH HOH A . 
D 4 HOH 61  212 45  HOH HOH A . 
D 4 HOH 62  213 46  HOH HOH A . 
D 4 HOH 63  214 47  HOH HOH A . 
D 4 HOH 64  215 48  HOH HOH A . 
D 4 HOH 65  216 49  HOH HOH A . 
D 4 HOH 66  217 50  HOH HOH A . 
D 4 HOH 67  218 51  HOH HOH A . 
D 4 HOH 68  219 52  HOH HOH A . 
D 4 HOH 69  220 53  HOH HOH A . 
D 4 HOH 70  221 54  HOH HOH A . 
D 4 HOH 71  222 55  HOH HOH A . 
D 4 HOH 72  223 56  HOH HOH A . 
D 4 HOH 73  224 57  HOH HOH A . 
D 4 HOH 74  225 58  HOH HOH A . 
D 4 HOH 75  226 59  HOH HOH A . 
D 4 HOH 76  227 60  HOH HOH A . 
D 4 HOH 77  228 61  HOH HOH A . 
D 4 HOH 78  229 62  HOH HOH A . 
D 4 HOH 79  230 63  HOH HOH A . 
D 4 HOH 80  231 64  HOH HOH A . 
D 4 HOH 81  232 65  HOH HOH A . 
D 4 HOH 82  233 66  HOH HOH A . 
D 4 HOH 83  234 67  HOH HOH A . 
D 4 HOH 84  235 68  HOH HOH A . 
D 4 HOH 85  236 69  HOH HOH A . 
D 4 HOH 86  237 70  HOH HOH A . 
D 4 HOH 87  238 71  HOH HOH A . 
D 4 HOH 88  239 72  HOH HOH A . 
D 4 HOH 89  240 73  HOH HOH A . 
D 4 HOH 90  241 74  HOH HOH A . 
D 4 HOH 91  242 75  HOH HOH A . 
D 4 HOH 92  243 76  HOH HOH A . 
D 4 HOH 93  244 77  HOH HOH A . 
D 4 HOH 94  245 78  HOH HOH A . 
D 4 HOH 95  246 79  HOH HOH A . 
D 4 HOH 96  247 80  HOH HOH A . 
D 4 HOH 97  248 81  HOH HOH A . 
D 4 HOH 98  249 82  HOH HOH A . 
D 4 HOH 99  250 83  HOH HOH A . 
D 4 HOH 100 251 84  HOH HOH A . 
D 4 HOH 101 252 85  HOH HOH A . 
D 4 HOH 102 253 86  HOH HOH A . 
D 4 HOH 103 254 87  HOH HOH A . 
D 4 HOH 104 255 88  HOH HOH A . 
D 4 HOH 105 256 89  HOH HOH A . 
D 4 HOH 106 257 90  HOH HOH A . 
D 4 HOH 107 258 91  HOH HOH A . 
D 4 HOH 108 259 92  HOH HOH A . 
D 4 HOH 109 260 93  HOH HOH A . 
D 4 HOH 110 261 94  HOH HOH A . 
D 4 HOH 111 262 95  HOH HOH A . 
D 4 HOH 112 263 96  HOH HOH A . 
D 4 HOH 113 264 97  HOH HOH A . 
D 4 HOH 114 265 98  HOH HOH A . 
D 4 HOH 115 266 99  HOH HOH A . 
D 4 HOH 116 267 100 HOH HOH A . 
D 4 HOH 117 268 101 HOH HOH A . 
D 4 HOH 118 269 102 HOH HOH A . 
D 4 HOH 119 270 103 HOH HOH A . 
D 4 HOH 120 271 104 HOH HOH A . 
D 4 HOH 121 272 105 HOH HOH A . 
D 4 HOH 122 273 106 HOH HOH A . 
D 4 HOH 123 274 107 HOH HOH A . 
D 4 HOH 124 275 108 HOH HOH A . 
D 4 HOH 125 276 109 HOH HOH A . 
D 4 HOH 126 277 110 HOH HOH A . 
D 4 HOH 127 278 111 HOH HOH A . 
D 4 HOH 128 279 112 HOH HOH A . 
D 4 HOH 129 280 113 HOH HOH A . 
D 4 HOH 130 281 114 HOH HOH A . 
D 4 HOH 131 282 115 HOH HOH A . 
D 4 HOH 132 283 116 HOH HOH A . 
D 4 HOH 133 284 117 HOH HOH A . 
D 4 HOH 134 285 118 HOH HOH A . 
D 4 HOH 135 286 119 HOH HOH A . 
D 4 HOH 136 287 120 HOH HOH A . 
D 4 HOH 137 288 121 HOH HOH A . 
D 4 HOH 138 289 122 HOH HOH A . 
D 4 HOH 139 290 123 HOH HOH A . 
D 4 HOH 140 291 124 HOH HOH A . 
D 4 HOH 141 292 125 HOH HOH A . 
D 4 HOH 142 293 126 HOH HOH A . 
D 4 HOH 143 294 127 HOH HOH A . 
D 4 HOH 144 295 128 HOH HOH A . 
D 4 HOH 145 296 129 HOH HOH A . 
D 4 HOH 146 297 130 HOH HOH A . 
D 4 HOH 147 298 131 HOH HOH A . 
D 4 HOH 148 299 132 HOH HOH A . 
D 4 HOH 149 300 133 HOH HOH A . 
D 4 HOH 150 301 134 HOH HOH A . 
D 4 HOH 151 302 135 HOH HOH A . 
D 4 HOH 152 303 136 HOH HOH A . 
D 4 HOH 153 304 137 HOH HOH A . 
D 4 HOH 154 305 138 HOH HOH A . 
D 4 HOH 155 306 139 HOH HOH A . 
D 4 HOH 156 307 140 HOH HOH A . 
D 4 HOH 157 308 141 HOH HOH A . 
D 4 HOH 158 309 142 HOH HOH A . 
D 4 HOH 159 310 143 HOH HOH A . 
D 4 HOH 160 311 144 HOH HOH A . 
D 4 HOH 161 312 145 HOH HOH A . 
D 4 HOH 162 313 146 HOH HOH A . 
D 4 HOH 163 314 147 HOH HOH A . 
D 4 HOH 164 315 148 HOH HOH A . 
D 4 HOH 165 316 149 HOH HOH A . 
D 4 HOH 166 317 150 HOH HOH A . 
D 4 HOH 167 318 151 HOH HOH A . 
# 
_pdbx_struct_assembly.id                   1 
_pdbx_struct_assembly.details              author_and_software_defined_assembly 
_pdbx_struct_assembly.method_details       PISA 
_pdbx_struct_assembly.oligomeric_details   dimeric 
_pdbx_struct_assembly.oligomeric_count     2 
# 
_pdbx_struct_assembly_gen.assembly_id       1 
_pdbx_struct_assembly_gen.oper_expression   1,2 
_pdbx_struct_assembly_gen.asym_id_list      A,B,C,D 
# 
loop_
_pdbx_struct_assembly_prop.biol_id 
_pdbx_struct_assembly_prop.type 
_pdbx_struct_assembly_prop.value 
_pdbx_struct_assembly_prop.details 
1 'ABSA (A^2)' 6470  ? 
1 MORE         -57   ? 
1 'SSA (A^2)'  14020 ? 
# 
loop_
_pdbx_struct_oper_list.id 
_pdbx_struct_oper_list.type 
_pdbx_struct_oper_list.name 
_pdbx_struct_oper_list.symmetry_operation 
_pdbx_struct_oper_list.matrix[1][1] 
_pdbx_struct_oper_list.matrix[1][2] 
_pdbx_struct_oper_list.matrix[1][3] 
_pdbx_struct_oper_list.vector[1] 
_pdbx_struct_oper_list.matrix[2][1] 
_pdbx_struct_oper_list.matrix[2][2] 
_pdbx_struct_oper_list.matrix[2][3] 
_pdbx_struct_oper_list.vector[2] 
_pdbx_struct_oper_list.matrix[3][1] 
_pdbx_struct_oper_list.matrix[3][2] 
_pdbx_struct_oper_list.matrix[3][3] 
_pdbx_struct_oper_list.vector[3] 
1 'identity operation'         1_555 x,y,z       1.0000000000  0.0000000000 0.0000000000 0.0000000000  0.0000000000 1.0000000000 0.0000000000 0.0000000000 0.0000000000 0.0000000000 1.0000000000  0.0000000000   
2 'crystal symmetry operation' 2_656 -x+1,y,-z+1 -0.9483924150 0.2533191467 0.1907386615 18.7561736578 0.2533191467 0.2434333082 0.9362529756 6.2688965682 0.1907386615 0.9362529756 -0.2950408931 -13.4004943444 
# 
loop_
_pdbx_struct_special_symmetry.id 
_pdbx_struct_special_symmetry.PDB_model_num 
_pdbx_struct_special_symmetry.auth_asym_id 
_pdbx_struct_special_symmetry.auth_comp_id 
_pdbx_struct_special_symmetry.auth_seq_id 
_pdbx_struct_special_symmetry.PDB_ins_code 
_pdbx_struct_special_symmetry.label_asym_id 
_pdbx_struct_special_symmetry.label_comp_id 
_pdbx_struct_special_symmetry.label_seq_id 
1 1 A HOH 286 ? D HOH . 
2 1 A HOH 295 ? D HOH . 
# 
loop_
_pdbx_audit_revision_history.ordinal 
_pdbx_audit_revision_history.data_content_type 
_pdbx_audit_revision_history.major_revision 
_pdbx_audit_revision_history.minor_revision 
_pdbx_audit_revision_history.revision_date 
1 'Structure model' 1 0 2012-04-11 
2 'Structure model' 1 1 2023-09-13 
# 
_pdbx_audit_revision_details.ordinal             1 
_pdbx_audit_revision_details.revision_ordinal    1 
_pdbx_audit_revision_details.data_content_type   'Structure model' 
_pdbx_audit_revision_details.provider            repository 
_pdbx_audit_revision_details.type                'Initial release' 
_pdbx_audit_revision_details.description         ? 
_pdbx_audit_revision_details.details             ? 
# 
loop_
_pdbx_audit_revision_group.ordinal 
_pdbx_audit_revision_group.revision_ordinal 
_pdbx_audit_revision_group.data_content_type 
_pdbx_audit_revision_group.group 
1 2 'Structure model' 'Data collection'        
2 2 'Structure model' 'Database references'    
3 2 'Structure model' 'Derived calculations'   
4 2 'Structure model' 'Refinement description' 
# 
loop_
_pdbx_audit_revision_category.ordinal 
_pdbx_audit_revision_category.revision_ordinal 
_pdbx_audit_revision_category.data_content_type 
_pdbx_audit_revision_category.category 
1 2 'Structure model' chem_comp_atom                
2 2 'Structure model' chem_comp_bond                
3 2 'Structure model' database_2                    
4 2 'Structure model' pdbx_initial_refinement_model 
5 2 'Structure model' pdbx_struct_special_symmetry  
6 2 'Structure model' struct_site                   
# 
loop_
_pdbx_audit_revision_item.ordinal 
_pdbx_audit_revision_item.revision_ordinal 
_pdbx_audit_revision_item.data_content_type 
_pdbx_audit_revision_item.item 
1 2 'Structure model' '_database_2.pdbx_DOI'                
2 2 'Structure model' '_database_2.pdbx_database_accession' 
3 2 'Structure model' '_struct_site.pdbx_auth_asym_id'      
4 2 'Structure model' '_struct_site.pdbx_auth_comp_id'      
5 2 'Structure model' '_struct_site.pdbx_auth_seq_id'       
# 
loop_
_software.name 
_software.classification 
_software.version 
_software.citation_id 
_software.pdbx_ordinal 
HKL-2000  'data collection' .        ? 1 
MOLREP    phasing           .        ? 2 
REFMAC    refinement        5.5.0102 ? 3 
HKL-2000  'data reduction'  .        ? 4 
SCALEPACK 'data scaling'    .        ? 5 
# 
loop_
_pdbx_validate_close_contact.id 
_pdbx_validate_close_contact.PDB_model_num 
_pdbx_validate_close_contact.auth_atom_id_1 
_pdbx_validate_close_contact.auth_asym_id_1 
_pdbx_validate_close_contact.auth_comp_id_1 
_pdbx_validate_close_contact.auth_seq_id_1 
_pdbx_validate_close_contact.PDB_ins_code_1 
_pdbx_validate_close_contact.label_alt_id_1 
_pdbx_validate_close_contact.auth_atom_id_2 
_pdbx_validate_close_contact.auth_asym_id_2 
_pdbx_validate_close_contact.auth_comp_id_2 
_pdbx_validate_close_contact.auth_seq_id_2 
_pdbx_validate_close_contact.PDB_ins_code_2 
_pdbx_validate_close_contact.label_alt_id_2 
_pdbx_validate_close_contact.dist 
1 1 O A HOH 317 ? ? O A HOH 318 ? ? 2.01 
2 1 O A HOH 255 ? ? O A HOH 267 ? ? 2.03 
3 1 O A HIS 51  ? ? O A HOH 308 ? ? 2.06 
4 1 N A GLU 3   ? ? O A HOH 285 ? ? 2.10 
# 
loop_
_pdbx_validate_rmsd_bond.id 
_pdbx_validate_rmsd_bond.PDB_model_num 
_pdbx_validate_rmsd_bond.auth_atom_id_1 
_pdbx_validate_rmsd_bond.auth_asym_id_1 
_pdbx_validate_rmsd_bond.auth_comp_id_1 
_pdbx_validate_rmsd_bond.auth_seq_id_1 
_pdbx_validate_rmsd_bond.PDB_ins_code_1 
_pdbx_validate_rmsd_bond.label_alt_id_1 
_pdbx_validate_rmsd_bond.auth_atom_id_2 
_pdbx_validate_rmsd_bond.auth_asym_id_2 
_pdbx_validate_rmsd_bond.auth_comp_id_2 
_pdbx_validate_rmsd_bond.auth_seq_id_2 
_pdbx_validate_rmsd_bond.PDB_ins_code_2 
_pdbx_validate_rmsd_bond.label_alt_id_2 
_pdbx_validate_rmsd_bond.bond_value 
_pdbx_validate_rmsd_bond.bond_target_value 
_pdbx_validate_rmsd_bond.bond_deviation 
_pdbx_validate_rmsd_bond.bond_standard_deviation 
_pdbx_validate_rmsd_bond.linker_flag 
1 1 CB  A VAL 90  ? ? CG1 A VAL 90  ? ? 1.372 1.524 -0.152 0.021 N 
2 1 CE2 A TYR 147 ? ? CD2 A TYR 147 ? ? 1.489 1.389 0.100  0.015 N 
# 
loop_
_pdbx_validate_rmsd_angle.id 
_pdbx_validate_rmsd_angle.PDB_model_num 
_pdbx_validate_rmsd_angle.auth_atom_id_1 
_pdbx_validate_rmsd_angle.auth_asym_id_1 
_pdbx_validate_rmsd_angle.auth_comp_id_1 
_pdbx_validate_rmsd_angle.auth_seq_id_1 
_pdbx_validate_rmsd_angle.PDB_ins_code_1 
_pdbx_validate_rmsd_angle.label_alt_id_1 
_pdbx_validate_rmsd_angle.auth_atom_id_2 
_pdbx_validate_rmsd_angle.auth_asym_id_2 
_pdbx_validate_rmsd_angle.auth_comp_id_2 
_pdbx_validate_rmsd_angle.auth_seq_id_2 
_pdbx_validate_rmsd_angle.PDB_ins_code_2 
_pdbx_validate_rmsd_angle.label_alt_id_2 
_pdbx_validate_rmsd_angle.auth_atom_id_3 
_pdbx_validate_rmsd_angle.auth_asym_id_3 
_pdbx_validate_rmsd_angle.auth_comp_id_3 
_pdbx_validate_rmsd_angle.auth_seq_id_3 
_pdbx_validate_rmsd_angle.PDB_ins_code_3 
_pdbx_validate_rmsd_angle.label_alt_id_3 
_pdbx_validate_rmsd_angle.angle_value 
_pdbx_validate_rmsd_angle.angle_target_value 
_pdbx_validate_rmsd_angle.angle_deviation 
_pdbx_validate_rmsd_angle.angle_standard_deviation 
_pdbx_validate_rmsd_angle.linker_flag 
1 1 CB A ASP 38  ? ? CG A ASP 38  ? ? OD1 A ASP 38  ? ? 124.52 118.30 6.22   0.90 N 
2 1 CB A ASP 49  ? ? CG A ASP 49  ? ? OD2 A ASP 49  ? ? 124.47 118.30 6.17   0.90 N 
3 1 CD A LYS 146 ? ? CE A LYS 146 ? ? NZ  A LYS 146 ? ? 97.62  111.70 -14.08 2.30 N 
# 
loop_
_pdbx_validate_torsion.id 
_pdbx_validate_torsion.PDB_model_num 
_pdbx_validate_torsion.auth_comp_id 
_pdbx_validate_torsion.auth_asym_id 
_pdbx_validate_torsion.auth_seq_id 
_pdbx_validate_torsion.PDB_ins_code 
_pdbx_validate_torsion.label_alt_id 
_pdbx_validate_torsion.phi 
_pdbx_validate_torsion.psi 
1 1 LEU A 26  ? ? -94.70 -62.92 
2 1 PHE A 148 ? ? -96.50 45.66  
# 
loop_
_pdbx_unobs_or_zero_occ_residues.id 
_pdbx_unobs_or_zero_occ_residues.PDB_model_num 
_pdbx_unobs_or_zero_occ_residues.polymer_flag 
_pdbx_unobs_or_zero_occ_residues.occupancy_flag 
_pdbx_unobs_or_zero_occ_residues.auth_asym_id 
_pdbx_unobs_or_zero_occ_residues.auth_comp_id 
_pdbx_unobs_or_zero_occ_residues.auth_seq_id 
_pdbx_unobs_or_zero_occ_residues.PDB_ins_code 
_pdbx_unobs_or_zero_occ_residues.label_asym_id 
_pdbx_unobs_or_zero_occ_residues.label_comp_id 
_pdbx_unobs_or_zero_occ_residues.label_seq_id 
1 1 Y 1 A MET 1 ? A MET 1 
2 1 Y 1 A ALA 2 ? A ALA 2 
# 
loop_
_chem_comp_atom.comp_id 
_chem_comp_atom.atom_id 
_chem_comp_atom.type_symbol 
_chem_comp_atom.pdbx_aromatic_flag 
_chem_comp_atom.pdbx_stereo_config 
_chem_comp_atom.pdbx_ordinal 
ALA N    N  N N 1   
ALA CA   C  N S 2   
ALA C    C  N N 3   
ALA O    O  N N 4   
ALA CB   C  N N 5   
ALA OXT  O  N N 6   
ALA H    H  N N 7   
ALA H2   H  N N 8   
ALA HA   H  N N 9   
ALA HB1  H  N N 10  
ALA HB2  H  N N 11  
ALA HB3  H  N N 12  
ALA HXT  H  N N 13  
ARG N    N  N N 14  
ARG CA   C  N S 15  
ARG C    C  N N 16  
ARG O    O  N N 17  
ARG CB   C  N N 18  
ARG CG   C  N N 19  
ARG CD   C  N N 20  
ARG NE   N  N N 21  
ARG CZ   C  N N 22  
ARG NH1  N  N N 23  
ARG NH2  N  N N 24  
ARG OXT  O  N N 25  
ARG H    H  N N 26  
ARG H2   H  N N 27  
ARG HA   H  N N 28  
ARG HB2  H  N N 29  
ARG HB3  H  N N 30  
ARG HG2  H  N N 31  
ARG HG3  H  N N 32  
ARG HD2  H  N N 33  
ARG HD3  H  N N 34  
ARG HE   H  N N 35  
ARG HH11 H  N N 36  
ARG HH12 H  N N 37  
ARG HH21 H  N N 38  
ARG HH22 H  N N 39  
ARG HXT  H  N N 40  
ASN N    N  N N 41  
ASN CA   C  N S 42  
ASN C    C  N N 43  
ASN O    O  N N 44  
ASN CB   C  N N 45  
ASN CG   C  N N 46  
ASN OD1  O  N N 47  
ASN ND2  N  N N 48  
ASN OXT  O  N N 49  
ASN H    H  N N 50  
ASN H2   H  N N 51  
ASN HA   H  N N 52  
ASN HB2  H  N N 53  
ASN HB3  H  N N 54  
ASN HD21 H  N N 55  
ASN HD22 H  N N 56  
ASN HXT  H  N N 57  
ASP N    N  N N 58  
ASP CA   C  N S 59  
ASP C    C  N N 60  
ASP O    O  N N 61  
ASP CB   C  N N 62  
ASP CG   C  N N 63  
ASP OD1  O  N N 64  
ASP OD2  O  N N 65  
ASP OXT  O  N N 66  
ASP H    H  N N 67  
ASP H2   H  N N 68  
ASP HA   H  N N 69  
ASP HB2  H  N N 70  
ASP HB3  H  N N 71  
ASP HD2  H  N N 72  
ASP HXT  H  N N 73  
CYS N    N  N N 74  
CYS CA   C  N R 75  
CYS C    C  N N 76  
CYS O    O  N N 77  
CYS CB   C  N N 78  
CYS SG   S  N N 79  
CYS OXT  O  N N 80  
CYS H    H  N N 81  
CYS H2   H  N N 82  
CYS HA   H  N N 83  
CYS HB2  H  N N 84  
CYS HB3  H  N N 85  
CYS HG   H  N N 86  
CYS HXT  H  N N 87  
EPE N1   N  N N 88  
EPE C2   C  N N 89  
EPE C3   C  N N 90  
EPE N4   N  N N 91  
EPE C5   C  N N 92  
EPE C6   C  N N 93  
EPE C7   C  N N 94  
EPE C8   C  N N 95  
EPE O8   O  N N 96  
EPE C9   C  N N 97  
EPE C10  C  N N 98  
EPE S    S  N N 99  
EPE O1S  O  N N 100 
EPE O2S  O  N N 101 
EPE O3S  O  N N 102 
EPE H21  H  N N 103 
EPE H22  H  N N 104 
EPE H31  H  N N 105 
EPE H32  H  N N 106 
EPE H51  H  N N 107 
EPE H52  H  N N 108 
EPE H61  H  N N 109 
EPE H62  H  N N 110 
EPE H71  H  N N 111 
EPE H72  H  N N 112 
EPE H81  H  N N 113 
EPE H82  H  N N 114 
EPE HO8  H  N N 115 
EPE H91  H  N N 116 
EPE H92  H  N N 117 
EPE H101 H  N N 118 
EPE H102 H  N N 119 
EPE HOS3 H  N N 120 
GLN N    N  N N 121 
GLN CA   C  N S 122 
GLN C    C  N N 123 
GLN O    O  N N 124 
GLN CB   C  N N 125 
GLN CG   C  N N 126 
GLN CD   C  N N 127 
GLN OE1  O  N N 128 
GLN NE2  N  N N 129 
GLN OXT  O  N N 130 
GLN H    H  N N 131 
GLN H2   H  N N 132 
GLN HA   H  N N 133 
GLN HB2  H  N N 134 
GLN HB3  H  N N 135 
GLN HG2  H  N N 136 
GLN HG3  H  N N 137 
GLN HE21 H  N N 138 
GLN HE22 H  N N 139 
GLN HXT  H  N N 140 
GLU N    N  N N 141 
GLU CA   C  N S 142 
GLU C    C  N N 143 
GLU O    O  N N 144 
GLU CB   C  N N 145 
GLU CG   C  N N 146 
GLU CD   C  N N 147 
GLU OE1  O  N N 148 
GLU OE2  O  N N 149 
GLU OXT  O  N N 150 
GLU H    H  N N 151 
GLU H2   H  N N 152 
GLU HA   H  N N 153 
GLU HB2  H  N N 154 
GLU HB3  H  N N 155 
GLU HG2  H  N N 156 
GLU HG3  H  N N 157 
GLU HE2  H  N N 158 
GLU HXT  H  N N 159 
GLY N    N  N N 160 
GLY CA   C  N N 161 
GLY C    C  N N 162 
GLY O    O  N N 163 
GLY OXT  O  N N 164 
GLY H    H  N N 165 
GLY H2   H  N N 166 
GLY HA2  H  N N 167 
GLY HA3  H  N N 168 
GLY HXT  H  N N 169 
HIS N    N  N N 170 
HIS CA   C  N S 171 
HIS C    C  N N 172 
HIS O    O  N N 173 
HIS CB   C  N N 174 
HIS CG   C  Y N 175 
HIS ND1  N  Y N 176 
HIS CD2  C  Y N 177 
HIS CE1  C  Y N 178 
HIS NE2  N  Y N 179 
HIS OXT  O  N N 180 
HIS H    H  N N 181 
HIS H2   H  N N 182 
HIS HA   H  N N 183 
HIS HB2  H  N N 184 
HIS HB3  H  N N 185 
HIS HD1  H  N N 186 
HIS HD2  H  N N 187 
HIS HE1  H  N N 188 
HIS HE2  H  N N 189 
HIS HXT  H  N N 190 
HOH O    O  N N 191 
HOH H1   H  N N 192 
HOH H2   H  N N 193 
ILE N    N  N N 194 
ILE CA   C  N S 195 
ILE C    C  N N 196 
ILE O    O  N N 197 
ILE CB   C  N S 198 
ILE CG1  C  N N 199 
ILE CG2  C  N N 200 
ILE CD1  C  N N 201 
ILE OXT  O  N N 202 
ILE H    H  N N 203 
ILE H2   H  N N 204 
ILE HA   H  N N 205 
ILE HB   H  N N 206 
ILE HG12 H  N N 207 
ILE HG13 H  N N 208 
ILE HG21 H  N N 209 
ILE HG22 H  N N 210 
ILE HG23 H  N N 211 
ILE HD11 H  N N 212 
ILE HD12 H  N N 213 
ILE HD13 H  N N 214 
ILE HXT  H  N N 215 
LEU N    N  N N 216 
LEU CA   C  N S 217 
LEU C    C  N N 218 
LEU O    O  N N 219 
LEU CB   C  N N 220 
LEU CG   C  N N 221 
LEU CD1  C  N N 222 
LEU CD2  C  N N 223 
LEU OXT  O  N N 224 
LEU H    H  N N 225 
LEU H2   H  N N 226 
LEU HA   H  N N 227 
LEU HB2  H  N N 228 
LEU HB3  H  N N 229 
LEU HG   H  N N 230 
LEU HD11 H  N N 231 
LEU HD12 H  N N 232 
LEU HD13 H  N N 233 
LEU HD21 H  N N 234 
LEU HD22 H  N N 235 
LEU HD23 H  N N 236 
LEU HXT  H  N N 237 
LYS N    N  N N 238 
LYS CA   C  N S 239 
LYS C    C  N N 240 
LYS O    O  N N 241 
LYS CB   C  N N 242 
LYS CG   C  N N 243 
LYS CD   C  N N 244 
LYS CE   C  N N 245 
LYS NZ   N  N N 246 
LYS OXT  O  N N 247 
LYS H    H  N N 248 
LYS H2   H  N N 249 
LYS HA   H  N N 250 
LYS HB2  H  N N 251 
LYS HB3  H  N N 252 
LYS HG2  H  N N 253 
LYS HG3  H  N N 254 
LYS HD2  H  N N 255 
LYS HD3  H  N N 256 
LYS HE2  H  N N 257 
LYS HE3  H  N N 258 
LYS HZ1  H  N N 259 
LYS HZ2  H  N N 260 
LYS HZ3  H  N N 261 
LYS HXT  H  N N 262 
MET N    N  N N 263 
MET CA   C  N S 264 
MET C    C  N N 265 
MET O    O  N N 266 
MET CB   C  N N 267 
MET CG   C  N N 268 
MET SD   S  N N 269 
MET CE   C  N N 270 
MET OXT  O  N N 271 
MET H    H  N N 272 
MET H2   H  N N 273 
MET HA   H  N N 274 
MET HB2  H  N N 275 
MET HB3  H  N N 276 
MET HG2  H  N N 277 
MET HG3  H  N N 278 
MET HE1  H  N N 279 
MET HE2  H  N N 280 
MET HE3  H  N N 281 
MET HXT  H  N N 282 
NA  NA   NA N N 283 
PHE N    N  N N 284 
PHE CA   C  N S 285 
PHE C    C  N N 286 
PHE O    O  N N 287 
PHE CB   C  N N 288 
PHE CG   C  Y N 289 
PHE CD1  C  Y N 290 
PHE CD2  C  Y N 291 
PHE CE1  C  Y N 292 
PHE CE2  C  Y N 293 
PHE CZ   C  Y N 294 
PHE OXT  O  N N 295 
PHE H    H  N N 296 
PHE H2   H  N N 297 
PHE HA   H  N N 298 
PHE HB2  H  N N 299 
PHE HB3  H  N N 300 
PHE HD1  H  N N 301 
PHE HD2  H  N N 302 
PHE HE1  H  N N 303 
PHE HE2  H  N N 304 
PHE HZ   H  N N 305 
PHE HXT  H  N N 306 
SER N    N  N N 307 
SER CA   C  N S 308 
SER C    C  N N 309 
SER O    O  N N 310 
SER CB   C  N N 311 
SER OG   O  N N 312 
SER OXT  O  N N 313 
SER H    H  N N 314 
SER H2   H  N N 315 
SER HA   H  N N 316 
SER HB2  H  N N 317 
SER HB3  H  N N 318 
SER HG   H  N N 319 
SER HXT  H  N N 320 
THR N    N  N N 321 
THR CA   C  N S 322 
THR C    C  N N 323 
THR O    O  N N 324 
THR CB   C  N R 325 
THR OG1  O  N N 326 
THR CG2  C  N N 327 
THR OXT  O  N N 328 
THR H    H  N N 329 
THR H2   H  N N 330 
THR HA   H  N N 331 
THR HB   H  N N 332 
THR HG1  H  N N 333 
THR HG21 H  N N 334 
THR HG22 H  N N 335 
THR HG23 H  N N 336 
THR HXT  H  N N 337 
TYR N    N  N N 338 
TYR CA   C  N S 339 
TYR C    C  N N 340 
TYR O    O  N N 341 
TYR CB   C  N N 342 
TYR CG   C  Y N 343 
TYR CD1  C  Y N 344 
TYR CD2  C  Y N 345 
TYR CE1  C  Y N 346 
TYR CE2  C  Y N 347 
TYR CZ   C  Y N 348 
TYR OH   O  N N 349 
TYR OXT  O  N N 350 
TYR H    H  N N 351 
TYR H2   H  N N 352 
TYR HA   H  N N 353 
TYR HB2  H  N N 354 
TYR HB3  H  N N 355 
TYR HD1  H  N N 356 
TYR HD2  H  N N 357 
TYR HE1  H  N N 358 
TYR HE2  H  N N 359 
TYR HH   H  N N 360 
TYR HXT  H  N N 361 
VAL N    N  N N 362 
VAL CA   C  N S 363 
VAL C    C  N N 364 
VAL O    O  N N 365 
VAL CB   C  N N 366 
VAL CG1  C  N N 367 
VAL CG2  C  N N 368 
VAL OXT  O  N N 369 
VAL H    H  N N 370 
VAL H2   H  N N 371 
VAL HA   H  N N 372 
VAL HB   H  N N 373 
VAL HG11 H  N N 374 
VAL HG12 H  N N 375 
VAL HG13 H  N N 376 
VAL HG21 H  N N 377 
VAL HG22 H  N N 378 
VAL HG23 H  N N 379 
VAL HXT  H  N N 380 
# 
loop_
_chem_comp_bond.comp_id 
_chem_comp_bond.atom_id_1 
_chem_comp_bond.atom_id_2 
_chem_comp_bond.value_order 
_chem_comp_bond.pdbx_aromatic_flag 
_chem_comp_bond.pdbx_stereo_config 
_chem_comp_bond.pdbx_ordinal 
ALA N   CA   sing N N 1   
ALA N   H    sing N N 2   
ALA N   H2   sing N N 3   
ALA CA  C    sing N N 4   
ALA CA  CB   sing N N 5   
ALA CA  HA   sing N N 6   
ALA C   O    doub N N 7   
ALA C   OXT  sing N N 8   
ALA CB  HB1  sing N N 9   
ALA CB  HB2  sing N N 10  
ALA CB  HB3  sing N N 11  
ALA OXT HXT  sing N N 12  
ARG N   CA   sing N N 13  
ARG N   H    sing N N 14  
ARG N   H2   sing N N 15  
ARG CA  C    sing N N 16  
ARG CA  CB   sing N N 17  
ARG CA  HA   sing N N 18  
ARG C   O    doub N N 19  
ARG C   OXT  sing N N 20  
ARG CB  CG   sing N N 21  
ARG CB  HB2  sing N N 22  
ARG CB  HB3  sing N N 23  
ARG CG  CD   sing N N 24  
ARG CG  HG2  sing N N 25  
ARG CG  HG3  sing N N 26  
ARG CD  NE   sing N N 27  
ARG CD  HD2  sing N N 28  
ARG CD  HD3  sing N N 29  
ARG NE  CZ   sing N N 30  
ARG NE  HE   sing N N 31  
ARG CZ  NH1  sing N N 32  
ARG CZ  NH2  doub N N 33  
ARG NH1 HH11 sing N N 34  
ARG NH1 HH12 sing N N 35  
ARG NH2 HH21 sing N N 36  
ARG NH2 HH22 sing N N 37  
ARG OXT HXT  sing N N 38  
ASN N   CA   sing N N 39  
ASN N   H    sing N N 40  
ASN N   H2   sing N N 41  
ASN CA  C    sing N N 42  
ASN CA  CB   sing N N 43  
ASN CA  HA   sing N N 44  
ASN C   O    doub N N 45  
ASN C   OXT  sing N N 46  
ASN CB  CG   sing N N 47  
ASN CB  HB2  sing N N 48  
ASN CB  HB3  sing N N 49  
ASN CG  OD1  doub N N 50  
ASN CG  ND2  sing N N 51  
ASN ND2 HD21 sing N N 52  
ASN ND2 HD22 sing N N 53  
ASN OXT HXT  sing N N 54  
ASP N   CA   sing N N 55  
ASP N   H    sing N N 56  
ASP N   H2   sing N N 57  
ASP CA  C    sing N N 58  
ASP CA  CB   sing N N 59  
ASP CA  HA   sing N N 60  
ASP C   O    doub N N 61  
ASP C   OXT  sing N N 62  
ASP CB  CG   sing N N 63  
ASP CB  HB2  sing N N 64  
ASP CB  HB3  sing N N 65  
ASP CG  OD1  doub N N 66  
ASP CG  OD2  sing N N 67  
ASP OD2 HD2  sing N N 68  
ASP OXT HXT  sing N N 69  
CYS N   CA   sing N N 70  
CYS N   H    sing N N 71  
CYS N   H2   sing N N 72  
CYS CA  C    sing N N 73  
CYS CA  CB   sing N N 74  
CYS CA  HA   sing N N 75  
CYS C   O    doub N N 76  
CYS C   OXT  sing N N 77  
CYS CB  SG   sing N N 78  
CYS CB  HB2  sing N N 79  
CYS CB  HB3  sing N N 80  
CYS SG  HG   sing N N 81  
CYS OXT HXT  sing N N 82  
EPE N1  C2   sing N N 83  
EPE N1  C6   sing N N 84  
EPE N1  C9   sing N N 85  
EPE C2  C3   sing N N 86  
EPE C2  H21  sing N N 87  
EPE C2  H22  sing N N 88  
EPE C3  N4   sing N N 89  
EPE C3  H31  sing N N 90  
EPE C3  H32  sing N N 91  
EPE N4  C5   sing N N 92  
EPE N4  C7   sing N N 93  
EPE C5  C6   sing N N 94  
EPE C5  H51  sing N N 95  
EPE C5  H52  sing N N 96  
EPE C6  H61  sing N N 97  
EPE C6  H62  sing N N 98  
EPE C7  C8   sing N N 99  
EPE C7  H71  sing N N 100 
EPE C7  H72  sing N N 101 
EPE C8  O8   sing N N 102 
EPE C8  H81  sing N N 103 
EPE C8  H82  sing N N 104 
EPE O8  HO8  sing N N 105 
EPE C9  C10  sing N N 106 
EPE C9  H91  sing N N 107 
EPE C9  H92  sing N N 108 
EPE C10 S    sing N N 109 
EPE C10 H101 sing N N 110 
EPE C10 H102 sing N N 111 
EPE S   O1S  doub N N 112 
EPE S   O2S  doub N N 113 
EPE S   O3S  sing N N 114 
EPE O3S HOS3 sing N N 115 
GLN N   CA   sing N N 116 
GLN N   H    sing N N 117 
GLN N   H2   sing N N 118 
GLN CA  C    sing N N 119 
GLN CA  CB   sing N N 120 
GLN CA  HA   sing N N 121 
GLN C   O    doub N N 122 
GLN C   OXT  sing N N 123 
GLN CB  CG   sing N N 124 
GLN CB  HB2  sing N N 125 
GLN CB  HB3  sing N N 126 
GLN CG  CD   sing N N 127 
GLN CG  HG2  sing N N 128 
GLN CG  HG3  sing N N 129 
GLN CD  OE1  doub N N 130 
GLN CD  NE2  sing N N 131 
GLN NE2 HE21 sing N N 132 
GLN NE2 HE22 sing N N 133 
GLN OXT HXT  sing N N 134 
GLU N   CA   sing N N 135 
GLU N   H    sing N N 136 
GLU N   H2   sing N N 137 
GLU CA  C    sing N N 138 
GLU CA  CB   sing N N 139 
GLU CA  HA   sing N N 140 
GLU C   O    doub N N 141 
GLU C   OXT  sing N N 142 
GLU CB  CG   sing N N 143 
GLU CB  HB2  sing N N 144 
GLU CB  HB3  sing N N 145 
GLU CG  CD   sing N N 146 
GLU CG  HG2  sing N N 147 
GLU CG  HG3  sing N N 148 
GLU CD  OE1  doub N N 149 
GLU CD  OE2  sing N N 150 
GLU OE2 HE2  sing N N 151 
GLU OXT HXT  sing N N 152 
GLY N   CA   sing N N 153 
GLY N   H    sing N N 154 
GLY N   H2   sing N N 155 
GLY CA  C    sing N N 156 
GLY CA  HA2  sing N N 157 
GLY CA  HA3  sing N N 158 
GLY C   O    doub N N 159 
GLY C   OXT  sing N N 160 
GLY OXT HXT  sing N N 161 
HIS N   CA   sing N N 162 
HIS N   H    sing N N 163 
HIS N   H2   sing N N 164 
HIS CA  C    sing N N 165 
HIS CA  CB   sing N N 166 
HIS CA  HA   sing N N 167 
HIS C   O    doub N N 168 
HIS C   OXT  sing N N 169 
HIS CB  CG   sing N N 170 
HIS CB  HB2  sing N N 171 
HIS CB  HB3  sing N N 172 
HIS CG  ND1  sing Y N 173 
HIS CG  CD2  doub Y N 174 
HIS ND1 CE1  doub Y N 175 
HIS ND1 HD1  sing N N 176 
HIS CD2 NE2  sing Y N 177 
HIS CD2 HD2  sing N N 178 
HIS CE1 NE2  sing Y N 179 
HIS CE1 HE1  sing N N 180 
HIS NE2 HE2  sing N N 181 
HIS OXT HXT  sing N N 182 
HOH O   H1   sing N N 183 
HOH O   H2   sing N N 184 
ILE N   CA   sing N N 185 
ILE N   H    sing N N 186 
ILE N   H2   sing N N 187 
ILE CA  C    sing N N 188 
ILE CA  CB   sing N N 189 
ILE CA  HA   sing N N 190 
ILE C   O    doub N N 191 
ILE C   OXT  sing N N 192 
ILE CB  CG1  sing N N 193 
ILE CB  CG2  sing N N 194 
ILE CB  HB   sing N N 195 
ILE CG1 CD1  sing N N 196 
ILE CG1 HG12 sing N N 197 
ILE CG1 HG13 sing N N 198 
ILE CG2 HG21 sing N N 199 
ILE CG2 HG22 sing N N 200 
ILE CG2 HG23 sing N N 201 
ILE CD1 HD11 sing N N 202 
ILE CD1 HD12 sing N N 203 
ILE CD1 HD13 sing N N 204 
ILE OXT HXT  sing N N 205 
LEU N   CA   sing N N 206 
LEU N   H    sing N N 207 
LEU N   H2   sing N N 208 
LEU CA  C    sing N N 209 
LEU CA  CB   sing N N 210 
LEU CA  HA   sing N N 211 
LEU C   O    doub N N 212 
LEU C   OXT  sing N N 213 
LEU CB  CG   sing N N 214 
LEU CB  HB2  sing N N 215 
LEU CB  HB3  sing N N 216 
LEU CG  CD1  sing N N 217 
LEU CG  CD2  sing N N 218 
LEU CG  HG   sing N N 219 
LEU CD1 HD11 sing N N 220 
LEU CD1 HD12 sing N N 221 
LEU CD1 HD13 sing N N 222 
LEU CD2 HD21 sing N N 223 
LEU CD2 HD22 sing N N 224 
LEU CD2 HD23 sing N N 225 
LEU OXT HXT  sing N N 226 
LYS N   CA   sing N N 227 
LYS N   H    sing N N 228 
LYS N   H2   sing N N 229 
LYS CA  C    sing N N 230 
LYS CA  CB   sing N N 231 
LYS CA  HA   sing N N 232 
LYS C   O    doub N N 233 
LYS C   OXT  sing N N 234 
LYS CB  CG   sing N N 235 
LYS CB  HB2  sing N N 236 
LYS CB  HB3  sing N N 237 
LYS CG  CD   sing N N 238 
LYS CG  HG2  sing N N 239 
LYS CG  HG3  sing N N 240 
LYS CD  CE   sing N N 241 
LYS CD  HD2  sing N N 242 
LYS CD  HD3  sing N N 243 
LYS CE  NZ   sing N N 244 
LYS CE  HE2  sing N N 245 
LYS CE  HE3  sing N N 246 
LYS NZ  HZ1  sing N N 247 
LYS NZ  HZ2  sing N N 248 
LYS NZ  HZ3  sing N N 249 
LYS OXT HXT  sing N N 250 
MET N   CA   sing N N 251 
MET N   H    sing N N 252 
MET N   H2   sing N N 253 
MET CA  C    sing N N 254 
MET CA  CB   sing N N 255 
MET CA  HA   sing N N 256 
MET C   O    doub N N 257 
MET C   OXT  sing N N 258 
MET CB  CG   sing N N 259 
MET CB  HB2  sing N N 260 
MET CB  HB3  sing N N 261 
MET CG  SD   sing N N 262 
MET CG  HG2  sing N N 263 
MET CG  HG3  sing N N 264 
MET SD  CE   sing N N 265 
MET CE  HE1  sing N N 266 
MET CE  HE2  sing N N 267 
MET CE  HE3  sing N N 268 
MET OXT HXT  sing N N 269 
PHE N   CA   sing N N 270 
PHE N   H    sing N N 271 
PHE N   H2   sing N N 272 
PHE CA  C    sing N N 273 
PHE CA  CB   sing N N 274 
PHE CA  HA   sing N N 275 
PHE C   O    doub N N 276 
PHE C   OXT  sing N N 277 
PHE CB  CG   sing N N 278 
PHE CB  HB2  sing N N 279 
PHE CB  HB3  sing N N 280 
PHE CG  CD1  doub Y N 281 
PHE CG  CD2  sing Y N 282 
PHE CD1 CE1  sing Y N 283 
PHE CD1 HD1  sing N N 284 
PHE CD2 CE2  doub Y N 285 
PHE CD2 HD2  sing N N 286 
PHE CE1 CZ   doub Y N 287 
PHE CE1 HE1  sing N N 288 
PHE CE2 CZ   sing Y N 289 
PHE CE2 HE2  sing N N 290 
PHE CZ  HZ   sing N N 291 
PHE OXT HXT  sing N N 292 
SER N   CA   sing N N 293 
SER N   H    sing N N 294 
SER N   H2   sing N N 295 
SER CA  C    sing N N 296 
SER CA  CB   sing N N 297 
SER CA  HA   sing N N 298 
SER C   O    doub N N 299 
SER C   OXT  sing N N 300 
SER CB  OG   sing N N 301 
SER CB  HB2  sing N N 302 
SER CB  HB3  sing N N 303 
SER OG  HG   sing N N 304 
SER OXT HXT  sing N N 305 
THR N   CA   sing N N 306 
THR N   H    sing N N 307 
THR N   H2   sing N N 308 
THR CA  C    sing N N 309 
THR CA  CB   sing N N 310 
THR CA  HA   sing N N 311 
THR C   O    doub N N 312 
THR C   OXT  sing N N 313 
THR CB  OG1  sing N N 314 
THR CB  CG2  sing N N 315 
THR CB  HB   sing N N 316 
THR OG1 HG1  sing N N 317 
THR CG2 HG21 sing N N 318 
THR CG2 HG22 sing N N 319 
THR CG2 HG23 sing N N 320 
THR OXT HXT  sing N N 321 
TYR N   CA   sing N N 322 
TYR N   H    sing N N 323 
TYR N   H2   sing N N 324 
TYR CA  C    sing N N 325 
TYR CA  CB   sing N N 326 
TYR CA  HA   sing N N 327 
TYR C   O    doub N N 328 
TYR C   OXT  sing N N 329 
TYR CB  CG   sing N N 330 
TYR CB  HB2  sing N N 331 
TYR CB  HB3  sing N N 332 
TYR CG  CD1  doub Y N 333 
TYR CG  CD2  sing Y N 334 
TYR CD1 CE1  sing Y N 335 
TYR CD1 HD1  sing N N 336 
TYR CD2 CE2  doub Y N 337 
TYR CD2 HD2  sing N N 338 
TYR CE1 CZ   doub Y N 339 
TYR CE1 HE1  sing N N 340 
TYR CE2 CZ   sing Y N 341 
TYR CE2 HE2  sing N N 342 
TYR CZ  OH   sing N N 343 
TYR OH  HH   sing N N 344 
TYR OXT HXT  sing N N 345 
VAL N   CA   sing N N 346 
VAL N   H    sing N N 347 
VAL N   H2   sing N N 348 
VAL CA  C    sing N N 349 
VAL CA  CB   sing N N 350 
VAL CA  HA   sing N N 351 
VAL C   O    doub N N 352 
VAL C   OXT  sing N N 353 
VAL CB  CG1  sing N N 354 
VAL CB  CG2  sing N N 355 
VAL CB  HB   sing N N 356 
VAL CG1 HG11 sing N N 357 
VAL CG1 HG12 sing N N 358 
VAL CG1 HG13 sing N N 359 
VAL CG2 HG21 sing N N 360 
VAL CG2 HG22 sing N N 361 
VAL CG2 HG23 sing N N 362 
VAL OXT HXT  sing N N 363 
# 
loop_
_pdbx_entity_nonpoly.entity_id 
_pdbx_entity_nonpoly.name 
_pdbx_entity_nonpoly.comp_id 
2 '4-(2-HYDROXYETHYL)-1-PIPERAZINE ETHANESULFONIC ACID' EPE 
3 'SODIUM ION'                                          NA  
4 water                                                 HOH 
# 
_pdbx_initial_refinement_model.id               1 
_pdbx_initial_refinement_model.entity_id_list   ? 
_pdbx_initial_refinement_model.type             'experimental model' 
_pdbx_initial_refinement_model.source_name      PDB 
_pdbx_initial_refinement_model.accession_code   2VEZ 
_pdbx_initial_refinement_model.details          ? 
# 
